data_5NHX
# 
_entry.id   5NHX 
# 
_audit_conform.dict_name       mmcif_pdbx.dic 
_audit_conform.dict_version    5.398 
_audit_conform.dict_location   http://mmcif.pdb.org/dictionaries/ascii/mmcif_pdbx.dic 
# 
loop_
_database_2.database_id 
_database_2.database_code 
_database_2.pdbx_database_accession 
_database_2.pdbx_DOI 
PDB   5NHX         pdb_00005nhx 10.2210/pdb5nhx/pdb 
WWPDB D_1200003943 ?            ?                   
# 
loop_
_pdbx_audit_revision_history.ordinal 
_pdbx_audit_revision_history.data_content_type 
_pdbx_audit_revision_history.major_revision 
_pdbx_audit_revision_history.minor_revision 
_pdbx_audit_revision_history.revision_date 
1 'Structure model' 1 0 2018-05-16 
2 'Structure model' 1 1 2024-01-17 
3 'Structure model' 1 2 2024-11-13 
# 
_pdbx_audit_revision_details.ordinal             1 
_pdbx_audit_revision_details.revision_ordinal    1 
_pdbx_audit_revision_details.data_content_type   'Structure model' 
_pdbx_audit_revision_details.provider            repository 
_pdbx_audit_revision_details.type                'Initial release' 
_pdbx_audit_revision_details.description         ? 
_pdbx_audit_revision_details.details             ? 
# 
loop_
_pdbx_audit_revision_group.ordinal 
_pdbx_audit_revision_group.revision_ordinal 
_pdbx_audit_revision_group.data_content_type 
_pdbx_audit_revision_group.group 
1 2 'Structure model' 'Data collection'        
2 2 'Structure model' 'Database references'    
3 2 'Structure model' 'Refinement description' 
4 3 'Structure model' 'Structure summary'      
# 
loop_
_pdbx_audit_revision_category.ordinal 
_pdbx_audit_revision_category.revision_ordinal 
_pdbx_audit_revision_category.data_content_type 
_pdbx_audit_revision_category.category 
1 2 'Structure model' chem_comp_atom                
2 2 'Structure model' chem_comp_bond                
3 2 'Structure model' database_2                    
4 2 'Structure model' pdbx_initial_refinement_model 
5 3 'Structure model' pdbx_entry_details            
6 3 'Structure model' pdbx_modification_feature     
# 
loop_
_pdbx_audit_revision_item.ordinal 
_pdbx_audit_revision_item.revision_ordinal 
_pdbx_audit_revision_item.data_content_type 
_pdbx_audit_revision_item.item 
1 2 'Structure model' '_database_2.pdbx_DOI'                
2 2 'Structure model' '_database_2.pdbx_database_accession' 
# 
_pdbx_database_status.status_code                     REL 
_pdbx_database_status.status_code_sf                  REL 
_pdbx_database_status.status_code_mr                  ? 
_pdbx_database_status.entry_id                        5NHX 
_pdbx_database_status.recvd_initial_deposition_date   2017-03-22 
_pdbx_database_status.SG_entry                        N 
_pdbx_database_status.deposit_site                    PDBE 
_pdbx_database_status.process_site                    PDBE 
_pdbx_database_status.status_code_cs                  ? 
_pdbx_database_status.methods_development_category    ? 
_pdbx_database_status.pdb_format_compatible           Y 
_pdbx_database_status.status_code_nmr_data            ? 
# 
loop_
_audit_author.name 
_audit_author.pdbx_ordinal 
_audit_author.identifier_ORCID 
'Demange, P.'  1 ? 
'Tranier, S.'  2 ? 
'Nars, G.'     3 ? 
'Iordanov, I.' 4 ? 
'Mourey, L.'   5 ? 
'Saurel, O.'   6 ? 
'Milon, A.'    7 ? 
# 
_citation.abstract                  ? 
_citation.abstract_id_CAS           ? 
_citation.book_id_ISBN              ? 
_citation.book_publisher            ? 
_citation.book_publisher_city       ? 
_citation.book_title                ? 
_citation.coordinate_linkage        ? 
_citation.country                   ? 
_citation.database_id_Medline       ? 
_citation.details                   ? 
_citation.id                        primary 
_citation.journal_abbrev            'To Be Published' 
_citation.journal_id_ASTM           ? 
_citation.journal_id_CSD            0353 
_citation.journal_id_ISSN           ? 
_citation.journal_full              ? 
_citation.journal_issue             ? 
_citation.journal_volume            ? 
_citation.language                  ? 
_citation.page_first                ? 
_citation.page_last                 ? 
_citation.title                     'Structure and dynamics of the C-terminal domain of OmpA from Klebsiella pneumonia' 
_citation.year                      ? 
_citation.database_id_CSD           ? 
_citation.pdbx_database_id_DOI      ? 
_citation.pdbx_database_id_PubMed   ? 
_citation.unpublished_flag          ? 
# 
loop_
_citation_author.citation_id 
_citation_author.name 
_citation_author.ordinal 
_citation_author.identifier_ORCID 
primary 'Nars, G.'     1 ? 
primary 'Iordanov, I.' 2 ? 
primary 'Saurel, O.'   3 ? 
primary 'Tranier, S.'  4 ? 
primary 'Mourey, L.'   5 ? 
primary 'Milon, A.'    6 ? 
primary 'Demange, P.'  7 ? 
# 
loop_
_entity.id 
_entity.type 
_entity.src_method 
_entity.pdbx_description 
_entity.formula_weight 
_entity.pdbx_number_of_molecules 
_entity.pdbx_ec 
_entity.pdbx_mutation 
_entity.pdbx_fragment 
_entity.details 
1 polymer     man 'Outer membrane protein A' 13646.396 1   ? ? ? ? 
2 non-polymer syn 'CITRIC ACID'              192.124   1   ? ? ? ? 
3 water       nat water                      18.015    148 ? ? ? ? 
# 
_entity_name_com.entity_id   1 
_entity_name_com.name        'Outer membrane protein II' 
# 
_entity_poly.entity_id                      1 
_entity_poly.type                           'polypeptide(L)' 
_entity_poly.nstd_linkage                   no 
_entity_poly.nstd_monomer                   no 
_entity_poly.pdbx_seq_one_letter_code       
;ATKHFTLKSDVLFNFNKATLKPEGQQALDQLYTQLSNMDPKDGSAVVLGYTDRIGSEAYNQQLSEKRAQSVVDYLVAKGI
PAGKISARGMGESNPVTGNTCDNVKARAALIDCLAPDRRVEIEVKG
;
_entity_poly.pdbx_seq_one_letter_code_can   
;ATKHFTLKSDVLFNFNKATLKPEGQQALDQLYTQLSNMDPKDGSAVVLGYTDRIGSEAYNQQLSEKRAQSVVDYLVAKGI
PAGKISARGMGESNPVTGNTCDNVKARAALIDCLAPDRRVEIEVKG
;
_entity_poly.pdbx_strand_id                 A 
_entity_poly.pdbx_target_identifier         ? 
# 
loop_
_pdbx_entity_nonpoly.entity_id 
_pdbx_entity_nonpoly.name 
_pdbx_entity_nonpoly.comp_id 
2 'CITRIC ACID' CIT 
3 water         HOH 
# 
loop_
_entity_poly_seq.entity_id 
_entity_poly_seq.num 
_entity_poly_seq.mon_id 
_entity_poly_seq.hetero 
1 1   ALA n 
1 2   THR n 
1 3   LYS n 
1 4   HIS n 
1 5   PHE n 
1 6   THR n 
1 7   LEU n 
1 8   LYS n 
1 9   SER n 
1 10  ASP n 
1 11  VAL n 
1 12  LEU n 
1 13  PHE n 
1 14  ASN n 
1 15  PHE n 
1 16  ASN n 
1 17  LYS n 
1 18  ALA n 
1 19  THR n 
1 20  LEU n 
1 21  LYS n 
1 22  PRO n 
1 23  GLU n 
1 24  GLY n 
1 25  GLN n 
1 26  GLN n 
1 27  ALA n 
1 28  LEU n 
1 29  ASP n 
1 30  GLN n 
1 31  LEU n 
1 32  TYR n 
1 33  THR n 
1 34  GLN n 
1 35  LEU n 
1 36  SER n 
1 37  ASN n 
1 38  MET n 
1 39  ASP n 
1 40  PRO n 
1 41  LYS n 
1 42  ASP n 
1 43  GLY n 
1 44  SER n 
1 45  ALA n 
1 46  VAL n 
1 47  VAL n 
1 48  LEU n 
1 49  GLY n 
1 50  TYR n 
1 51  THR n 
1 52  ASP n 
1 53  ARG n 
1 54  ILE n 
1 55  GLY n 
1 56  SER n 
1 57  GLU n 
1 58  ALA n 
1 59  TYR n 
1 60  ASN n 
1 61  GLN n 
1 62  GLN n 
1 63  LEU n 
1 64  SER n 
1 65  GLU n 
1 66  LYS n 
1 67  ARG n 
1 68  ALA n 
1 69  GLN n 
1 70  SER n 
1 71  VAL n 
1 72  VAL n 
1 73  ASP n 
1 74  TYR n 
1 75  LEU n 
1 76  VAL n 
1 77  ALA n 
1 78  LYS n 
1 79  GLY n 
1 80  ILE n 
1 81  PRO n 
1 82  ALA n 
1 83  GLY n 
1 84  LYS n 
1 85  ILE n 
1 86  SER n 
1 87  ALA n 
1 88  ARG n 
1 89  GLY n 
1 90  MET n 
1 91  GLY n 
1 92  GLU n 
1 93  SER n 
1 94  ASN n 
1 95  PRO n 
1 96  VAL n 
1 97  THR n 
1 98  GLY n 
1 99  ASN n 
1 100 THR n 
1 101 CYS n 
1 102 ASP n 
1 103 ASN n 
1 104 VAL n 
1 105 LYS n 
1 106 ALA n 
1 107 ARG n 
1 108 ALA n 
1 109 ALA n 
1 110 LEU n 
1 111 ILE n 
1 112 ASP n 
1 113 CYS n 
1 114 LEU n 
1 115 ALA n 
1 116 PRO n 
1 117 ASP n 
1 118 ARG n 
1 119 ARG n 
1 120 VAL n 
1 121 GLU n 
1 122 ILE n 
1 123 GLU n 
1 124 VAL n 
1 125 LYS n 
1 126 GLY n 
# 
_entity_src_gen.entity_id                          1 
_entity_src_gen.pdbx_src_id                        1 
_entity_src_gen.pdbx_alt_source_flag               sample 
_entity_src_gen.pdbx_seq_type                      'Biological sequence' 
_entity_src_gen.pdbx_beg_seq_num                   1 
_entity_src_gen.pdbx_end_seq_num                   126 
_entity_src_gen.gene_src_common_name               ? 
_entity_src_gen.gene_src_genus                     ? 
_entity_src_gen.pdbx_gene_src_gene                 ompA 
_entity_src_gen.gene_src_species                   ? 
_entity_src_gen.gene_src_strain                    ? 
_entity_src_gen.gene_src_tissue                    ? 
_entity_src_gen.gene_src_tissue_fraction           ? 
_entity_src_gen.gene_src_details                   ? 
_entity_src_gen.pdbx_gene_src_fragment             ? 
_entity_src_gen.pdbx_gene_src_scientific_name      'Klebsiella pneumoniae' 
_entity_src_gen.pdbx_gene_src_ncbi_taxonomy_id     573 
_entity_src_gen.pdbx_gene_src_variant              ? 
_entity_src_gen.pdbx_gene_src_cell_line            ? 
_entity_src_gen.pdbx_gene_src_atcc                 ? 
_entity_src_gen.pdbx_gene_src_organ                ? 
_entity_src_gen.pdbx_gene_src_organelle            ? 
_entity_src_gen.pdbx_gene_src_cell                 ? 
_entity_src_gen.pdbx_gene_src_cellular_location    ? 
_entity_src_gen.host_org_common_name               ? 
_entity_src_gen.pdbx_host_org_scientific_name      'Escherichia coli BL21(DE3)' 
_entity_src_gen.pdbx_host_org_ncbi_taxonomy_id     469008 
_entity_src_gen.host_org_genus                     ? 
_entity_src_gen.pdbx_host_org_gene                 ? 
_entity_src_gen.pdbx_host_org_organ                ? 
_entity_src_gen.host_org_species                   ? 
_entity_src_gen.pdbx_host_org_tissue               ? 
_entity_src_gen.pdbx_host_org_tissue_fraction      ? 
_entity_src_gen.pdbx_host_org_strain               ? 
_entity_src_gen.pdbx_host_org_variant              ? 
_entity_src_gen.pdbx_host_org_cell_line            ? 
_entity_src_gen.pdbx_host_org_atcc                 ? 
_entity_src_gen.pdbx_host_org_culture_collection   ? 
_entity_src_gen.pdbx_host_org_cell                 ? 
_entity_src_gen.pdbx_host_org_organelle            ? 
_entity_src_gen.pdbx_host_org_cellular_location    ? 
_entity_src_gen.pdbx_host_org_vector_type          ? 
_entity_src_gen.pdbx_host_org_vector               ? 
_entity_src_gen.host_org_details                   ? 
_entity_src_gen.expression_system_id               ? 
_entity_src_gen.plasmid_name                       ? 
_entity_src_gen.plasmid_details                    ? 
_entity_src_gen.pdbx_description                   ? 
# 
loop_
_chem_comp.id 
_chem_comp.type 
_chem_comp.mon_nstd_flag 
_chem_comp.name 
_chem_comp.pdbx_synonyms 
_chem_comp.formula 
_chem_comp.formula_weight 
ALA 'L-peptide linking' y ALANINE         ? 'C3 H7 N O2'     89.093  
ARG 'L-peptide linking' y ARGININE        ? 'C6 H15 N4 O2 1' 175.209 
ASN 'L-peptide linking' y ASPARAGINE      ? 'C4 H8 N2 O3'    132.118 
ASP 'L-peptide linking' y 'ASPARTIC ACID' ? 'C4 H7 N O4'     133.103 
CIT non-polymer         . 'CITRIC ACID'   ? 'C6 H8 O7'       192.124 
CYS 'L-peptide linking' y CYSTEINE        ? 'C3 H7 N O2 S'   121.158 
GLN 'L-peptide linking' y GLUTAMINE       ? 'C5 H10 N2 O3'   146.144 
GLU 'L-peptide linking' y 'GLUTAMIC ACID' ? 'C5 H9 N O4'     147.129 
GLY 'peptide linking'   y GLYCINE         ? 'C2 H5 N O2'     75.067  
HIS 'L-peptide linking' y HISTIDINE       ? 'C6 H10 N3 O2 1' 156.162 
HOH non-polymer         . WATER           ? 'H2 O'           18.015  
ILE 'L-peptide linking' y ISOLEUCINE      ? 'C6 H13 N O2'    131.173 
LEU 'L-peptide linking' y LEUCINE         ? 'C6 H13 N O2'    131.173 
LYS 'L-peptide linking' y LYSINE          ? 'C6 H15 N2 O2 1' 147.195 
MET 'L-peptide linking' y METHIONINE      ? 'C5 H11 N O2 S'  149.211 
PHE 'L-peptide linking' y PHENYLALANINE   ? 'C9 H11 N O2'    165.189 
PRO 'L-peptide linking' y PROLINE         ? 'C5 H9 N O2'     115.130 
SER 'L-peptide linking' y SERINE          ? 'C3 H7 N O3'     105.093 
THR 'L-peptide linking' y THREONINE       ? 'C4 H9 N O3'     119.119 
TYR 'L-peptide linking' y TYROSINE        ? 'C9 H11 N O3'    181.189 
VAL 'L-peptide linking' y VALINE          ? 'C5 H11 N O2'    117.146 
# 
loop_
_pdbx_poly_seq_scheme.asym_id 
_pdbx_poly_seq_scheme.entity_id 
_pdbx_poly_seq_scheme.seq_id 
_pdbx_poly_seq_scheme.mon_id 
_pdbx_poly_seq_scheme.ndb_seq_num 
_pdbx_poly_seq_scheme.pdb_seq_num 
_pdbx_poly_seq_scheme.auth_seq_num 
_pdbx_poly_seq_scheme.pdb_mon_id 
_pdbx_poly_seq_scheme.auth_mon_id 
_pdbx_poly_seq_scheme.pdb_strand_id 
_pdbx_poly_seq_scheme.pdb_ins_code 
_pdbx_poly_seq_scheme.hetero 
A 1 1   ALA 1   4   4   ALA ALA A . n 
A 1 2   THR 2   5   5   THR THR A . n 
A 1 3   LYS 3   6   6   LYS LYS A . n 
A 1 4   HIS 4   7   7   HIS HIS A . n 
A 1 5   PHE 5   8   8   PHE PHE A . n 
A 1 6   THR 6   9   9   THR THR A . n 
A 1 7   LEU 7   10  10  LEU LEU A . n 
A 1 8   LYS 8   11  11  LYS LYS A . n 
A 1 9   SER 9   12  12  SER SER A . n 
A 1 10  ASP 10  13  13  ASP ASP A . n 
A 1 11  VAL 11  14  14  VAL VAL A . n 
A 1 12  LEU 12  15  15  LEU LEU A . n 
A 1 13  PHE 13  16  16  PHE PHE A . n 
A 1 14  ASN 14  17  17  ASN ASN A . n 
A 1 15  PHE 15  18  18  PHE PHE A . n 
A 1 16  ASN 16  19  19  ASN ASN A . n 
A 1 17  LYS 17  20  20  LYS LYS A . n 
A 1 18  ALA 18  21  21  ALA ALA A . n 
A 1 19  THR 19  22  22  THR THR A . n 
A 1 20  LEU 20  23  23  LEU LEU A . n 
A 1 21  LYS 21  24  24  LYS LYS A . n 
A 1 22  PRO 22  25  25  PRO PRO A . n 
A 1 23  GLU 23  26  26  GLU GLU A . n 
A 1 24  GLY 24  27  27  GLY GLY A . n 
A 1 25  GLN 25  28  28  GLN GLN A . n 
A 1 26  GLN 26  29  29  GLN GLN A . n 
A 1 27  ALA 27  30  30  ALA ALA A . n 
A 1 28  LEU 28  31  31  LEU LEU A . n 
A 1 29  ASP 29  32  32  ASP ASP A . n 
A 1 30  GLN 30  33  33  GLN GLN A . n 
A 1 31  LEU 31  34  34  LEU LEU A . n 
A 1 32  TYR 32  35  35  TYR TYR A . n 
A 1 33  THR 33  36  36  THR THR A . n 
A 1 34  GLN 34  37  37  GLN GLN A . n 
A 1 35  LEU 35  38  38  LEU LEU A . n 
A 1 36  SER 36  39  39  SER SER A . n 
A 1 37  ASN 37  40  40  ASN ASN A . n 
A 1 38  MET 38  41  41  MET MET A . n 
A 1 39  ASP 39  42  42  ASP ASP A . n 
A 1 40  PRO 40  43  43  PRO PRO A . n 
A 1 41  LYS 41  44  44  LYS LYS A . n 
A 1 42  ASP 42  45  45  ASP ASP A . n 
A 1 43  GLY 43  46  46  GLY GLY A . n 
A 1 44  SER 44  47  47  SER SER A . n 
A 1 45  ALA 45  48  48  ALA ALA A . n 
A 1 46  VAL 46  49  49  VAL VAL A . n 
A 1 47  VAL 47  50  50  VAL VAL A . n 
A 1 48  LEU 48  51  51  LEU LEU A . n 
A 1 49  GLY 49  52  52  GLY GLY A . n 
A 1 50  TYR 50  53  53  TYR TYR A . n 
A 1 51  THR 51  54  54  THR THR A . n 
A 1 52  ASP 52  55  55  ASP ASP A . n 
A 1 53  ARG 53  56  56  ARG ARG A . n 
A 1 54  ILE 54  57  57  ILE ILE A . n 
A 1 55  GLY 55  58  58  GLY GLY A . n 
A 1 56  SER 56  59  59  SER SER A . n 
A 1 57  GLU 57  60  60  GLU GLU A . n 
A 1 58  ALA 58  61  61  ALA ALA A . n 
A 1 59  TYR 59  62  62  TYR TYR A . n 
A 1 60  ASN 60  63  63  ASN ASN A . n 
A 1 61  GLN 61  64  64  GLN GLN A . n 
A 1 62  GLN 62  65  65  GLN GLN A . n 
A 1 63  LEU 63  66  66  LEU LEU A . n 
A 1 64  SER 64  67  67  SER SER A . n 
A 1 65  GLU 65  68  68  GLU GLU A . n 
A 1 66  LYS 66  69  69  LYS LYS A . n 
A 1 67  ARG 67  70  70  ARG ARG A . n 
A 1 68  ALA 68  71  71  ALA ALA A . n 
A 1 69  GLN 69  72  72  GLN GLN A . n 
A 1 70  SER 70  73  73  SER SER A . n 
A 1 71  VAL 71  74  74  VAL VAL A . n 
A 1 72  VAL 72  75  75  VAL VAL A . n 
A 1 73  ASP 73  76  76  ASP ASP A . n 
A 1 74  TYR 74  77  77  TYR TYR A . n 
A 1 75  LEU 75  78  78  LEU LEU A . n 
A 1 76  VAL 76  79  79  VAL VAL A . n 
A 1 77  ALA 77  80  80  ALA ALA A . n 
A 1 78  LYS 78  81  81  LYS LYS A . n 
A 1 79  GLY 79  82  82  GLY GLY A . n 
A 1 80  ILE 80  83  83  ILE ILE A . n 
A 1 81  PRO 81  84  84  PRO PRO A . n 
A 1 82  ALA 82  85  85  ALA ALA A . n 
A 1 83  GLY 83  86  86  GLY GLY A . n 
A 1 84  LYS 84  87  87  LYS LYS A . n 
A 1 85  ILE 85  88  88  ILE ILE A . n 
A 1 86  SER 86  89  89  SER SER A . n 
A 1 87  ALA 87  90  90  ALA ALA A . n 
A 1 88  ARG 88  91  91  ARG ARG A . n 
A 1 89  GLY 89  92  92  GLY GLY A . n 
A 1 90  MET 90  93  93  MET MET A . n 
A 1 91  GLY 91  94  94  GLY GLY A . n 
A 1 92  GLU 92  95  95  GLU GLU A . n 
A 1 93  SER 93  96  96  SER SER A . n 
A 1 94  ASN 94  97  97  ASN ASN A . n 
A 1 95  PRO 95  98  98  PRO PRO A . n 
A 1 96  VAL 96  99  99  VAL VAL A . n 
A 1 97  THR 97  100 100 THR THR A . n 
A 1 98  GLY 98  101 101 GLY GLY A . n 
A 1 99  ASN 99  102 102 ASN ASN A . n 
A 1 100 THR 100 103 103 THR THR A . n 
A 1 101 CYS 101 104 104 CYS CYS A . n 
A 1 102 ASP 102 105 105 ASP ASP A . n 
A 1 103 ASN 103 106 106 ASN ASN A . n 
A 1 104 VAL 104 107 107 VAL VAL A . n 
A 1 105 LYS 105 108 108 LYS LYS A . n 
A 1 106 ALA 106 109 109 ALA ALA A . n 
A 1 107 ARG 107 110 110 ARG ARG A . n 
A 1 108 ALA 108 111 111 ALA ALA A . n 
A 1 109 ALA 109 112 112 ALA ALA A . n 
A 1 110 LEU 110 113 113 LEU LEU A . n 
A 1 111 ILE 111 114 114 ILE ILE A . n 
A 1 112 ASP 112 115 115 ASP ASP A . n 
A 1 113 CYS 113 116 116 CYS CYS A . n 
A 1 114 LEU 114 117 117 LEU LEU A . n 
A 1 115 ALA 115 118 118 ALA ALA A . n 
A 1 116 PRO 116 119 119 PRO PRO A . n 
A 1 117 ASP 117 120 120 ASP ASP A . n 
A 1 118 ARG 118 121 121 ARG ARG A . n 
A 1 119 ARG 119 122 122 ARG ARG A . n 
A 1 120 VAL 120 123 123 VAL VAL A . n 
A 1 121 GLU 121 124 124 GLU GLU A . n 
A 1 122 ILE 122 125 125 ILE ILE A . n 
A 1 123 GLU 123 126 126 GLU GLU A . n 
A 1 124 VAL 124 127 127 VAL VAL A . n 
A 1 125 LYS 125 128 128 LYS LYS A . n 
A 1 126 GLY 126 129 129 GLY GLY A . n 
# 
loop_
_pdbx_nonpoly_scheme.asym_id 
_pdbx_nonpoly_scheme.entity_id 
_pdbx_nonpoly_scheme.mon_id 
_pdbx_nonpoly_scheme.ndb_seq_num 
_pdbx_nonpoly_scheme.pdb_seq_num 
_pdbx_nonpoly_scheme.auth_seq_num 
_pdbx_nonpoly_scheme.pdb_mon_id 
_pdbx_nonpoly_scheme.auth_mon_id 
_pdbx_nonpoly_scheme.pdb_strand_id 
_pdbx_nonpoly_scheme.pdb_ins_code 
B 2 CIT 1   201 130 CIT CIT A . 
C 3 HOH 1   301 225 HOH HOH A . 
C 3 HOH 2   302 235 HOH HOH A . 
C 3 HOH 3   303 193 HOH HOH A . 
C 3 HOH 4   304 163 HOH HOH A . 
C 3 HOH 5   305 212 HOH HOH A . 
C 3 HOH 6   306 142 HOH HOH A . 
C 3 HOH 7   307 215 HOH HOH A . 
C 3 HOH 8   308 139 HOH HOH A . 
C 3 HOH 9   309 245 HOH HOH A . 
C 3 HOH 10  310 237 HOH HOH A . 
C 3 HOH 11  311 169 HOH HOH A . 
C 3 HOH 12  312 204 HOH HOH A . 
C 3 HOH 13  313 171 HOH HOH A . 
C 3 HOH 14  314 177 HOH HOH A . 
C 3 HOH 15  315 243 HOH HOH A . 
C 3 HOH 16  316 148 HOH HOH A . 
C 3 HOH 17  317 232 HOH HOH A . 
C 3 HOH 18  318 252 HOH HOH A . 
C 3 HOH 19  319 208 HOH HOH A . 
C 3 HOH 20  320 133 HOH HOH A . 
C 3 HOH 21  321 131 HOH HOH A . 
C 3 HOH 22  322 236 HOH HOH A . 
C 3 HOH 23  323 223 HOH HOH A . 
C 3 HOH 24  324 155 HOH HOH A . 
C 3 HOH 25  325 274 HOH HOH A . 
C 3 HOH 26  326 145 HOH HOH A . 
C 3 HOH 27  327 147 HOH HOH A . 
C 3 HOH 28  328 137 HOH HOH A . 
C 3 HOH 29  329 157 HOH HOH A . 
C 3 HOH 30  330 189 HOH HOH A . 
C 3 HOH 31  331 146 HOH HOH A . 
C 3 HOH 32  332 173 HOH HOH A . 
C 3 HOH 33  333 153 HOH HOH A . 
C 3 HOH 34  334 195 HOH HOH A . 
C 3 HOH 35  335 154 HOH HOH A . 
C 3 HOH 36  336 191 HOH HOH A . 
C 3 HOH 37  337 176 HOH HOH A . 
C 3 HOH 38  338 196 HOH HOH A . 
C 3 HOH 39  339 205 HOH HOH A . 
C 3 HOH 40  340 268 HOH HOH A . 
C 3 HOH 41  341 132 HOH HOH A . 
C 3 HOH 42  342 229 HOH HOH A . 
C 3 HOH 43  343 227 HOH HOH A . 
C 3 HOH 44  344 183 HOH HOH A . 
C 3 HOH 45  345 218 HOH HOH A . 
C 3 HOH 46  346 184 HOH HOH A . 
C 3 HOH 47  347 201 HOH HOH A . 
C 3 HOH 48  348 194 HOH HOH A . 
C 3 HOH 49  349 140 HOH HOH A . 
C 3 HOH 50  350 138 HOH HOH A . 
C 3 HOH 51  351 167 HOH HOH A . 
C 3 HOH 52  352 259 HOH HOH A . 
C 3 HOH 53  353 151 HOH HOH A . 
C 3 HOH 54  354 181 HOH HOH A . 
C 3 HOH 55  355 166 HOH HOH A . 
C 3 HOH 56  356 156 HOH HOH A . 
C 3 HOH 57  357 135 HOH HOH A . 
C 3 HOH 58  358 141 HOH HOH A . 
C 3 HOH 59  359 219 HOH HOH A . 
C 3 HOH 60  360 233 HOH HOH A . 
C 3 HOH 61  361 149 HOH HOH A . 
C 3 HOH 62  362 209 HOH HOH A . 
C 3 HOH 63  363 175 HOH HOH A . 
C 3 HOH 64  364 136 HOH HOH A . 
C 3 HOH 65  365 249 HOH HOH A . 
C 3 HOH 66  366 244 HOH HOH A . 
C 3 HOH 67  367 170 HOH HOH A . 
C 3 HOH 68  368 203 HOH HOH A . 
C 3 HOH 69  369 162 HOH HOH A . 
C 3 HOH 70  370 260 HOH HOH A . 
C 3 HOH 71  371 224 HOH HOH A . 
C 3 HOH 72  372 150 HOH HOH A . 
C 3 HOH 73  373 234 HOH HOH A . 
C 3 HOH 74  374 186 HOH HOH A . 
C 3 HOH 75  375 230 HOH HOH A . 
C 3 HOH 76  376 273 HOH HOH A . 
C 3 HOH 77  377 172 HOH HOH A . 
C 3 HOH 78  378 185 HOH HOH A . 
C 3 HOH 79  379 174 HOH HOH A . 
C 3 HOH 80  380 221 HOH HOH A . 
C 3 HOH 81  381 246 HOH HOH A . 
C 3 HOH 82  382 275 HOH HOH A . 
C 3 HOH 83  383 213 HOH HOH A . 
C 3 HOH 84  384 256 HOH HOH A . 
C 3 HOH 85  385 263 HOH HOH A . 
C 3 HOH 86  386 239 HOH HOH A . 
C 3 HOH 87  387 226 HOH HOH A . 
C 3 HOH 88  388 216 HOH HOH A . 
C 3 HOH 89  389 270 HOH HOH A . 
C 3 HOH 90  390 188 HOH HOH A . 
C 3 HOH 91  391 211 HOH HOH A . 
C 3 HOH 92  392 253 HOH HOH A . 
C 3 HOH 93  393 159 HOH HOH A . 
C 3 HOH 94  394 240 HOH HOH A . 
C 3 HOH 95  395 264 HOH HOH A . 
C 3 HOH 96  396 257 HOH HOH A . 
C 3 HOH 97  397 192 HOH HOH A . 
C 3 HOH 98  398 214 HOH HOH A . 
C 3 HOH 99  399 206 HOH HOH A . 
C 3 HOH 100 400 271 HOH HOH A . 
C 3 HOH 101 401 158 HOH HOH A . 
C 3 HOH 102 402 220 HOH HOH A . 
C 3 HOH 103 403 143 HOH HOH A . 
C 3 HOH 104 404 250 HOH HOH A . 
C 3 HOH 105 405 198 HOH HOH A . 
C 3 HOH 106 406 165 HOH HOH A . 
C 3 HOH 107 407 217 HOH HOH A . 
C 3 HOH 108 408 202 HOH HOH A . 
C 3 HOH 109 409 200 HOH HOH A . 
C 3 HOH 110 410 231 HOH HOH A . 
C 3 HOH 111 411 251 HOH HOH A . 
C 3 HOH 112 412 258 HOH HOH A . 
C 3 HOH 113 413 266 HOH HOH A . 
C 3 HOH 114 414 199 HOH HOH A . 
C 3 HOH 115 415 247 HOH HOH A . 
C 3 HOH 116 416 254 HOH HOH A . 
C 3 HOH 117 417 238 HOH HOH A . 
C 3 HOH 118 418 278 HOH HOH A . 
C 3 HOH 119 419 179 HOH HOH A . 
C 3 HOH 120 420 187 HOH HOH A . 
C 3 HOH 121 421 152 HOH HOH A . 
C 3 HOH 122 422 168 HOH HOH A . 
C 3 HOH 123 423 180 HOH HOH A . 
C 3 HOH 124 424 161 HOH HOH A . 
C 3 HOH 125 425 242 HOH HOH A . 
C 3 HOH 126 426 160 HOH HOH A . 
C 3 HOH 127 427 207 HOH HOH A . 
C 3 HOH 128 428 197 HOH HOH A . 
C 3 HOH 129 429 222 HOH HOH A . 
C 3 HOH 130 430 164 HOH HOH A . 
C 3 HOH 131 431 178 HOH HOH A . 
C 3 HOH 132 432 190 HOH HOH A . 
C 3 HOH 133 433 182 HOH HOH A . 
C 3 HOH 134 434 210 HOH HOH A . 
C 3 HOH 135 435 277 HOH HOH A . 
C 3 HOH 136 436 267 HOH HOH A . 
C 3 HOH 137 437 134 HOH HOH A . 
C 3 HOH 138 438 241 HOH HOH A . 
C 3 HOH 139 439 255 HOH HOH A . 
C 3 HOH 140 440 228 HOH HOH A . 
C 3 HOH 141 441 269 HOH HOH A . 
C 3 HOH 142 442 276 HOH HOH A . 
C 3 HOH 143 443 144 HOH HOH A . 
C 3 HOH 144 444 262 HOH HOH A . 
C 3 HOH 145 445 248 HOH HOH A . 
C 3 HOH 146 446 272 HOH HOH A . 
C 3 HOH 147 447 265 HOH HOH A . 
C 3 HOH 148 448 261 HOH HOH A . 
# 
loop_
_software.citation_id 
_software.classification 
_software.compiler_name 
_software.compiler_version 
_software.contact_author 
_software.contact_author_email 
_software.date 
_software.description 
_software.dependencies 
_software.hardware 
_software.language 
_software.location 
_software.mods 
_software.name 
_software.os 
_software.os_version 
_software.type 
_software.version 
_software.pdbx_ordinal 
? refinement       ? ? ? ? ? ? ? ? ? ? ? PHENIX ? ? ? . 1 
? 'data reduction' ? ? ? ? ? ? ? ? ? ? ? XDS    ? ? ? . 2 
? 'data scaling'   ? ? ? ? ? ? ? ? ? ? ? XSCALE ? ? ? . 3 
? phasing          ? ? ? ? ? ? ? ? ? ? ? PHASER ? ? ? . 4 
# 
_cell.angle_alpha                  90.000 
_cell.angle_alpha_esd              ? 
_cell.angle_beta                   90.000 
_cell.angle_beta_esd               ? 
_cell.angle_gamma                  90.000 
_cell.angle_gamma_esd              ? 
_cell.entry_id                     5NHX 
_cell.details                      ? 
_cell.formula_units_Z              ? 
_cell.length_a                     73.650 
_cell.length_a_esd                 ? 
_cell.length_b                     73.650 
_cell.length_b_esd                 ? 
_cell.length_c                     61.640 
_cell.length_c_esd                 ? 
_cell.volume                       ? 
_cell.volume_esd                   ? 
_cell.Z_PDB                        8 
_cell.reciprocal_angle_alpha       ? 
_cell.reciprocal_angle_beta        ? 
_cell.reciprocal_angle_gamma       ? 
_cell.reciprocal_angle_alpha_esd   ? 
_cell.reciprocal_angle_beta_esd    ? 
_cell.reciprocal_angle_gamma_esd   ? 
_cell.reciprocal_length_a          ? 
_cell.reciprocal_length_b          ? 
_cell.reciprocal_length_c          ? 
_cell.reciprocal_length_a_esd      ? 
_cell.reciprocal_length_b_esd      ? 
_cell.reciprocal_length_c_esd      ? 
_cell.pdbx_unique_axis             ? 
# 
_symmetry.entry_id                         5NHX 
_symmetry.cell_setting                     ? 
_symmetry.Int_Tables_number                95 
_symmetry.space_group_name_Hall            ? 
_symmetry.space_group_name_H-M             'P 43 2 2' 
_symmetry.pdbx_full_space_group_name_H-M   ? 
# 
_exptl.absorpt_coefficient_mu     ? 
_exptl.absorpt_correction_T_max   ? 
_exptl.absorpt_correction_T_min   ? 
_exptl.absorpt_correction_type    ? 
_exptl.absorpt_process_details    ? 
_exptl.entry_id                   5NHX 
_exptl.crystals_number            1 
_exptl.details                    ? 
_exptl.method                     'X-RAY DIFFRACTION' 
_exptl.method_details             ? 
# 
_exptl_crystal.colour                      ? 
_exptl_crystal.density_diffrn              ? 
_exptl_crystal.density_Matthews            3.06 
_exptl_crystal.density_method              ? 
_exptl_crystal.density_percent_sol         59.84 
_exptl_crystal.description                 ? 
_exptl_crystal.F_000                       ? 
_exptl_crystal.id                          1 
_exptl_crystal.preparation                 ? 
_exptl_crystal.size_max                    ? 
_exptl_crystal.size_mid                    ? 
_exptl_crystal.size_min                    ? 
_exptl_crystal.size_rad                    ? 
_exptl_crystal.colour_lustre               ? 
_exptl_crystal.colour_modifier             ? 
_exptl_crystal.colour_primary              ? 
_exptl_crystal.density_meas                ? 
_exptl_crystal.density_meas_esd            ? 
_exptl_crystal.density_meas_gt             ? 
_exptl_crystal.density_meas_lt             ? 
_exptl_crystal.density_meas_temp           ? 
_exptl_crystal.density_meas_temp_esd       ? 
_exptl_crystal.density_meas_temp_gt        ? 
_exptl_crystal.density_meas_temp_lt        ? 
_exptl_crystal.pdbx_crystal_image_url      ? 
_exptl_crystal.pdbx_crystal_image_format   ? 
_exptl_crystal.pdbx_mosaicity              ? 
_exptl_crystal.pdbx_mosaicity_esd          ? 
# 
_exptl_crystal_grow.apparatus       ? 
_exptl_crystal_grow.atmosphere      ? 
_exptl_crystal_grow.crystal_id      1 
_exptl_crystal_grow.details         ? 
_exptl_crystal_grow.method          'VAPOR DIFFUSION, SITTING DROP' 
_exptl_crystal_grow.method_ref      ? 
_exptl_crystal_grow.pH              5.0 
_exptl_crystal_grow.pressure        ? 
_exptl_crystal_grow.pressure_esd    ? 
_exptl_crystal_grow.seeding         ? 
_exptl_crystal_grow.seeding_ref     ? 
_exptl_crystal_grow.temp            285 
_exptl_crystal_grow.temp_details    ? 
_exptl_crystal_grow.temp_esd        ? 
_exptl_crystal_grow.time            ? 
_exptl_crystal_grow.pdbx_details    
;20% PEG6000
Citric acid
;
_exptl_crystal_grow.pdbx_pH_range   ? 
# 
_diffrn.ambient_environment    ? 
_diffrn.ambient_temp           100 
_diffrn.ambient_temp_details   ? 
_diffrn.ambient_temp_esd       ? 
_diffrn.crystal_id             1 
_diffrn.crystal_support        ? 
_diffrn.crystal_treatment      ? 
_diffrn.details                ? 
_diffrn.id                     1 
_diffrn.ambient_pressure       ? 
_diffrn.ambient_pressure_esd   ? 
_diffrn.ambient_pressure_gt    ? 
_diffrn.ambient_pressure_lt    ? 
_diffrn.ambient_temp_gt        ? 
_diffrn.ambient_temp_lt        ? 
# 
_diffrn_detector.details                      ? 
_diffrn_detector.detector                     PIXEL 
_diffrn_detector.diffrn_id                    1 
_diffrn_detector.type                         'DECTRIS PILATUS3 6M' 
_diffrn_detector.area_resol_mean              ? 
_diffrn_detector.dtime                        ? 
_diffrn_detector.pdbx_frames_total            ? 
_diffrn_detector.pdbx_collection_time_total   ? 
_diffrn_detector.pdbx_collection_date         2013-10-04 
# 
_diffrn_radiation.collimation                      ? 
_diffrn_radiation.diffrn_id                        1 
_diffrn_radiation.filter_edge                      ? 
_diffrn_radiation.inhomogeneity                    ? 
_diffrn_radiation.monochromator                    ? 
_diffrn_radiation.polarisn_norm                    ? 
_diffrn_radiation.polarisn_ratio                   ? 
_diffrn_radiation.probe                            ? 
_diffrn_radiation.type                             ? 
_diffrn_radiation.xray_symbol                      ? 
_diffrn_radiation.wavelength_id                    1 
_diffrn_radiation.pdbx_monochromatic_or_laue_m_l   M 
_diffrn_radiation.pdbx_wavelength_list             ? 
_diffrn_radiation.pdbx_wavelength                  ? 
_diffrn_radiation.pdbx_diffrn_protocol             'SINGLE WAVELENGTH' 
_diffrn_radiation.pdbx_analyzer                    ? 
_diffrn_radiation.pdbx_scattering_type             x-ray 
# 
_diffrn_radiation_wavelength.id           1 
_diffrn_radiation_wavelength.wavelength   0.979470 
_diffrn_radiation_wavelength.wt           1.0 
# 
_diffrn_source.current                     ? 
_diffrn_source.details                     ? 
_diffrn_source.diffrn_id                   1 
_diffrn_source.power                       ? 
_diffrn_source.size                        ? 
_diffrn_source.source                      SYNCHROTRON 
_diffrn_source.target                      ? 
_diffrn_source.type                        'ALBA BEAMLINE XALOC' 
_diffrn_source.voltage                     ? 
_diffrn_source.take-off_angle              ? 
_diffrn_source.pdbx_wavelength_list        0.979470 
_diffrn_source.pdbx_wavelength             ? 
_diffrn_source.pdbx_synchrotron_beamline   XALOC 
_diffrn_source.pdbx_synchrotron_site       ALBA 
# 
_reflns.B_iso_Wilson_estimate            27.510 
_reflns.entry_id                         5NHX 
_reflns.data_reduction_details           ? 
_reflns.data_reduction_method            ? 
_reflns.d_resolution_high                1.950 
_reflns.d_resolution_low                 39.781 
_reflns.details                          ? 
_reflns.limit_h_max                      ? 
_reflns.limit_h_min                      ? 
_reflns.limit_k_max                      ? 
_reflns.limit_k_min                      ? 
_reflns.limit_l_max                      ? 
_reflns.limit_l_min                      ? 
_reflns.number_all                       ? 
_reflns.number_obs                       12873 
_reflns.observed_criterion               ? 
_reflns.observed_criterion_F_max         ? 
_reflns.observed_criterion_F_min         ? 
_reflns.observed_criterion_I_max         ? 
_reflns.observed_criterion_I_min         ? 
_reflns.observed_criterion_sigma_F       ? 
_reflns.observed_criterion_sigma_I       -3.000 
_reflns.percent_possible_obs             99.800 
_reflns.R_free_details                   ? 
_reflns.Rmerge_F_all                     ? 
_reflns.Rmerge_F_obs                     ? 
_reflns.Friedel_coverage                 ? 
_reflns.number_gt                        ? 
_reflns.threshold_expression             ? 
_reflns.pdbx_redundancy                  7.714 
_reflns.pdbx_Rmerge_I_obs                0.061 
_reflns.pdbx_Rmerge_I_all                ? 
_reflns.pdbx_Rsym_value                  ? 
_reflns.pdbx_netI_over_av_sigmaI         ? 
_reflns.pdbx_netI_over_sigmaI            21.710 
_reflns.pdbx_res_netI_over_av_sigmaI_2   ? 
_reflns.pdbx_res_netI_over_sigmaI_2      ? 
_reflns.pdbx_chi_squared                 1.005 
_reflns.pdbx_scaling_rejects             ? 
_reflns.pdbx_d_res_high_opt              ? 
_reflns.pdbx_d_res_low_opt               ? 
_reflns.pdbx_d_res_opt_method            ? 
_reflns.phase_calculation_details        ? 
_reflns.pdbx_Rrim_I_all                  0.066 
_reflns.pdbx_Rpim_I_all                  ? 
_reflns.pdbx_d_opt                       ? 
_reflns.pdbx_number_measured_all         ? 
_reflns.pdbx_diffrn_id                   1 
_reflns.pdbx_ordinal                     1 
_reflns.pdbx_CC_half                     0.999 
_reflns.pdbx_R_split                     ? 
# 
loop_
_reflns_shell.d_res_high 
_reflns_shell.d_res_low 
_reflns_shell.meanI_over_sigI_all 
_reflns_shell.meanI_over_sigI_obs 
_reflns_shell.number_measured_all 
_reflns_shell.number_measured_obs 
_reflns_shell.number_possible 
_reflns_shell.number_unique_all 
_reflns_shell.number_unique_obs 
_reflns_shell.percent_possible_all 
_reflns_shell.percent_possible_obs 
_reflns_shell.Rmerge_F_all 
_reflns_shell.Rmerge_F_obs 
_reflns_shell.Rmerge_I_all 
_reflns_shell.Rmerge_I_obs 
_reflns_shell.meanI_over_sigI_gt 
_reflns_shell.meanI_over_uI_all 
_reflns_shell.meanI_over_uI_gt 
_reflns_shell.number_measured_gt 
_reflns_shell.number_unique_gt 
_reflns_shell.percent_possible_gt 
_reflns_shell.Rmerge_F_gt 
_reflns_shell.Rmerge_I_gt 
_reflns_shell.pdbx_redundancy 
_reflns_shell.pdbx_Rsym_value 
_reflns_shell.pdbx_chi_squared 
_reflns_shell.pdbx_netI_over_sigmaI_all 
_reflns_shell.pdbx_netI_over_sigmaI_obs 
_reflns_shell.pdbx_Rrim_I_all 
_reflns_shell.pdbx_Rpim_I_all 
_reflns_shell.pdbx_rejects 
_reflns_shell.pdbx_ordinal 
_reflns_shell.pdbx_diffrn_id 
_reflns_shell.pdbx_CC_half 
_reflns_shell.pdbx_R_split 
1.950 2.000  ? 3.960  ? ? ? ? 922 98.600  ? ? ? ? 0.587 ? ? ? ? ? ? ? ? 7.782 ? ? ? ? 0.629 ? ? 1  1 0.950 ? 
2.000 2.060  ? 6.020  ? ? ? ? 903 100.000 ? ? ? ? 0.380 ? ? ? ? ? ? ? ? 7.772 ? ? ? ? 0.407 ? ? 2  1 0.970 ? 
2.060 2.120  ? 7.090  ? ? ? ? 874 99.800  ? ? ? ? 0.313 ? ? ? ? ? ? ? ? 7.761 ? ? ? ? 0.336 ? ? 3  1 0.975 ? 
2.120 2.180  ? 8.430  ? ? ? ? 860 100.000 ? ? ? ? 0.260 ? ? ? ? ? ? ? ? 8.057 ? ? ? ? 0.278 ? ? 4  1 0.984 ? 
2.180 2.250  ? 9.080  ? ? ? ? 841 100.000 ? ? ? ? 0.215 ? ? ? ? ? ? ? ? 7.592 ? ? ? ? 0.231 ? ? 5  1 0.984 ? 
2.250 2.330  ? 11.660 ? ? ? ? 795 99.900  ? ? ? ? 0.174 ? ? ? ? ? ? ? ? 8.179 ? ? ? ? 0.186 ? ? 6  1 0.990 ? 
2.330 2.420  ? 14.160 ? ? ? ? 786 100.000 ? ? ? ? 0.141 ? ? ? ? ? ? ? ? 8.095 ? ? ? ? 0.150 ? ? 7  1 0.994 ? 
2.420 2.520  ? 17.180 ? ? ? ? 756 100.000 ? ? ? ? 0.113 ? ? ? ? ? ? ? ? 8.036 ? ? ? ? 0.121 ? ? 8  1 0.995 ? 
2.520 2.630  ? 20.280 ? ? ? ? 734 99.900  ? ? ? ? 0.091 ? ? ? ? ? ? ? ? 7.594 ? ? ? ? 0.098 ? ? 9  1 0.996 ? 
2.630 2.760  ? 23.240 ? ? ? ? 692 100.000 ? ? ? ? 0.080 ? ? ? ? ? ? ? ? 7.935 ? ? ? ? 0.085 ? ? 10 1 0.996 ? 
2.760 2.910  ? 24.630 ? ? ? ? 661 100.000 ? ? ? ? 0.069 ? ? ? ? ? ? ? ? 7.738 ? ? ? ? 0.074 ? ? 11 1 0.998 ? 
2.910 3.080  ? 28.980 ? ? ? ? 636 100.000 ? ? ? ? 0.059 ? ? ? ? ? ? ? ? 7.813 ? ? ? ? 0.064 ? ? 12 1 0.998 ? 
3.080 3.300  ? 37.410 ? ? ? ? 594 99.800  ? ? ? ? 0.046 ? ? ? ? ? ? ? ? 7.960 ? ? ? ? 0.049 ? ? 13 1 0.999 ? 
3.300 3.560  ? 40.540 ? ? ? ? 563 100.000 ? ? ? ? 0.040 ? ? ? ? ? ? ? ? 7.661 ? ? ? ? 0.043 ? ? 14 1 0.999 ? 
3.560 3.900  ? 41.290 ? ? ? ? 519 100.000 ? ? ? ? 0.039 ? ? ? ? ? ? ? ? 7.268 ? ? ? ? 0.042 ? ? 15 1 0.999 ? 
3.900 4.360  ? 48.310 ? ? ? ? 477 99.800  ? ? ? ? 0.035 ? ? ? ? ? ? ? ? 7.214 ? ? ? ? 0.037 ? ? 16 1 0.998 ? 
4.360 5.040  ? 50.780 ? ? ? ? 416 99.800  ? ? ? ? 0.030 ? ? ? ? ? ? ? ? 7.308 ? ? ? ? 0.033 ? ? 17 1 0.999 ? 
5.040 6.170  ? 44.670 ? ? ? ? 369 99.500  ? ? ? ? 0.031 ? ? ? ? ? ? ? ? 6.986 ? ? ? ? 0.033 ? ? 18 1 0.999 ? 
6.170 8.730  ? 47.190 ? ? ? ? 294 100.000 ? ? ? ? 0.031 ? ? ? ? ? ? ? ? 6.694 ? ? ? ? 0.033 ? ? 19 1 0.999 ? 
8.730 39.781 ? 51.050 ? ? ? ? 181 97.800  ? ? ? ? 0.024 ? ? ? ? ? ? ? ? 5.967 ? ? ? ? 0.026 ? ? 20 1 1.000 ? 
# 
_refine.aniso_B[1][1]                            ? 
_refine.aniso_B[1][2]                            ? 
_refine.aniso_B[1][3]                            ? 
_refine.aniso_B[2][2]                            ? 
_refine.aniso_B[2][3]                            ? 
_refine.aniso_B[3][3]                            ? 
_refine.B_iso_max                                92.950 
_refine.B_iso_mean                               33.3131 
_refine.B_iso_min                                15.410 
_refine.correlation_coeff_Fo_to_Fc               ? 
_refine.correlation_coeff_Fo_to_Fc_free          ? 
_refine.details                                  ? 
_refine.diff_density_max                         ? 
_refine.diff_density_max_esd                     ? 
_refine.diff_density_min                         ? 
_refine.diff_density_min_esd                     ? 
_refine.diff_density_rms                         ? 
_refine.diff_density_rms_esd                     ? 
_refine.entry_id                                 5NHX 
_refine.pdbx_refine_id                           'X-RAY DIFFRACTION' 
_refine.ls_abs_structure_details                 ? 
_refine.ls_abs_structure_Flack                   ? 
_refine.ls_abs_structure_Flack_esd               ? 
_refine.ls_abs_structure_Rogers                  ? 
_refine.ls_abs_structure_Rogers_esd              ? 
_refine.ls_d_res_high                            1.9500 
_refine.ls_d_res_low                             39.7810 
_refine.ls_extinction_coef                       ? 
_refine.ls_extinction_coef_esd                   ? 
_refine.ls_extinction_expression                 ? 
_refine.ls_extinction_method                     ? 
_refine.ls_goodness_of_fit_all                   ? 
_refine.ls_goodness_of_fit_all_esd               ? 
_refine.ls_goodness_of_fit_obs                   ? 
_refine.ls_goodness_of_fit_obs_esd               ? 
_refine.ls_hydrogen_treatment                    ? 
_refine.ls_matrix_type                           ? 
_refine.ls_number_constraints                    ? 
_refine.ls_number_parameters                     ? 
_refine.ls_number_reflns_all                     ? 
_refine.ls_number_reflns_obs                     12866 
_refine.ls_number_reflns_R_free                  1294 
_refine.ls_number_reflns_R_work                  ? 
_refine.ls_number_restraints                     ? 
_refine.ls_percent_reflns_obs                    99.8200 
_refine.ls_percent_reflns_R_free                 10.0600 
_refine.ls_R_factor_all                          ? 
_refine.ls_R_factor_obs                          0.1782 
_refine.ls_R_factor_R_free                       0.1939 
_refine.ls_R_factor_R_free_error                 ? 
_refine.ls_R_factor_R_free_error_details         ? 
_refine.ls_R_factor_R_work                       0.1765 
_refine.ls_R_Fsqd_factor_obs                     ? 
_refine.ls_R_I_factor_obs                        ? 
_refine.ls_redundancy_reflns_all                 ? 
_refine.ls_redundancy_reflns_obs                 ? 
_refine.ls_restrained_S_all                      ? 
_refine.ls_restrained_S_obs                      ? 
_refine.ls_shift_over_esd_max                    ? 
_refine.ls_shift_over_esd_mean                   ? 
_refine.ls_structure_factor_coef                 ? 
_refine.ls_weighting_details                     ? 
_refine.ls_weighting_scheme                      ? 
_refine.ls_wR_factor_all                         ? 
_refine.ls_wR_factor_obs                         ? 
_refine.ls_wR_factor_R_free                      ? 
_refine.ls_wR_factor_R_work                      ? 
_refine.occupancy_max                            ? 
_refine.occupancy_min                            ? 
_refine.solvent_model_details                    ? 
_refine.solvent_model_param_bsol                 ? 
_refine.solvent_model_param_ksol                 ? 
_refine.ls_R_factor_gt                           ? 
_refine.ls_goodness_of_fit_gt                    ? 
_refine.ls_goodness_of_fit_ref                   ? 
_refine.ls_shift_over_su_max                     ? 
_refine.ls_shift_over_su_max_lt                  ? 
_refine.ls_shift_over_su_mean                    ? 
_refine.ls_shift_over_su_mean_lt                 ? 
_refine.pdbx_ls_sigma_I                          ? 
_refine.pdbx_ls_sigma_F                          1.380 
_refine.pdbx_ls_sigma_Fsqd                       ? 
_refine.pdbx_data_cutoff_high_absF               ? 
_refine.pdbx_data_cutoff_high_rms_absF           ? 
_refine.pdbx_data_cutoff_low_absF                ? 
_refine.pdbx_isotropic_thermal_model             ? 
_refine.pdbx_ls_cross_valid_method               'FREE R-VALUE' 
_refine.pdbx_method_to_determine_struct          'MOLECULAR REPLACEMENT' 
_refine.pdbx_starting_model                      4ERH 
_refine.pdbx_stereochemistry_target_values       ? 
_refine.pdbx_R_Free_selection_details            ? 
_refine.pdbx_stereochem_target_val_spec_case     ? 
_refine.pdbx_overall_ESU_R                       ? 
_refine.pdbx_overall_ESU_R_Free                  ? 
_refine.pdbx_solvent_vdw_probe_radii             1.1100 
_refine.pdbx_solvent_ion_probe_radii             ? 
_refine.pdbx_solvent_shrinkage_radii             0.9000 
_refine.pdbx_real_space_R                        ? 
_refine.pdbx_density_correlation                 ? 
_refine.pdbx_pd_number_of_powder_patterns        ? 
_refine.pdbx_pd_number_of_points                 ? 
_refine.pdbx_pd_meas_number_of_points            ? 
_refine.pdbx_pd_proc_ls_prof_R_factor            ? 
_refine.pdbx_pd_proc_ls_prof_wR_factor           ? 
_refine.pdbx_pd_Marquardt_correlation_coeff      ? 
_refine.pdbx_pd_Fsqrd_R_factor                   ? 
_refine.pdbx_pd_ls_matrix_band_width             ? 
_refine.pdbx_overall_phase_error                 17.4500 
_refine.pdbx_overall_SU_R_free_Cruickshank_DPI   ? 
_refine.pdbx_overall_SU_R_free_Blow_DPI          ? 
_refine.pdbx_overall_SU_R_Blow_DPI               ? 
_refine.pdbx_TLS_residual_ADP_flag               ? 
_refine.pdbx_diffrn_id                           1 
_refine.overall_SU_B                             ? 
_refine.overall_SU_ML                            0.1300 
_refine.overall_SU_R_Cruickshank_DPI             ? 
_refine.overall_SU_R_free                        ? 
_refine.overall_FOM_free_R_set                   ? 
_refine.overall_FOM_work_R_set                   ? 
_refine.pdbx_average_fsc_overall                 ? 
_refine.pdbx_average_fsc_work                    ? 
_refine.pdbx_average_fsc_free                    ? 
# 
_refine_hist.cycle_id                         final 
_refine_hist.pdbx_refine_id                   'X-RAY DIFFRACTION' 
_refine_hist.d_res_high                       1.9500 
_refine_hist.d_res_low                        39.7810 
_refine_hist.pdbx_number_atoms_ligand         13 
_refine_hist.number_atoms_solvent             148 
_refine_hist.number_atoms_total               1116 
_refine_hist.pdbx_number_residues_total       126 
_refine_hist.pdbx_B_iso_mean_ligand           34.48 
_refine_hist.pdbx_B_iso_mean_solvent          38.34 
_refine_hist.pdbx_number_atoms_protein        955 
_refine_hist.pdbx_number_atoms_nucleic_acid   0 
# 
loop_
_refine_ls_restr.pdbx_refine_id 
_refine_ls_restr.criterion 
_refine_ls_restr.dev_ideal 
_refine_ls_restr.dev_ideal_target 
_refine_ls_restr.number 
_refine_ls_restr.rejects 
_refine_ls_restr.type 
_refine_ls_restr.weight 
_refine_ls_restr.pdbx_restraint_function 
'X-RAY DIFFRACTION' ? 0.006  ? 1010 ? f_bond_d           ? ? 
'X-RAY DIFFRACTION' ? 0.908  ? 1372 ? f_angle_d          ? ? 
'X-RAY DIFFRACTION' ? 0.056  ? 154  ? f_chiral_restr     ? ? 
'X-RAY DIFFRACTION' ? 0.006  ? 184  ? f_plane_restr      ? ? 
'X-RAY DIFFRACTION' ? 13.818 ? 396  ? f_dihedral_angle_d ? ? 
# 
loop_
_refine_ls_shell.pdbx_refine_id 
_refine_ls_shell.d_res_high 
_refine_ls_shell.d_res_low 
_refine_ls_shell.number_reflns_all 
_refine_ls_shell.number_reflns_obs 
_refine_ls_shell.number_reflns_R_free 
_refine_ls_shell.number_reflns_R_work 
_refine_ls_shell.percent_reflns_obs 
_refine_ls_shell.percent_reflns_R_free 
_refine_ls_shell.R_factor_all 
_refine_ls_shell.R_factor_obs 
_refine_ls_shell.R_factor_R_free 
_refine_ls_shell.R_factor_R_free_error 
_refine_ls_shell.R_factor_R_work 
_refine_ls_shell.redundancy_reflns_all 
_refine_ls_shell.redundancy_reflns_obs 
_refine_ls_shell.wR_factor_all 
_refine_ls_shell.wR_factor_obs 
_refine_ls_shell.wR_factor_R_free 
_refine_ls_shell.wR_factor_R_work 
_refine_ls_shell.pdbx_total_number_of_bins_used 
_refine_ls_shell.pdbx_phase_error 
_refine_ls_shell.pdbx_fsc_work 
_refine_ls_shell.pdbx_fsc_free 
'X-RAY DIFFRACTION' 1.9500 2.0281  1376 . 153 1223 99.0000  . . . 0.2699 0.0000 0.2247 . . . . . . 9 . . . 
'X-RAY DIFFRACTION' 2.0281 2.1204  1406 . 143 1263 100.0000 . . . 0.2228 0.0000 0.1954 . . . . . . 9 . . . 
'X-RAY DIFFRACTION' 2.1204 2.2322  1411 . 150 1261 100.0000 . . . 0.1847 0.0000 0.1924 . . . . . . 9 . . . 
'X-RAY DIFFRACTION' 2.2322 2.3720  1402 . 117 1285 100.0000 . . . 0.1967 0.0000 0.1940 . . . . . . 9 . . . 
'X-RAY DIFFRACTION' 2.3720 2.5551  1405 . 133 1272 100.0000 . . . 0.1918 0.0000 0.1886 . . . . . . 9 . . . 
'X-RAY DIFFRACTION' 2.5551 2.8122  1424 . 143 1281 100.0000 . . . 0.1930 0.0000 0.1858 . . . . . . 9 . . . 
'X-RAY DIFFRACTION' 2.8122 3.2190  1430 . 154 1276 100.0000 . . . 0.1894 0.0000 0.1887 . . . . . . 9 . . . 
'X-RAY DIFFRACTION' 3.2190 4.0549  1457 . 144 1313 100.0000 . . . 0.1835 0.0000 0.1611 . . . . . . 9 . . . 
'X-RAY DIFFRACTION' 4.0549 39.7892 1555 . 157 1398 99.0000  . . . 0.1901 0.0000 0.1582 . . . . . . 9 . . . 
# 
_struct.entry_id                     5NHX 
_struct.title                        'Periplasmic domain of Outer Membrane Protein A from Klebsiella pneumoniae' 
_struct.pdbx_model_details           ? 
_struct.pdbx_formula_weight          ? 
_struct.pdbx_formula_weight_method   ? 
_struct.pdbx_model_type_details      ? 
_struct.pdbx_CASP_flag               N 
# 
_struct_keywords.entry_id        5NHX 
_struct_keywords.text            'Outer membrane protein Klebsiella pneumoniae periplasmic domain, membrane protein' 
_struct_keywords.pdbx_keywords   'MEMBRANE PROTEIN' 
# 
loop_
_struct_asym.id 
_struct_asym.pdbx_blank_PDB_chainid_flag 
_struct_asym.pdbx_modified 
_struct_asym.entity_id 
_struct_asym.details 
A N N 1 ? 
B N N 2 ? 
C N N 3 ? 
# 
_struct_ref.id                         1 
_struct_ref.db_name                    UNP 
_struct_ref.db_code                    OMPA_KLEPN 
_struct_ref.pdbx_db_accession          P24017 
_struct_ref.pdbx_db_isoform            ? 
_struct_ref.entity_id                  1 
_struct_ref.pdbx_seq_one_letter_code   
;ATKHFTLKSDVLFNFNKATLKPEGQQALDQLYTQLSNMDPKDGSAVVLGYTDRIGSEAYNQQLSEKRAQSVVDYLVAKGI
PAGKISARGMGESNPVTGNTCDNVKARAALIDCLAPDRRVEIEVKG
;
_struct_ref.pdbx_align_begin           209 
# 
_struct_ref_seq.align_id                      1 
_struct_ref_seq.ref_id                        1 
_struct_ref_seq.pdbx_PDB_id_code              5NHX 
_struct_ref_seq.pdbx_strand_id                A 
_struct_ref_seq.seq_align_beg                 1 
_struct_ref_seq.pdbx_seq_align_beg_ins_code   ? 
_struct_ref_seq.seq_align_end                 126 
_struct_ref_seq.pdbx_seq_align_end_ins_code   ? 
_struct_ref_seq.pdbx_db_accession             P24017 
_struct_ref_seq.db_align_beg                  209 
_struct_ref_seq.pdbx_db_align_beg_ins_code    ? 
_struct_ref_seq.db_align_end                  334 
_struct_ref_seq.pdbx_db_align_end_ins_code    ? 
_struct_ref_seq.pdbx_auth_seq_align_beg       4 
_struct_ref_seq.pdbx_auth_seq_align_end       129 
# 
_pdbx_struct_assembly.id                   1 
_pdbx_struct_assembly.details              author_and_software_defined_assembly 
_pdbx_struct_assembly.method_details       PISA 
_pdbx_struct_assembly.oligomeric_details   monomeric 
_pdbx_struct_assembly.oligomeric_count     1 
# 
loop_
_pdbx_struct_assembly_prop.biol_id 
_pdbx_struct_assembly_prop.type 
_pdbx_struct_assembly_prop.value 
_pdbx_struct_assembly_prop.details 
1 'ABSA (A^2)' 350  ? 
1 MORE         1    ? 
1 'SSA (A^2)'  7090 ? 
# 
_pdbx_struct_assembly_gen.assembly_id       1 
_pdbx_struct_assembly_gen.oper_expression   1 
_pdbx_struct_assembly_gen.asym_id_list      A,B,C 
# 
_pdbx_struct_assembly_auth_evidence.id                     1 
_pdbx_struct_assembly_auth_evidence.assembly_id            1 
_pdbx_struct_assembly_auth_evidence.experimental_support   'gel filtration' 
_pdbx_struct_assembly_auth_evidence.details                ? 
# 
_pdbx_struct_oper_list.id                   1 
_pdbx_struct_oper_list.type                 'identity operation' 
_pdbx_struct_oper_list.name                 1_555 
_pdbx_struct_oper_list.symmetry_operation   x,y,z 
_pdbx_struct_oper_list.matrix[1][1]         1.0000000000 
_pdbx_struct_oper_list.matrix[1][2]         0.0000000000 
_pdbx_struct_oper_list.matrix[1][3]         0.0000000000 
_pdbx_struct_oper_list.vector[1]            0.0000000000 
_pdbx_struct_oper_list.matrix[2][1]         0.0000000000 
_pdbx_struct_oper_list.matrix[2][2]         1.0000000000 
_pdbx_struct_oper_list.matrix[2][3]         0.0000000000 
_pdbx_struct_oper_list.vector[2]            0.0000000000 
_pdbx_struct_oper_list.matrix[3][1]         0.0000000000 
_pdbx_struct_oper_list.matrix[3][2]         0.0000000000 
_pdbx_struct_oper_list.matrix[3][3]         1.0000000000 
_pdbx_struct_oper_list.vector[3]            0.0000000000 
# 
loop_
_struct_conf.conf_type_id 
_struct_conf.id 
_struct_conf.pdbx_PDB_helix_id 
_struct_conf.beg_label_comp_id 
_struct_conf.beg_label_asym_id 
_struct_conf.beg_label_seq_id 
_struct_conf.pdbx_beg_PDB_ins_code 
_struct_conf.end_label_comp_id 
_struct_conf.end_label_asym_id 
_struct_conf.end_label_seq_id 
_struct_conf.pdbx_end_PDB_ins_code 
_struct_conf.beg_auth_comp_id 
_struct_conf.beg_auth_asym_id 
_struct_conf.beg_auth_seq_id 
_struct_conf.end_auth_comp_id 
_struct_conf.end_auth_asym_id 
_struct_conf.end_auth_seq_id 
_struct_conf.pdbx_PDB_helix_class 
_struct_conf.details 
_struct_conf.pdbx_PDB_helix_length 
HELX_P HELX_P1 AA1 SER A 9   ? PHE A 13  ? SER A 12  PHE A 16  1 ? 5  
HELX_P HELX_P2 AA2 LYS A 21  ? ASN A 37  ? LYS A 24  ASN A 40  1 ? 17 
HELX_P HELX_P3 AA3 SER A 56  ? GLY A 79  ? SER A 59  GLY A 82  1 ? 24 
HELX_P HELX_P4 AA4 PRO A 81  ? GLY A 83  ? PRO A 84  GLY A 86  5 ? 3  
HELX_P HELX_P5 AA5 ALA A 106 ? LEU A 114 ? ALA A 109 LEU A 117 1 ? 9  
HELX_P HELX_P6 AA6 ALA A 115 ? ASP A 117 ? ALA A 118 ASP A 120 5 ? 3  
# 
_struct_conf_type.id          HELX_P 
_struct_conf_type.criteria    ? 
_struct_conf_type.reference   ? 
# 
_struct_conn.id                            disulf1 
_struct_conn.conn_type_id                  disulf 
_struct_conn.pdbx_leaving_atom_flag        ? 
_struct_conn.pdbx_PDB_id                   ? 
_struct_conn.ptnr1_label_asym_id           A 
_struct_conn.ptnr1_label_comp_id           CYS 
_struct_conn.ptnr1_label_seq_id            101 
_struct_conn.ptnr1_label_atom_id           SG 
_struct_conn.pdbx_ptnr1_label_alt_id       ? 
_struct_conn.pdbx_ptnr1_PDB_ins_code       ? 
_struct_conn.pdbx_ptnr1_standard_comp_id   ? 
_struct_conn.ptnr1_symmetry                1_555 
_struct_conn.ptnr2_label_asym_id           A 
_struct_conn.ptnr2_label_comp_id           CYS 
_struct_conn.ptnr2_label_seq_id            113 
_struct_conn.ptnr2_label_atom_id           SG 
_struct_conn.pdbx_ptnr2_label_alt_id       ? 
_struct_conn.pdbx_ptnr2_PDB_ins_code       ? 
_struct_conn.ptnr1_auth_asym_id            A 
_struct_conn.ptnr1_auth_comp_id            CYS 
_struct_conn.ptnr1_auth_seq_id             104 
_struct_conn.ptnr2_auth_asym_id            A 
_struct_conn.ptnr2_auth_comp_id            CYS 
_struct_conn.ptnr2_auth_seq_id             116 
_struct_conn.ptnr2_symmetry                1_555 
_struct_conn.pdbx_ptnr3_label_atom_id      ? 
_struct_conn.pdbx_ptnr3_label_seq_id       ? 
_struct_conn.pdbx_ptnr3_label_comp_id      ? 
_struct_conn.pdbx_ptnr3_label_asym_id      ? 
_struct_conn.pdbx_ptnr3_label_alt_id       ? 
_struct_conn.pdbx_ptnr3_PDB_ins_code       ? 
_struct_conn.details                       ? 
_struct_conn.pdbx_dist_value               2.039 
_struct_conn.pdbx_value_order              ? 
_struct_conn.pdbx_role                     ? 
# 
_struct_conn_type.id          disulf 
_struct_conn_type.criteria    ? 
_struct_conn_type.reference   ? 
# 
_pdbx_modification_feature.ordinal                            1 
_pdbx_modification_feature.label_comp_id                      CYS 
_pdbx_modification_feature.label_asym_id                      A 
_pdbx_modification_feature.label_seq_id                       101 
_pdbx_modification_feature.label_alt_id                       ? 
_pdbx_modification_feature.modified_residue_label_comp_id     CYS 
_pdbx_modification_feature.modified_residue_label_asym_id     A 
_pdbx_modification_feature.modified_residue_label_seq_id      113 
_pdbx_modification_feature.modified_residue_label_alt_id      ? 
_pdbx_modification_feature.auth_comp_id                       CYS 
_pdbx_modification_feature.auth_asym_id                       A 
_pdbx_modification_feature.auth_seq_id                        104 
_pdbx_modification_feature.PDB_ins_code                       ? 
_pdbx_modification_feature.symmetry                           1_555 
_pdbx_modification_feature.modified_residue_auth_comp_id      CYS 
_pdbx_modification_feature.modified_residue_auth_asym_id      A 
_pdbx_modification_feature.modified_residue_auth_seq_id       116 
_pdbx_modification_feature.modified_residue_PDB_ins_code      ? 
_pdbx_modification_feature.modified_residue_symmetry          1_555 
_pdbx_modification_feature.comp_id_linking_atom               SG 
_pdbx_modification_feature.modified_residue_id_linking_atom   SG 
_pdbx_modification_feature.modified_residue_id                . 
_pdbx_modification_feature.ref_pcm_id                         . 
_pdbx_modification_feature.ref_comp_id                        . 
_pdbx_modification_feature.type                               None 
_pdbx_modification_feature.category                           'Disulfide bridge' 
# 
_struct_sheet.id               AA1 
_struct_sheet.type             ? 
_struct_sheet.number_strands   4 
_struct_sheet.details          ? 
# 
loop_
_struct_sheet_order.sheet_id 
_struct_sheet_order.range_id_1 
_struct_sheet_order.range_id_2 
_struct_sheet_order.offset 
_struct_sheet_order.sense 
AA1 1 2 ? anti-parallel 
AA1 2 3 ? anti-parallel 
AA1 3 4 ? parallel      
# 
loop_
_struct_sheet_range.sheet_id 
_struct_sheet_range.id 
_struct_sheet_range.beg_label_comp_id 
_struct_sheet_range.beg_label_asym_id 
_struct_sheet_range.beg_label_seq_id 
_struct_sheet_range.pdbx_beg_PDB_ins_code 
_struct_sheet_range.end_label_comp_id 
_struct_sheet_range.end_label_asym_id 
_struct_sheet_range.end_label_seq_id 
_struct_sheet_range.pdbx_end_PDB_ins_code 
_struct_sheet_range.beg_auth_comp_id 
_struct_sheet_range.beg_auth_asym_id 
_struct_sheet_range.beg_auth_seq_id 
_struct_sheet_range.end_auth_comp_id 
_struct_sheet_range.end_auth_asym_id 
_struct_sheet_range.end_auth_seq_id 
AA1 1 THR A 2   ? LYS A 8   ? THR A 5   LYS A 11  
AA1 2 ARG A 119 ? LYS A 125 ? ARG A 122 LYS A 128 
AA1 3 SER A 44  ? TYR A 50  ? SER A 47  TYR A 53  
AA1 4 ILE A 85  ? GLY A 91  ? ILE A 88  GLY A 94  
# 
loop_
_pdbx_struct_sheet_hbond.sheet_id 
_pdbx_struct_sheet_hbond.range_id_1 
_pdbx_struct_sheet_hbond.range_id_2 
_pdbx_struct_sheet_hbond.range_1_label_atom_id 
_pdbx_struct_sheet_hbond.range_1_label_comp_id 
_pdbx_struct_sheet_hbond.range_1_label_asym_id 
_pdbx_struct_sheet_hbond.range_1_label_seq_id 
_pdbx_struct_sheet_hbond.range_1_PDB_ins_code 
_pdbx_struct_sheet_hbond.range_1_auth_atom_id 
_pdbx_struct_sheet_hbond.range_1_auth_comp_id 
_pdbx_struct_sheet_hbond.range_1_auth_asym_id 
_pdbx_struct_sheet_hbond.range_1_auth_seq_id 
_pdbx_struct_sheet_hbond.range_2_label_atom_id 
_pdbx_struct_sheet_hbond.range_2_label_comp_id 
_pdbx_struct_sheet_hbond.range_2_label_asym_id 
_pdbx_struct_sheet_hbond.range_2_label_seq_id 
_pdbx_struct_sheet_hbond.range_2_PDB_ins_code 
_pdbx_struct_sheet_hbond.range_2_auth_atom_id 
_pdbx_struct_sheet_hbond.range_2_auth_comp_id 
_pdbx_struct_sheet_hbond.range_2_auth_asym_id 
_pdbx_struct_sheet_hbond.range_2_auth_seq_id 
AA1 1 2 N LEU A 7   ? N LEU A 10  O VAL A 120 ? O VAL A 123 
AA1 2 3 O GLU A 121 ? O GLU A 124 N LEU A 48  ? N LEU A 51  
AA1 3 4 N GLY A 49  ? N GLY A 52  O MET A 90  ? O MET A 93  
# 
_struct_site.id                   AC1 
_struct_site.pdbx_evidence_code   Software 
_struct_site.pdbx_auth_asym_id    A 
_struct_site.pdbx_auth_comp_id    CIT 
_struct_site.pdbx_auth_seq_id     201 
_struct_site.pdbx_auth_ins_code   ? 
_struct_site.pdbx_num_residues    13 
_struct_site.details              'binding site for residue CIT A 201' 
# 
loop_
_struct_site_gen.id 
_struct_site_gen.site_id 
_struct_site_gen.pdbx_num_res 
_struct_site_gen.label_comp_id 
_struct_site_gen.label_asym_id 
_struct_site_gen.label_seq_id 
_struct_site_gen.pdbx_auth_ins_code 
_struct_site_gen.auth_comp_id 
_struct_site_gen.auth_asym_id 
_struct_site_gen.auth_seq_id 
_struct_site_gen.label_atom_id 
_struct_site_gen.label_alt_id 
_struct_site_gen.symmetry 
_struct_site_gen.details 
1  AC1 13 PHE A 15  ? PHE A 18  . ? 1_555 ? 
2  AC1 13 ASN A 16  ? ASN A 19  . ? 1_555 ? 
3  AC1 13 ASP A 52  ? ASP A 55  . ? 1_555 ? 
4  AC1 13 ILE A 54  ? ILE A 57  . ? 6_554 ? 
5  AC1 13 LEU A 63  ? LEU A 66  . ? 1_555 ? 
6  AC1 13 ARG A 67  ? ARG A 70  . ? 1_555 ? 
7  AC1 13 ARG A 107 ? ARG A 110 . ? 6_554 ? 
8  AC1 13 ILE A 111 ? ILE A 114 . ? 1_555 ? 
9  AC1 13 ARG A 118 ? ARG A 121 . ? 1_555 ? 
10 AC1 13 HOH C .   ? HOH A 306 . ? 1_555 ? 
11 AC1 13 HOH C .   ? HOH A 309 . ? 6_554 ? 
12 AC1 13 HOH C .   ? HOH A 309 . ? 1_555 ? 
13 AC1 13 HOH C .   ? HOH A 326 . ? 1_555 ? 
# 
_pdbx_entry_details.entry_id                   5NHX 
_pdbx_entry_details.compound_details           ? 
_pdbx_entry_details.source_details             ? 
_pdbx_entry_details.nonpolymer_details         ? 
_pdbx_entry_details.sequence_details           ? 
_pdbx_entry_details.has_ligand_of_interest     ? 
_pdbx_entry_details.has_protein_modification   Y 
# 
_pdbx_validate_close_contact.id               1 
_pdbx_validate_close_contact.PDB_model_num    1 
_pdbx_validate_close_contact.auth_atom_id_1   O 
_pdbx_validate_close_contact.auth_asym_id_1   A 
_pdbx_validate_close_contact.auth_comp_id_1   HOH 
_pdbx_validate_close_contact.auth_seq_id_1    440 
_pdbx_validate_close_contact.PDB_ins_code_1   ? 
_pdbx_validate_close_contact.label_alt_id_1   ? 
_pdbx_validate_close_contact.auth_atom_id_2   O 
_pdbx_validate_close_contact.auth_asym_id_2   A 
_pdbx_validate_close_contact.auth_comp_id_2   HOH 
_pdbx_validate_close_contact.auth_seq_id_2    444 
_pdbx_validate_close_contact.PDB_ins_code_2   ? 
_pdbx_validate_close_contact.label_alt_id_2   ? 
_pdbx_validate_close_contact.dist             1.99 
# 
loop_
_pdbx_struct_special_symmetry.id 
_pdbx_struct_special_symmetry.PDB_model_num 
_pdbx_struct_special_symmetry.auth_asym_id 
_pdbx_struct_special_symmetry.auth_comp_id 
_pdbx_struct_special_symmetry.auth_seq_id 
_pdbx_struct_special_symmetry.PDB_ins_code 
_pdbx_struct_special_symmetry.label_asym_id 
_pdbx_struct_special_symmetry.label_comp_id 
_pdbx_struct_special_symmetry.label_seq_id 
1 1 A HOH 309 ? C HOH . 
2 1 A HOH 369 ? C HOH . 
3 1 A HOH 372 ? C HOH . 
4 1 A HOH 438 ? C HOH . 
5 1 A HOH 443 ? C HOH . 
# 
_pdbx_distant_solvent_atoms.id                                1 
_pdbx_distant_solvent_atoms.PDB_model_num                     1 
_pdbx_distant_solvent_atoms.auth_atom_id                      O 
_pdbx_distant_solvent_atoms.label_alt_id                      ? 
_pdbx_distant_solvent_atoms.auth_asym_id                      A 
_pdbx_distant_solvent_atoms.auth_comp_id                      HOH 
_pdbx_distant_solvent_atoms.auth_seq_id                       448 
_pdbx_distant_solvent_atoms.PDB_ins_code                      ? 
_pdbx_distant_solvent_atoms.neighbor_macromolecule_distance   5.97 
_pdbx_distant_solvent_atoms.neighbor_ligand_distance          . 
# 
loop_
_chem_comp_atom.comp_id 
_chem_comp_atom.atom_id 
_chem_comp_atom.type_symbol 
_chem_comp_atom.pdbx_aromatic_flag 
_chem_comp_atom.pdbx_stereo_config 
_chem_comp_atom.pdbx_ordinal 
ALA N    N N N 1   
ALA CA   C N S 2   
ALA C    C N N 3   
ALA O    O N N 4   
ALA CB   C N N 5   
ALA OXT  O N N 6   
ALA H    H N N 7   
ALA H2   H N N 8   
ALA HA   H N N 9   
ALA HB1  H N N 10  
ALA HB2  H N N 11  
ALA HB3  H N N 12  
ALA HXT  H N N 13  
ARG N    N N N 14  
ARG CA   C N S 15  
ARG C    C N N 16  
ARG O    O N N 17  
ARG CB   C N N 18  
ARG CG   C N N 19  
ARG CD   C N N 20  
ARG NE   N N N 21  
ARG CZ   C N N 22  
ARG NH1  N N N 23  
ARG NH2  N N N 24  
ARG OXT  O N N 25  
ARG H    H N N 26  
ARG H2   H N N 27  
ARG HA   H N N 28  
ARG HB2  H N N 29  
ARG HB3  H N N 30  
ARG HG2  H N N 31  
ARG HG3  H N N 32  
ARG HD2  H N N 33  
ARG HD3  H N N 34  
ARG HE   H N N 35  
ARG HH11 H N N 36  
ARG HH12 H N N 37  
ARG HH21 H N N 38  
ARG HH22 H N N 39  
ARG HXT  H N N 40  
ASN N    N N N 41  
ASN CA   C N S 42  
ASN C    C N N 43  
ASN O    O N N 44  
ASN CB   C N N 45  
ASN CG   C N N 46  
ASN OD1  O N N 47  
ASN ND2  N N N 48  
ASN OXT  O N N 49  
ASN H    H N N 50  
ASN H2   H N N 51  
ASN HA   H N N 52  
ASN HB2  H N N 53  
ASN HB3  H N N 54  
ASN HD21 H N N 55  
ASN HD22 H N N 56  
ASN HXT  H N N 57  
ASP N    N N N 58  
ASP CA   C N S 59  
ASP C    C N N 60  
ASP O    O N N 61  
ASP CB   C N N 62  
ASP CG   C N N 63  
ASP OD1  O N N 64  
ASP OD2  O N N 65  
ASP OXT  O N N 66  
ASP H    H N N 67  
ASP H2   H N N 68  
ASP HA   H N N 69  
ASP HB2  H N N 70  
ASP HB3  H N N 71  
ASP HD2  H N N 72  
ASP HXT  H N N 73  
CIT C1   C N N 74  
CIT O1   O N N 75  
CIT O2   O N N 76  
CIT C2   C N N 77  
CIT C3   C N N 78  
CIT O7   O N N 79  
CIT C4   C N N 80  
CIT C5   C N N 81  
CIT O3   O N N 82  
CIT O4   O N N 83  
CIT C6   C N N 84  
CIT O5   O N N 85  
CIT O6   O N N 86  
CIT HO2  H N N 87  
CIT H21  H N N 88  
CIT H22  H N N 89  
CIT HO7  H N N 90  
CIT H41  H N N 91  
CIT H42  H N N 92  
CIT HO4  H N N 93  
CIT HO6  H N N 94  
CYS N    N N N 95  
CYS CA   C N R 96  
CYS C    C N N 97  
CYS O    O N N 98  
CYS CB   C N N 99  
CYS SG   S N N 100 
CYS OXT  O N N 101 
CYS H    H N N 102 
CYS H2   H N N 103 
CYS HA   H N N 104 
CYS HB2  H N N 105 
CYS HB3  H N N 106 
CYS HG   H N N 107 
CYS HXT  H N N 108 
GLN N    N N N 109 
GLN CA   C N S 110 
GLN C    C N N 111 
GLN O    O N N 112 
GLN CB   C N N 113 
GLN CG   C N N 114 
GLN CD   C N N 115 
GLN OE1  O N N 116 
GLN NE2  N N N 117 
GLN OXT  O N N 118 
GLN H    H N N 119 
GLN H2   H N N 120 
GLN HA   H N N 121 
GLN HB2  H N N 122 
GLN HB3  H N N 123 
GLN HG2  H N N 124 
GLN HG3  H N N 125 
GLN HE21 H N N 126 
GLN HE22 H N N 127 
GLN HXT  H N N 128 
GLU N    N N N 129 
GLU CA   C N S 130 
GLU C    C N N 131 
GLU O    O N N 132 
GLU CB   C N N 133 
GLU CG   C N N 134 
GLU CD   C N N 135 
GLU OE1  O N N 136 
GLU OE2  O N N 137 
GLU OXT  O N N 138 
GLU H    H N N 139 
GLU H2   H N N 140 
GLU HA   H N N 141 
GLU HB2  H N N 142 
GLU HB3  H N N 143 
GLU HG2  H N N 144 
GLU HG3  H N N 145 
GLU HE2  H N N 146 
GLU HXT  H N N 147 
GLY N    N N N 148 
GLY CA   C N N 149 
GLY C    C N N 150 
GLY O    O N N 151 
GLY OXT  O N N 152 
GLY H    H N N 153 
GLY H2   H N N 154 
GLY HA2  H N N 155 
GLY HA3  H N N 156 
GLY HXT  H N N 157 
HIS N    N N N 158 
HIS CA   C N S 159 
HIS C    C N N 160 
HIS O    O N N 161 
HIS CB   C N N 162 
HIS CG   C Y N 163 
HIS ND1  N Y N 164 
HIS CD2  C Y N 165 
HIS CE1  C Y N 166 
HIS NE2  N Y N 167 
HIS OXT  O N N 168 
HIS H    H N N 169 
HIS H2   H N N 170 
HIS HA   H N N 171 
HIS HB2  H N N 172 
HIS HB3  H N N 173 
HIS HD1  H N N 174 
HIS HD2  H N N 175 
HIS HE1  H N N 176 
HIS HE2  H N N 177 
HIS HXT  H N N 178 
HOH O    O N N 179 
HOH H1   H N N 180 
HOH H2   H N N 181 
ILE N    N N N 182 
ILE CA   C N S 183 
ILE C    C N N 184 
ILE O    O N N 185 
ILE CB   C N S 186 
ILE CG1  C N N 187 
ILE CG2  C N N 188 
ILE CD1  C N N 189 
ILE OXT  O N N 190 
ILE H    H N N 191 
ILE H2   H N N 192 
ILE HA   H N N 193 
ILE HB   H N N 194 
ILE HG12 H N N 195 
ILE HG13 H N N 196 
ILE HG21 H N N 197 
ILE HG22 H N N 198 
ILE HG23 H N N 199 
ILE HD11 H N N 200 
ILE HD12 H N N 201 
ILE HD13 H N N 202 
ILE HXT  H N N 203 
LEU N    N N N 204 
LEU CA   C N S 205 
LEU C    C N N 206 
LEU O    O N N 207 
LEU CB   C N N 208 
LEU CG   C N N 209 
LEU CD1  C N N 210 
LEU CD2  C N N 211 
LEU OXT  O N N 212 
LEU H    H N N 213 
LEU H2   H N N 214 
LEU HA   H N N 215 
LEU HB2  H N N 216 
LEU HB3  H N N 217 
LEU HG   H N N 218 
LEU HD11 H N N 219 
LEU HD12 H N N 220 
LEU HD13 H N N 221 
LEU HD21 H N N 222 
LEU HD22 H N N 223 
LEU HD23 H N N 224 
LEU HXT  H N N 225 
LYS N    N N N 226 
LYS CA   C N S 227 
LYS C    C N N 228 
LYS O    O N N 229 
LYS CB   C N N 230 
LYS CG   C N N 231 
LYS CD   C N N 232 
LYS CE   C N N 233 
LYS NZ   N N N 234 
LYS OXT  O N N 235 
LYS H    H N N 236 
LYS H2   H N N 237 
LYS HA   H N N 238 
LYS HB2  H N N 239 
LYS HB3  H N N 240 
LYS HG2  H N N 241 
LYS HG3  H N N 242 
LYS HD2  H N N 243 
LYS HD3  H N N 244 
LYS HE2  H N N 245 
LYS HE3  H N N 246 
LYS HZ1  H N N 247 
LYS HZ2  H N N 248 
LYS HZ3  H N N 249 
LYS HXT  H N N 250 
MET N    N N N 251 
MET CA   C N S 252 
MET C    C N N 253 
MET O    O N N 254 
MET CB   C N N 255 
MET CG   C N N 256 
MET SD   S N N 257 
MET CE   C N N 258 
MET OXT  O N N 259 
MET H    H N N 260 
MET H2   H N N 261 
MET HA   H N N 262 
MET HB2  H N N 263 
MET HB3  H N N 264 
MET HG2  H N N 265 
MET HG3  H N N 266 
MET HE1  H N N 267 
MET HE2  H N N 268 
MET HE3  H N N 269 
MET HXT  H N N 270 
PHE N    N N N 271 
PHE CA   C N S 272 
PHE C    C N N 273 
PHE O    O N N 274 
PHE CB   C N N 275 
PHE CG   C Y N 276 
PHE CD1  C Y N 277 
PHE CD2  C Y N 278 
PHE CE1  C Y N 279 
PHE CE2  C Y N 280 
PHE CZ   C Y N 281 
PHE OXT  O N N 282 
PHE H    H N N 283 
PHE H2   H N N 284 
PHE HA   H N N 285 
PHE HB2  H N N 286 
PHE HB3  H N N 287 
PHE HD1  H N N 288 
PHE HD2  H N N 289 
PHE HE1  H N N 290 
PHE HE2  H N N 291 
PHE HZ   H N N 292 
PHE HXT  H N N 293 
PRO N    N N N 294 
PRO CA   C N S 295 
PRO C    C N N 296 
PRO O    O N N 297 
PRO CB   C N N 298 
PRO CG   C N N 299 
PRO CD   C N N 300 
PRO OXT  O N N 301 
PRO H    H N N 302 
PRO HA   H N N 303 
PRO HB2  H N N 304 
PRO HB3  H N N 305 
PRO HG2  H N N 306 
PRO HG3  H N N 307 
PRO HD2  H N N 308 
PRO HD3  H N N 309 
PRO HXT  H N N 310 
SER N    N N N 311 
SER CA   C N S 312 
SER C    C N N 313 
SER O    O N N 314 
SER CB   C N N 315 
SER OG   O N N 316 
SER OXT  O N N 317 
SER H    H N N 318 
SER H2   H N N 319 
SER HA   H N N 320 
SER HB2  H N N 321 
SER HB3  H N N 322 
SER HG   H N N 323 
SER HXT  H N N 324 
THR N    N N N 325 
THR CA   C N S 326 
THR C    C N N 327 
THR O    O N N 328 
THR CB   C N R 329 
THR OG1  O N N 330 
THR CG2  C N N 331 
THR OXT  O N N 332 
THR H    H N N 333 
THR H2   H N N 334 
THR HA   H N N 335 
THR HB   H N N 336 
THR HG1  H N N 337 
THR HG21 H N N 338 
THR HG22 H N N 339 
THR HG23 H N N 340 
THR HXT  H N N 341 
TYR N    N N N 342 
TYR CA   C N S 343 
TYR C    C N N 344 
TYR O    O N N 345 
TYR CB   C N N 346 
TYR CG   C Y N 347 
TYR CD1  C Y N 348 
TYR CD2  C Y N 349 
TYR CE1  C Y N 350 
TYR CE2  C Y N 351 
TYR CZ   C Y N 352 
TYR OH   O N N 353 
TYR OXT  O N N 354 
TYR H    H N N 355 
TYR H2   H N N 356 
TYR HA   H N N 357 
TYR HB2  H N N 358 
TYR HB3  H N N 359 
TYR HD1  H N N 360 
TYR HD2  H N N 361 
TYR HE1  H N N 362 
TYR HE2  H N N 363 
TYR HH   H N N 364 
TYR HXT  H N N 365 
VAL N    N N N 366 
VAL CA   C N S 367 
VAL C    C N N 368 
VAL O    O N N 369 
VAL CB   C N N 370 
VAL CG1  C N N 371 
VAL CG2  C N N 372 
VAL OXT  O N N 373 
VAL H    H N N 374 
VAL H2   H N N 375 
VAL HA   H N N 376 
VAL HB   H N N 377 
VAL HG11 H N N 378 
VAL HG12 H N N 379 
VAL HG13 H N N 380 
VAL HG21 H N N 381 
VAL HG22 H N N 382 
VAL HG23 H N N 383 
VAL HXT  H N N 384 
# 
loop_
_chem_comp_bond.comp_id 
_chem_comp_bond.atom_id_1 
_chem_comp_bond.atom_id_2 
_chem_comp_bond.value_order 
_chem_comp_bond.pdbx_aromatic_flag 
_chem_comp_bond.pdbx_stereo_config 
_chem_comp_bond.pdbx_ordinal 
ALA N   CA   sing N N 1   
ALA N   H    sing N N 2   
ALA N   H2   sing N N 3   
ALA CA  C    sing N N 4   
ALA CA  CB   sing N N 5   
ALA CA  HA   sing N N 6   
ALA C   O    doub N N 7   
ALA C   OXT  sing N N 8   
ALA CB  HB1  sing N N 9   
ALA CB  HB2  sing N N 10  
ALA CB  HB3  sing N N 11  
ALA OXT HXT  sing N N 12  
ARG N   CA   sing N N 13  
ARG N   H    sing N N 14  
ARG N   H2   sing N N 15  
ARG CA  C    sing N N 16  
ARG CA  CB   sing N N 17  
ARG CA  HA   sing N N 18  
ARG C   O    doub N N 19  
ARG C   OXT  sing N N 20  
ARG CB  CG   sing N N 21  
ARG CB  HB2  sing N N 22  
ARG CB  HB3  sing N N 23  
ARG CG  CD   sing N N 24  
ARG CG  HG2  sing N N 25  
ARG CG  HG3  sing N N 26  
ARG CD  NE   sing N N 27  
ARG CD  HD2  sing N N 28  
ARG CD  HD3  sing N N 29  
ARG NE  CZ   sing N N 30  
ARG NE  HE   sing N N 31  
ARG CZ  NH1  sing N N 32  
ARG CZ  NH2  doub N N 33  
ARG NH1 HH11 sing N N 34  
ARG NH1 HH12 sing N N 35  
ARG NH2 HH21 sing N N 36  
ARG NH2 HH22 sing N N 37  
ARG OXT HXT  sing N N 38  
ASN N   CA   sing N N 39  
ASN N   H    sing N N 40  
ASN N   H2   sing N N 41  
ASN CA  C    sing N N 42  
ASN CA  CB   sing N N 43  
ASN CA  HA   sing N N 44  
ASN C   O    doub N N 45  
ASN C   OXT  sing N N 46  
ASN CB  CG   sing N N 47  
ASN CB  HB2  sing N N 48  
ASN CB  HB3  sing N N 49  
ASN CG  OD1  doub N N 50  
ASN CG  ND2  sing N N 51  
ASN ND2 HD21 sing N N 52  
ASN ND2 HD22 sing N N 53  
ASN OXT HXT  sing N N 54  
ASP N   CA   sing N N 55  
ASP N   H    sing N N 56  
ASP N   H2   sing N N 57  
ASP CA  C    sing N N 58  
ASP CA  CB   sing N N 59  
ASP CA  HA   sing N N 60  
ASP C   O    doub N N 61  
ASP C   OXT  sing N N 62  
ASP CB  CG   sing N N 63  
ASP CB  HB2  sing N N 64  
ASP CB  HB3  sing N N 65  
ASP CG  OD1  doub N N 66  
ASP CG  OD2  sing N N 67  
ASP OD2 HD2  sing N N 68  
ASP OXT HXT  sing N N 69  
CIT C1  O1   doub N N 70  
CIT C1  O2   sing N N 71  
CIT C1  C2   sing N N 72  
CIT O2  HO2  sing N N 73  
CIT C2  C3   sing N N 74  
CIT C2  H21  sing N N 75  
CIT C2  H22  sing N N 76  
CIT C3  O7   sing N N 77  
CIT C3  C4   sing N N 78  
CIT C3  C6   sing N N 79  
CIT O7  HO7  sing N N 80  
CIT C4  C5   sing N N 81  
CIT C4  H41  sing N N 82  
CIT C4  H42  sing N N 83  
CIT C5  O3   doub N N 84  
CIT C5  O4   sing N N 85  
CIT O4  HO4  sing N N 86  
CIT C6  O5   doub N N 87  
CIT C6  O6   sing N N 88  
CIT O6  HO6  sing N N 89  
CYS N   CA   sing N N 90  
CYS N   H    sing N N 91  
CYS N   H2   sing N N 92  
CYS CA  C    sing N N 93  
CYS CA  CB   sing N N 94  
CYS CA  HA   sing N N 95  
CYS C   O    doub N N 96  
CYS C   OXT  sing N N 97  
CYS CB  SG   sing N N 98  
CYS CB  HB2  sing N N 99  
CYS CB  HB3  sing N N 100 
CYS SG  HG   sing N N 101 
CYS OXT HXT  sing N N 102 
GLN N   CA   sing N N 103 
GLN N   H    sing N N 104 
GLN N   H2   sing N N 105 
GLN CA  C    sing N N 106 
GLN CA  CB   sing N N 107 
GLN CA  HA   sing N N 108 
GLN C   O    doub N N 109 
GLN C   OXT  sing N N 110 
GLN CB  CG   sing N N 111 
GLN CB  HB2  sing N N 112 
GLN CB  HB3  sing N N 113 
GLN CG  CD   sing N N 114 
GLN CG  HG2  sing N N 115 
GLN CG  HG3  sing N N 116 
GLN CD  OE1  doub N N 117 
GLN CD  NE2  sing N N 118 
GLN NE2 HE21 sing N N 119 
GLN NE2 HE22 sing N N 120 
GLN OXT HXT  sing N N 121 
GLU N   CA   sing N N 122 
GLU N   H    sing N N 123 
GLU N   H2   sing N N 124 
GLU CA  C    sing N N 125 
GLU CA  CB   sing N N 126 
GLU CA  HA   sing N N 127 
GLU C   O    doub N N 128 
GLU C   OXT  sing N N 129 
GLU CB  CG   sing N N 130 
GLU CB  HB2  sing N N 131 
GLU CB  HB3  sing N N 132 
GLU CG  CD   sing N N 133 
GLU CG  HG2  sing N N 134 
GLU CG  HG3  sing N N 135 
GLU CD  OE1  doub N N 136 
GLU CD  OE2  sing N N 137 
GLU OE2 HE2  sing N N 138 
GLU OXT HXT  sing N N 139 
GLY N   CA   sing N N 140 
GLY N   H    sing N N 141 
GLY N   H2   sing N N 142 
GLY CA  C    sing N N 143 
GLY CA  HA2  sing N N 144 
GLY CA  HA3  sing N N 145 
GLY C   O    doub N N 146 
GLY C   OXT  sing N N 147 
GLY OXT HXT  sing N N 148 
HIS N   CA   sing N N 149 
HIS N   H    sing N N 150 
HIS N   H2   sing N N 151 
HIS CA  C    sing N N 152 
HIS CA  CB   sing N N 153 
HIS CA  HA   sing N N 154 
HIS C   O    doub N N 155 
HIS C   OXT  sing N N 156 
HIS CB  CG   sing N N 157 
HIS CB  HB2  sing N N 158 
HIS CB  HB3  sing N N 159 
HIS CG  ND1  sing Y N 160 
HIS CG  CD2  doub Y N 161 
HIS ND1 CE1  doub Y N 162 
HIS ND1 HD1  sing N N 163 
HIS CD2 NE2  sing Y N 164 
HIS CD2 HD2  sing N N 165 
HIS CE1 NE2  sing Y N 166 
HIS CE1 HE1  sing N N 167 
HIS NE2 HE2  sing N N 168 
HIS OXT HXT  sing N N 169 
HOH O   H1   sing N N 170 
HOH O   H2   sing N N 171 
ILE N   CA   sing N N 172 
ILE N   H    sing N N 173 
ILE N   H2   sing N N 174 
ILE CA  C    sing N N 175 
ILE CA  CB   sing N N 176 
ILE CA  HA   sing N N 177 
ILE C   O    doub N N 178 
ILE C   OXT  sing N N 179 
ILE CB  CG1  sing N N 180 
ILE CB  CG2  sing N N 181 
ILE CB  HB   sing N N 182 
ILE CG1 CD1  sing N N 183 
ILE CG1 HG12 sing N N 184 
ILE CG1 HG13 sing N N 185 
ILE CG2 HG21 sing N N 186 
ILE CG2 HG22 sing N N 187 
ILE CG2 HG23 sing N N 188 
ILE CD1 HD11 sing N N 189 
ILE CD1 HD12 sing N N 190 
ILE CD1 HD13 sing N N 191 
ILE OXT HXT  sing N N 192 
LEU N   CA   sing N N 193 
LEU N   H    sing N N 194 
LEU N   H2   sing N N 195 
LEU CA  C    sing N N 196 
LEU CA  CB   sing N N 197 
LEU CA  HA   sing N N 198 
LEU C   O    doub N N 199 
LEU C   OXT  sing N N 200 
LEU CB  CG   sing N N 201 
LEU CB  HB2  sing N N 202 
LEU CB  HB3  sing N N 203 
LEU CG  CD1  sing N N 204 
LEU CG  CD2  sing N N 205 
LEU CG  HG   sing N N 206 
LEU CD1 HD11 sing N N 207 
LEU CD1 HD12 sing N N 208 
LEU CD1 HD13 sing N N 209 
LEU CD2 HD21 sing N N 210 
LEU CD2 HD22 sing N N 211 
LEU CD2 HD23 sing N N 212 
LEU OXT HXT  sing N N 213 
LYS N   CA   sing N N 214 
LYS N   H    sing N N 215 
LYS N   H2   sing N N 216 
LYS CA  C    sing N N 217 
LYS CA  CB   sing N N 218 
LYS CA  HA   sing N N 219 
LYS C   O    doub N N 220 
LYS C   OXT  sing N N 221 
LYS CB  CG   sing N N 222 
LYS CB  HB2  sing N N 223 
LYS CB  HB3  sing N N 224 
LYS CG  CD   sing N N 225 
LYS CG  HG2  sing N N 226 
LYS CG  HG3  sing N N 227 
LYS CD  CE   sing N N 228 
LYS CD  HD2  sing N N 229 
LYS CD  HD3  sing N N 230 
LYS CE  NZ   sing N N 231 
LYS CE  HE2  sing N N 232 
LYS CE  HE3  sing N N 233 
LYS NZ  HZ1  sing N N 234 
LYS NZ  HZ2  sing N N 235 
LYS NZ  HZ3  sing N N 236 
LYS OXT HXT  sing N N 237 
MET N   CA   sing N N 238 
MET N   H    sing N N 239 
MET N   H2   sing N N 240 
MET CA  C    sing N N 241 
MET CA  CB   sing N N 242 
MET CA  HA   sing N N 243 
MET C   O    doub N N 244 
MET C   OXT  sing N N 245 
MET CB  CG   sing N N 246 
MET CB  HB2  sing N N 247 
MET CB  HB3  sing N N 248 
MET CG  SD   sing N N 249 
MET CG  HG2  sing N N 250 
MET CG  HG3  sing N N 251 
MET SD  CE   sing N N 252 
MET CE  HE1  sing N N 253 
MET CE  HE2  sing N N 254 
MET CE  HE3  sing N N 255 
MET OXT HXT  sing N N 256 
PHE N   CA   sing N N 257 
PHE N   H    sing N N 258 
PHE N   H2   sing N N 259 
PHE CA  C    sing N N 260 
PHE CA  CB   sing N N 261 
PHE CA  HA   sing N N 262 
PHE C   O    doub N N 263 
PHE C   OXT  sing N N 264 
PHE CB  CG   sing N N 265 
PHE CB  HB2  sing N N 266 
PHE CB  HB3  sing N N 267 
PHE CG  CD1  doub Y N 268 
PHE CG  CD2  sing Y N 269 
PHE CD1 CE1  sing Y N 270 
PHE CD1 HD1  sing N N 271 
PHE CD2 CE2  doub Y N 272 
PHE CD2 HD2  sing N N 273 
PHE CE1 CZ   doub Y N 274 
PHE CE1 HE1  sing N N 275 
PHE CE2 CZ   sing Y N 276 
PHE CE2 HE2  sing N N 277 
PHE CZ  HZ   sing N N 278 
PHE OXT HXT  sing N N 279 
PRO N   CA   sing N N 280 
PRO N   CD   sing N N 281 
PRO N   H    sing N N 282 
PRO CA  C    sing N N 283 
PRO CA  CB   sing N N 284 
PRO CA  HA   sing N N 285 
PRO C   O    doub N N 286 
PRO C   OXT  sing N N 287 
PRO CB  CG   sing N N 288 
PRO CB  HB2  sing N N 289 
PRO CB  HB3  sing N N 290 
PRO CG  CD   sing N N 291 
PRO CG  HG2  sing N N 292 
PRO CG  HG3  sing N N 293 
PRO CD  HD2  sing N N 294 
PRO CD  HD3  sing N N 295 
PRO OXT HXT  sing N N 296 
SER N   CA   sing N N 297 
SER N   H    sing N N 298 
SER N   H2   sing N N 299 
SER CA  C    sing N N 300 
SER CA  CB   sing N N 301 
SER CA  HA   sing N N 302 
SER C   O    doub N N 303 
SER C   OXT  sing N N 304 
SER CB  OG   sing N N 305 
SER CB  HB2  sing N N 306 
SER CB  HB3  sing N N 307 
SER OG  HG   sing N N 308 
SER OXT HXT  sing N N 309 
THR N   CA   sing N N 310 
THR N   H    sing N N 311 
THR N   H2   sing N N 312 
THR CA  C    sing N N 313 
THR CA  CB   sing N N 314 
THR CA  HA   sing N N 315 
THR C   O    doub N N 316 
THR C   OXT  sing N N 317 
THR CB  OG1  sing N N 318 
THR CB  CG2  sing N N 319 
THR CB  HB   sing N N 320 
THR OG1 HG1  sing N N 321 
THR CG2 HG21 sing N N 322 
THR CG2 HG22 sing N N 323 
THR CG2 HG23 sing N N 324 
THR OXT HXT  sing N N 325 
TYR N   CA   sing N N 326 
TYR N   H    sing N N 327 
TYR N   H2   sing N N 328 
TYR CA  C    sing N N 329 
TYR CA  CB   sing N N 330 
TYR CA  HA   sing N N 331 
TYR C   O    doub N N 332 
TYR C   OXT  sing N N 333 
TYR CB  CG   sing N N 334 
TYR CB  HB2  sing N N 335 
TYR CB  HB3  sing N N 336 
TYR CG  CD1  doub Y N 337 
TYR CG  CD2  sing Y N 338 
TYR CD1 CE1  sing Y N 339 
TYR CD1 HD1  sing N N 340 
TYR CD2 CE2  doub Y N 341 
TYR CD2 HD2  sing N N 342 
TYR CE1 CZ   doub Y N 343 
TYR CE1 HE1  sing N N 344 
TYR CE2 CZ   sing Y N 345 
TYR CE2 HE2  sing N N 346 
TYR CZ  OH   sing N N 347 
TYR OH  HH   sing N N 348 
TYR OXT HXT  sing N N 349 
VAL N   CA   sing N N 350 
VAL N   H    sing N N 351 
VAL N   H2   sing N N 352 
VAL CA  C    sing N N 353 
VAL CA  CB   sing N N 354 
VAL CA  HA   sing N N 355 
VAL C   O    doub N N 356 
VAL C   OXT  sing N N 357 
VAL CB  CG1  sing N N 358 
VAL CB  CG2  sing N N 359 
VAL CB  HB   sing N N 360 
VAL CG1 HG11 sing N N 361 
VAL CG1 HG12 sing N N 362 
VAL CG1 HG13 sing N N 363 
VAL CG2 HG21 sing N N 364 
VAL CG2 HG22 sing N N 365 
VAL CG2 HG23 sing N N 366 
VAL OXT HXT  sing N N 367 
# 
_pdbx_initial_refinement_model.id               1 
_pdbx_initial_refinement_model.entity_id_list   ? 
_pdbx_initial_refinement_model.type             'experimental model' 
_pdbx_initial_refinement_model.source_name      PDB 
_pdbx_initial_refinement_model.accession_code   4ERH 
_pdbx_initial_refinement_model.details          ? 
# 
_atom_sites.entry_id                    5NHX 
_atom_sites.fract_transf_matrix[1][1]   -0.01144765 
_atom_sites.fract_transf_matrix[1][2]   -0.00719785 
_atom_sites.fract_transf_matrix[1][3]   0.00122652 
_atom_sites.fract_transf_matrix[2][1]   -0.00178462 
_atom_sites.fract_transf_matrix[2][2]   0.00054656 
_atom_sites.fract_transf_matrix[2][3]   -0.01344911 
_atom_sites.fract_transf_matrix[3][1]   0.00845937 
_atom_sites.fract_transf_matrix[3][2]   -0.01374043 
_atom_sites.fract_transf_matrix[3][3]   -0.00168091 
_atom_sites.fract_transf_vector[1]      -0.340971 
_atom_sites.fract_transf_vector[2]      0.127436 
_atom_sites.fract_transf_vector[3]      -0.019238 
# 
loop_
_atom_type.symbol 
C 
N 
O 
S 
# 
loop_
_atom_site.group_PDB 
_atom_site.id 
_atom_site.type_symbol 
_atom_site.label_atom_id 
_atom_site.label_alt_id 
_atom_site.label_comp_id 
_atom_site.label_asym_id 
_atom_site.label_entity_id 
_atom_site.label_seq_id 
_atom_site.pdbx_PDB_ins_code 
_atom_site.Cartn_x 
_atom_site.Cartn_y 
_atom_site.Cartn_z 
_atom_site.occupancy 
_atom_site.B_iso_or_equiv 
_atom_site.pdbx_formal_charge 
_atom_site.auth_seq_id 
_atom_site.auth_comp_id 
_atom_site.auth_asym_id 
_atom_site.auth_atom_id 
_atom_site.pdbx_PDB_model_num 
ATOM   1    N N   . ALA A 1 1   ? 3.257   -7.604  -20.059 1.00 55.29 ? 4   ALA A N   1 
ATOM   2    C CA  . ALA A 1 1   ? 2.193   -6.859  -19.391 1.00 60.96 ? 4   ALA A CA  1 
ATOM   3    C C   . ALA A 1 1   ? 2.533   -6.624  -17.920 1.00 59.79 ? 4   ALA A C   1 
ATOM   4    O O   . ALA A 1 1   ? 3.549   -7.117  -17.420 1.00 61.26 ? 4   ALA A O   1 
ATOM   5    C CB  . ALA A 1 1   ? 0.867   -7.595  -19.519 1.00 57.13 ? 4   ALA A CB  1 
ATOM   6    N N   . THR A 1 2   ? 1.674   -5.872  -17.234 1.00 56.83 ? 5   THR A N   1 
ATOM   7    C CA  . THR A 1 2   ? 1.876   -5.490  -15.842 1.00 51.93 ? 5   THR A CA  1 
ATOM   8    C C   . THR A 1 2   ? 0.684   -5.948  -15.014 1.00 48.07 ? 5   THR A C   1 
ATOM   9    O O   . THR A 1 2   ? -0.466  -5.689  -15.382 1.00 50.44 ? 5   THR A O   1 
ATOM   10   C CB  . THR A 1 2   ? 2.049   -3.972  -15.701 1.00 46.09 ? 5   THR A CB  1 
ATOM   11   O OG1 . THR A 1 2   ? 3.245   -3.559  -16.371 1.00 54.75 ? 5   THR A OG1 1 
ATOM   12   C CG2 . THR A 1 2   ? 2.138   -3.570  -14.229 1.00 44.47 ? 5   THR A CG2 1 
ATOM   13   N N   . LYS A 1 3   ? 0.960   -6.621  -13.899 1.00 41.45 ? 6   LYS A N   1 
ATOM   14   C CA  . LYS A 1 3   ? -0.068  -7.030  -12.956 1.00 35.68 ? 6   LYS A CA  1 
ATOM   15   C C   . LYS A 1 3   ? -0.127  -6.059  -11.777 1.00 36.02 ? 6   LYS A C   1 
ATOM   16   O O   . LYS A 1 3   ? 0.884   -5.467  -11.386 1.00 33.39 ? 6   LYS A O   1 
ATOM   17   C CB  . LYS A 1 3   ? 0.189   -8.455  -12.462 1.00 35.10 ? 6   LYS A CB  1 
ATOM   18   C CG  . LYS A 1 3   ? 0.021   -9.532  -13.534 1.00 38.03 ? 6   LYS A CG  1 
ATOM   19   C CD  . LYS A 1 3   ? 0.228   -10.927 -12.937 1.00 38.75 ? 6   LYS A CD  1 
ATOM   20   C CE  . LYS A 1 3   ? 0.187   -12.023 -14.001 1.00 57.24 ? 6   LYS A CE  1 
ATOM   21   N NZ  . LYS A 1 3   ? -1.111  -12.059 -14.743 1.00 58.47 ? 6   LYS A NZ  1 
ATOM   22   N N   . HIS A 1 4   ? -1.330  -5.889  -11.221 1.00 34.23 ? 7   HIS A N   1 
ATOM   23   C CA  . HIS A 1 4   ? -1.584  -4.949  -10.133 1.00 30.85 ? 7   HIS A CA  1 
ATOM   24   C C   . HIS A 1 4   ? -2.324  -5.655  -9.006  1.00 29.51 ? 7   HIS A C   1 
ATOM   25   O O   . HIS A 1 4   ? -3.352  -6.293  -9.244  1.00 26.92 ? 7   HIS A O   1 
ATOM   26   C CB  . HIS A 1 4   ? -2.409  -3.744  -10.613 1.00 38.64 ? 7   HIS A CB  1 
ATOM   27   C CG  . HIS A 1 4   ? -1.848  -3.076  -11.830 1.00 40.94 ? 7   HIS A CG  1 
ATOM   28   N ND1 . HIS A 1 4   ? -0.969  -2.015  -11.758 1.00 52.97 ? 7   HIS A ND1 1 
ATOM   29   C CD2 . HIS A 1 4   ? -2.043  -3.314  -13.149 1.00 45.67 ? 7   HIS A CD2 1 
ATOM   30   C CE1 . HIS A 1 4   ? -0.644  -1.630  -12.980 1.00 48.16 ? 7   HIS A CE1 1 
ATOM   31   N NE2 . HIS A 1 4   ? -1.283  -2.401  -13.843 1.00 52.31 ? 7   HIS A NE2 1 
ATOM   32   N N   . PHE A 1 5   ? -1.813  -5.529  -7.786  1.00 23.15 ? 8   PHE A N   1 
ATOM   33   C CA  . PHE A 1 5   ? -2.423  -6.121  -6.601  1.00 24.63 ? 8   PHE A CA  1 
ATOM   34   C C   . PHE A 1 5   ? -2.663  -5.039  -5.559  1.00 27.34 ? 8   PHE A C   1 
ATOM   35   O O   . PHE A 1 5   ? -1.754  -4.260  -5.260  1.00 29.11 ? 8   PHE A O   1 
ATOM   36   C CB  . PHE A 1 5   ? -1.531  -7.200  -6.005  1.00 27.30 ? 8   PHE A CB  1 
ATOM   37   C CG  . PHE A 1 5   ? -1.168  -8.279  -6.970  1.00 29.30 ? 8   PHE A CG  1 
ATOM   38   C CD1 . PHE A 1 5   ? -1.959  -9.411  -7.083  1.00 27.66 ? 8   PHE A CD1 1 
ATOM   39   C CD2 . PHE A 1 5   ? -0.028  -8.171  -7.761  1.00 29.13 ? 8   PHE A CD2 1 
ATOM   40   C CE1 . PHE A 1 5   ? -1.620  -10.428 -7.964  1.00 30.87 ? 8   PHE A CE1 1 
ATOM   41   C CE2 . PHE A 1 5   ? 0.306   -9.180  -8.657  1.00 29.01 ? 8   PHE A CE2 1 
ATOM   42   C CZ  . PHE A 1 5   ? -0.488  -10.306 -8.753  1.00 30.35 ? 8   PHE A CZ  1 
ATOM   43   N N   . THR A 1 6   ? -3.859  -5.023  -4.976  1.00 24.66 ? 9   THR A N   1 
ATOM   44   C CA  . THR A 1 6   ? -4.255  -4.000  -4.009  1.00 24.07 ? 9   THR A CA  1 
ATOM   45   C C   . THR A 1 6   ? -4.426  -4.624  -2.634  1.00 23.00 ? 9   THR A C   1 
ATOM   46   O O   . THR A 1 6   ? -5.137  -5.619  -2.489  1.00 30.09 ? 9   THR A O   1 
ATOM   47   C CB  . THR A 1 6   ? -5.569  -3.329  -4.427  1.00 28.16 ? 9   THR A CB  1 
ATOM   48   O OG1 . THR A 1 6   ? -5.453  -2.861  -5.770  1.00 27.28 ? 9   THR A OG1 1 
ATOM   49   C CG2 . THR A 1 6   ? -5.898  -2.141  -3.501  1.00 26.33 ? 9   THR A CG2 1 
ATOM   50   N N   . LEU A 1 7   ? -3.784  -4.038  -1.628  1.00 23.84 ? 10  LEU A N   1 
ATOM   51   C CA  . LEU A 1 7   ? -3.921  -4.467  -0.243  1.00 23.99 ? 10  LEU A CA  1 
ATOM   52   C C   . LEU A 1 7   ? -4.471  -3.326  0.600   1.00 26.41 ? 10  LEU A C   1 
ATOM   53   O O   . LEU A 1 7   ? -4.097  -2.170  0.400   1.00 21.31 ? 10  LEU A O   1 
ATOM   54   C CB  . LEU A 1 7   ? -2.585  -4.905  0.342   1.00 25.26 ? 10  LEU A CB  1 
ATOM   55   C CG  . LEU A 1 7   ? -1.896  -6.042  -0.407  1.00 31.71 ? 10  LEU A CG  1 
ATOM   56   C CD1 . LEU A 1 7   ? -0.412  -5.815  -0.392  1.00 33.30 ? 10  LEU A CD1 1 
ATOM   57   C CD2 . LEU A 1 7   ? -2.234  -7.332  0.266   1.00 32.38 ? 10  LEU A CD2 1 
ATOM   58   N N   . LYS A 1 8   ? -5.317  -3.664  1.570   1.00 23.06 ? 11  LYS A N   1 
ATOM   59   C CA  . LYS A 1 8   ? -5.964  -2.653  2.405   1.00 23.56 ? 11  LYS A CA  1 
ATOM   60   C C   . LYS A 1 8   ? -5.022  -2.231  3.522   1.00 20.23 ? 11  LYS A C   1 
ATOM   61   O O   . LYS A 1 8   ? -4.617  -3.055  4.340   1.00 21.05 ? 11  LYS A O   1 
ATOM   62   C CB  . LYS A 1 8   ? -7.267  -3.191  2.997   1.00 28.99 ? 11  LYS A CB  1 
ATOM   63   C CG  . LYS A 1 8   ? -8.358  -3.477  1.972   1.00 25.13 ? 11  LYS A CG  1 
ATOM   64   C CD  . LYS A 1 8   ? -9.561  -4.127  2.654   1.00 31.68 ? 11  LYS A CD  1 
ATOM   65   C CE  . LYS A 1 8   ? -10.823 -4.036  1.806   1.00 41.14 ? 11  LYS A CE  1 
ATOM   66   N NZ  . LYS A 1 8   ? -10.737 -4.854  0.571   1.00 36.44 ? 11  LYS A NZ  1 
ATOM   67   N N   . SER A 1 9   ? -4.714  -0.935  3.582   1.00 20.01 ? 12  SER A N   1 
ATOM   68   C CA  A SER A 1 9   ? -3.806  -0.417  4.600   0.55 21.00 ? 12  SER A CA  1 
ATOM   69   C CA  B SER A 1 9   ? -3.788  -0.459  4.603   0.45 21.05 ? 12  SER A CA  1 
ATOM   70   C C   . SER A 1 9   ? -4.306  -0.723  6.007   1.00 24.75 ? 12  SER A C   1 
ATOM   71   O O   . SER A 1 9   ? -3.512  -1.014  6.908   1.00 24.37 ? 12  SER A O   1 
ATOM   72   C CB  A SER A 1 9   ? -3.636  1.093   4.391   0.55 22.24 ? 12  SER A CB  1 
ATOM   73   C CB  B SER A 1 9   ? -3.506  1.031   4.409   0.45 22.25 ? 12  SER A CB  1 
ATOM   74   O OG  A SER A 1 9   ? -2.739  1.662   5.319   0.55 26.24 ? 12  SER A OG  1 
ATOM   75   O OG  B SER A 1 9   ? -2.582  1.216   3.358   0.45 21.51 ? 12  SER A OG  1 
ATOM   76   N N   . ASP A 1 10  ? -5.632  -0.645  6.218   1.00 22.30 ? 13  ASP A N   1 
ATOM   77   C CA  . ASP A 1 10  ? -6.204  -0.871  7.547   1.00 21.69 ? 13  ASP A CA  1 
ATOM   78   C C   . ASP A 1 10  ? -5.993  -2.305  8.021   1.00 22.20 ? 13  ASP A C   1 
ATOM   79   O O   . ASP A 1 10  ? -5.952  -2.557  9.228   1.00 26.56 ? 13  ASP A O   1 
ATOM   80   C CB  . ASP A 1 10  ? -7.708  -0.589  7.564   1.00 22.31 ? 13  ASP A CB  1 
ATOM   81   C CG  . ASP A 1 10  ? -8.065  0.885   7.389   1.00 28.24 ? 13  ASP A CG  1 
ATOM   82   O OD1 . ASP A 1 10  ? -7.165  1.750   7.276   1.00 24.01 ? 13  ASP A OD1 1 
ATOM   83   O OD2 . ASP A 1 10  ? -9.290  1.164   7.348   1.00 26.57 ? 13  ASP A OD2 1 
ATOM   84   N N   . VAL A 1 11  ? -5.915  -3.254  7.092   1.00 20.56 ? 14  VAL A N   1 
ATOM   85   C CA  . VAL A 1 11  ? -5.640  -4.641  7.448   1.00 25.24 ? 14  VAL A CA  1 
ATOM   86   C C   . VAL A 1 11  ? -4.172  -4.819  7.815   1.00 27.50 ? 14  VAL A C   1 
ATOM   87   O O   . VAL A 1 11  ? -3.839  -5.522  8.780   1.00 25.35 ? 14  VAL A O   1 
ATOM   88   C CB  . VAL A 1 11  ? -6.047  -5.561  6.283   1.00 21.40 ? 14  VAL A CB  1 
ATOM   89   C CG1 . VAL A 1 11  ? -5.510  -6.983  6.496   1.00 30.13 ? 14  VAL A CG1 1 
ATOM   90   C CG2 . VAL A 1 11  ? -7.557  -5.577  6.126   1.00 29.10 ? 14  VAL A CG2 1 
ATOM   91   N N   . LEU A 1 12  ? -3.278  -4.163  7.069   1.00 18.31 ? 15  LEU A N   1 
ATOM   92   C CA  . LEU A 1 12  ? -1.837  -4.389  7.213   1.00 20.14 ? 15  LEU A CA  1 
ATOM   93   C C   . LEU A 1 12  ? -1.232  -3.677  8.418   1.00 22.93 ? 15  LEU A C   1 
ATOM   94   O O   . LEU A 1 12  ? -0.269  -4.187  9.007   1.00 21.27 ? 15  LEU A O   1 
ATOM   95   C CB  . LEU A 1 12  ? -1.119  -3.929  5.942   1.00 18.40 ? 15  LEU A CB  1 
ATOM   96   C CG  . LEU A 1 12  ? -0.864  -5.010  4.888   1.00 24.79 ? 15  LEU A CG  1 
ATOM   97   C CD1 . LEU A 1 12  ? -2.160  -5.741  4.535   1.00 27.40 ? 15  LEU A CD1 1 
ATOM   98   C CD2 . LEU A 1 12  ? -0.233  -4.377  3.660   1.00 26.49 ? 15  LEU A CD2 1 
ATOM   99   N N   . PHE A 1 13  ? -1.768  -2.510  8.794   1.00 20.02 ? 16  PHE A N   1 
ATOM   100  C CA  . PHE A 1 13  ? -1.128  -1.621  9.756   1.00 20.13 ? 16  PHE A CA  1 
ATOM   101  C C   . PHE A 1 13  ? -2.161  -1.034  10.702  1.00 24.07 ? 16  PHE A C   1 
ATOM   102  O O   . PHE A 1 13  ? -3.336  -0.901  10.348  1.00 20.93 ? 16  PHE A O   1 
ATOM   103  C CB  . PHE A 1 13  ? -0.417  -0.433  9.065   1.00 19.32 ? 16  PHE A CB  1 
ATOM   104  C CG  . PHE A 1 13  ? 0.445   -0.829  7.904   1.00 19.07 ? 16  PHE A CG  1 
ATOM   105  C CD1 . PHE A 1 13  ? 1.681   -1.409  8.121   1.00 19.74 ? 16  PHE A CD1 1 
ATOM   106  C CD2 . PHE A 1 13  ? 0.022   -0.620  6.601   1.00 16.61 ? 16  PHE A CD2 1 
ATOM   107  C CE1 . PHE A 1 13  ? 2.491   -1.778  7.050   1.00 19.99 ? 16  PHE A CE1 1 
ATOM   108  C CE2 . PHE A 1 13  ? 0.823   -0.977  5.522   1.00 21.64 ? 16  PHE A CE2 1 
ATOM   109  C CZ  . PHE A 1 13  ? 2.061   -1.562  5.752   1.00 21.21 ? 16  PHE A CZ  1 
ATOM   110  N N   . ASN A 1 14  ? -1.693  -0.639  11.888  1.00 21.63 ? 17  ASN A N   1 
ATOM   111  C CA  . ASN A 1 14  ? -2.450  0.151   12.849  1.00 22.38 ? 17  ASN A CA  1 
ATOM   112  C C   . ASN A 1 14  ? -2.193  1.635   12.599  1.00 24.67 ? 17  ASN A C   1 
ATOM   113  O O   . ASN A 1 14  ? -1.232  2.004   11.927  1.00 19.65 ? 17  ASN A O   1 
ATOM   114  C CB  . ASN A 1 14  ? -2.062  -0.227  14.273  1.00 23.26 ? 17  ASN A CB  1 
ATOM   115  C CG  . ASN A 1 14  ? -2.517  -1.627  14.642  1.00 27.82 ? 17  ASN A CG  1 
ATOM   116  O OD1 . ASN A 1 14  ? -3.515  -2.125  14.121  1.00 29.83 ? 17  ASN A OD1 1 
ATOM   117  N ND2 . ASN A 1 14  ? -1.808  -2.253  15.555  1.00 29.48 ? 17  ASN A ND2 1 
ATOM   118  N N   . PHE A 1 15  ? -3.067  2.492   13.138  1.00 22.06 ? 18  PHE A N   1 
ATOM   119  C CA  . PHE A 1 15  ? -2.970  3.914   12.821  1.00 21.15 ? 18  PHE A CA  1 
ATOM   120  C C   . PHE A 1 15  ? -1.628  4.490   13.277  1.00 19.04 ? 18  PHE A C   1 
ATOM   121  O O   . PHE A 1 15  ? -1.079  4.078   14.299  1.00 21.42 ? 18  PHE A O   1 
ATOM   122  C CB  . PHE A 1 15  ? -4.141  4.688   13.457  1.00 19.32 ? 18  PHE A CB  1 
ATOM   123  C CG  . PHE A 1 15  ? -3.928  5.060   14.909  1.00 23.56 ? 18  PHE A CG  1 
ATOM   124  C CD1 . PHE A 1 15  ? -4.295  4.189   15.920  1.00 22.36 ? 18  PHE A CD1 1 
ATOM   125  C CD2 . PHE A 1 15  ? -3.387  6.292   15.260  1.00 22.56 ? 18  PHE A CD2 1 
ATOM   126  C CE1 . PHE A 1 15  ? -4.113  4.517   17.253  1.00 28.95 ? 18  PHE A CE1 1 
ATOM   127  C CE2 . PHE A 1 15  ? -3.198  6.626   16.589  1.00 25.03 ? 18  PHE A CE2 1 
ATOM   128  C CZ  . PHE A 1 15  ? -3.564  5.737   17.593  1.00 27.00 ? 18  PHE A CZ  1 
ATOM   129  N N   . ASN A 1 16  ? -1.107  5.449   12.505  1.00 21.97 ? 19  ASN A N   1 
ATOM   130  C CA  . ASN A 1 16  ? 0.180   6.116   12.720  1.00 20.08 ? 19  ASN A CA  1 
ATOM   131  C C   . ASN A 1 16  ? 1.386   5.189   12.602  1.00 23.70 ? 19  ASN A C   1 
ATOM   132  O O   . ASN A 1 16  ? 2.504   5.624   12.889  1.00 25.72 ? 19  ASN A O   1 
ATOM   133  C CB  . ASN A 1 16  ? 0.274   6.795   14.093  1.00 20.59 ? 19  ASN A CB  1 
ATOM   134  C CG  . ASN A 1 16  ? -0.573  8.056   14.208  1.00 24.86 ? 19  ASN A CG  1 
ATOM   135  O OD1 . ASN A 1 16  ? -1.356  8.390   13.323  1.00 21.78 ? 19  ASN A OD1 1 
ATOM   136  N ND2 . ASN A 1 16  ? -0.409  8.764   15.318  1.00 26.57 ? 19  ASN A ND2 1 
ATOM   137  N N   . LYS A 1 17  ? 1.208   3.927   12.207  1.00 20.17 ? 20  LYS A N   1 
ATOM   138  C CA  . LYS A 1 17  ? 2.284   2.949   12.327  1.00 23.53 ? 20  LYS A CA  1 
ATOM   139  C C   . LYS A 1 17  ? 2.526   2.234   11.007  1.00 22.40 ? 20  LYS A C   1 
ATOM   140  O O   . LYS A 1 17  ? 1.660   2.172   10.133  1.00 20.46 ? 20  LYS A O   1 
ATOM   141  C CB  . LYS A 1 17  ? 1.985   1.909   13.415  1.00 20.91 ? 20  LYS A CB  1 
ATOM   142  C CG  . LYS A 1 17  ? 1.957   2.472   14.815  1.00 28.43 ? 20  LYS A CG  1 
ATOM   143  C CD  . LYS A 1 17  ? 3.304   3.039   15.206  1.00 33.40 ? 20  LYS A CD  1 
ATOM   144  C CE  . LYS A 1 17  ? 3.215   3.816   16.517  1.00 44.81 ? 20  LYS A CE  1 
ATOM   145  N NZ  . LYS A 1 17  ? 2.478   3.050   17.563  1.00 56.01 ? 20  LYS A NZ  1 
ATOM   146  N N   . ALA A 1 18  ? 3.725   1.652   10.881  1.00 20.18 ? 21  ALA A N   1 
ATOM   147  C CA  . ALA A 1 18  ? 4.076   0.925   9.672   1.00 21.55 ? 21  ALA A CA  1 
ATOM   148  C C   . ALA A 1 18  ? 4.552   -0.491  9.988   1.00 25.20 ? 21  ALA A C   1 
ATOM   149  O O   . ALA A 1 18  ? 5.151   -1.135  9.132   1.00 27.04 ? 21  ALA A O   1 
ATOM   150  C CB  . ALA A 1 18  ? 5.138   1.684   8.864   1.00 21.18 ? 21  ALA A CB  1 
ATOM   151  N N   . THR A 1 19  ? 4.285   -0.990  11.191  1.00 23.47 ? 22  THR A N   1 
ATOM   152  C CA  . THR A 1 19  ? 4.607   -2.370  11.534  1.00 26.20 ? 22  THR A CA  1 
ATOM   153  C C   . THR A 1 19  ? 3.524   -3.299  11.000  1.00 25.55 ? 22  THR A C   1 
ATOM   154  O O   . THR A 1 19  ? 2.338   -3.101  11.281  1.00 22.56 ? 22  THR A O   1 
ATOM   155  C CB  . THR A 1 19  ? 4.727   -2.525  13.050  1.00 28.76 ? 22  THR A CB  1 
ATOM   156  O OG1 . THR A 1 19  ? 5.717   -1.626  13.541  1.00 33.33 ? 22  THR A OG1 1 
ATOM   157  C CG2 . THR A 1 19  ? 5.138   -3.949  13.422  1.00 30.37 ? 22  THR A CG2 1 
ATOM   158  N N   . LEU A 1 20  ? 3.928   -4.311  10.225  1.00 22.32 ? 23  LEU A N   1 
ATOM   159  C CA  . LEU A 1 20  ? 2.962   -5.211  9.604   1.00 25.83 ? 23  LEU A CA  1 
ATOM   160  C C   . LEU A 1 20  ? 2.284   -6.067  10.663  1.00 27.22 ? 23  LEU A C   1 
ATOM   161  O O   . LEU A 1 20  ? 2.954   -6.779  11.415  1.00 29.93 ? 23  LEU A O   1 
ATOM   162  C CB  . LEU A 1 20  ? 3.647   -6.118  8.585   1.00 25.33 ? 23  LEU A CB  1 
ATOM   163  C CG  . LEU A 1 20  ? 3.823   -5.688  7.142   1.00 28.20 ? 23  LEU A CG  1 
ATOM   164  C CD1 . LEU A 1 20  ? 4.769   -6.698  6.488   1.00 24.51 ? 23  LEU A CD1 1 
ATOM   165  C CD2 . LEU A 1 20  ? 2.477   -5.598  6.401   1.00 22.05 ? 23  LEU A CD2 1 
ATOM   166  N N   . LYS A 1 21  ? 0.958   -6.022  10.699  1.00 28.03 ? 24  LYS A N   1 
ATOM   167  C CA  A LYS A 1 21  ? 0.198   -6.864  11.600  0.32 27.67 ? 24  LYS A CA  1 
ATOM   168  C CA  B LYS A 1 21  ? 0.192   -6.864  11.599  0.68 27.70 ? 24  LYS A CA  1 
ATOM   169  C C   . LYS A 1 21  ? 0.233   -8.314  11.119  1.00 31.06 ? 24  LYS A C   1 
ATOM   170  O O   . LYS A 1 21  ? 0.570   -8.584  9.963   1.00 25.10 ? 24  LYS A O   1 
ATOM   171  C CB  A LYS A 1 21  ? -1.245  -6.369  11.690  0.32 28.21 ? 24  LYS A CB  1 
ATOM   172  C CB  B LYS A 1 21  ? -1.255  -6.374  11.678  0.68 28.09 ? 24  LYS A CB  1 
ATOM   173  C CG  A LYS A 1 21  ? -1.381  -4.941  12.188  0.32 25.65 ? 24  LYS A CG  1 
ATOM   174  C CG  B LYS A 1 21  ? -1.420  -5.004  12.317  0.68 25.46 ? 24  LYS A CG  1 
ATOM   175  C CD  A LYS A 1 21  ? -2.785  -4.400  11.941  0.32 30.04 ? 24  LYS A CD  1 
ATOM   176  C CD  B LYS A 1 21  ? -2.695  -4.302  11.845  0.68 30.17 ? 24  LYS A CD  1 
ATOM   177  C CE  A LYS A 1 21  ? -3.849  -5.281  12.577  0.32 35.04 ? 24  LYS A CE  1 
ATOM   178  C CE  B LYS A 1 21  ? -3.969  -5.027  12.273  0.68 35.42 ? 24  LYS A CE  1 
ATOM   179  N NZ  A LYS A 1 21  ? -5.206  -4.991  12.037  0.32 33.20 ? 24  LYS A NZ  1 
ATOM   180  N NZ  B LYS A 1 21  ? -4.255  -4.898  13.736  0.68 33.48 ? 24  LYS A NZ  1 
ATOM   181  N N   . PRO A 1 22  ? -0.102  -9.271  11.997  1.00 31.97 ? 25  PRO A N   1 
ATOM   182  C CA  . PRO A 1 22  ? -0.144  -10.677 11.546  1.00 34.78 ? 25  PRO A CA  1 
ATOM   183  C C   . PRO A 1 22  ? -1.047  -10.888 10.346  1.00 31.79 ? 25  PRO A C   1 
ATOM   184  O O   . PRO A 1 22  ? -0.707  -11.656 9.440   1.00 29.53 ? 25  PRO A O   1 
ATOM   185  C CB  . PRO A 1 22  ? -0.664  -11.425 12.785  1.00 32.48 ? 25  PRO A CB  1 
ATOM   186  C CG  . PRO A 1 22  ? -0.227  -10.582 13.936  1.00 39.72 ? 25  PRO A CG  1 
ATOM   187  C CD  . PRO A 1 22  ? -0.320  -9.152  13.452  1.00 31.25 ? 25  PRO A CD  1 
ATOM   188  N N   . GLU A 1 23  ? -2.192  -10.203 10.313  1.00 27.66 ? 26  GLU A N   1 
ATOM   189  C CA  . GLU A 1 23  ? -3.080  -10.298 9.162   1.00 29.95 ? 26  GLU A CA  1 
ATOM   190  C C   . GLU A 1 23  ? -2.431  -9.728  7.907   1.00 27.69 ? 26  GLU A C   1 
ATOM   191  O O   . GLU A 1 23  ? -2.746  -10.168 6.793   1.00 25.96 ? 26  GLU A O   1 
ATOM   192  C CB  . GLU A 1 23  ? -4.392  -9.568  9.451   1.00 35.72 ? 26  GLU A CB  1 
ATOM   193  C CG  . GLU A 1 23  ? -5.141  -10.072 10.678  1.00 44.25 ? 26  GLU A CG  1 
ATOM   194  C CD  . GLU A 1 23  ? -4.679  -9.426  11.980  1.00 45.72 ? 26  GLU A CD  1 
ATOM   195  O OE1 . GLU A 1 23  ? -3.552  -8.893  12.035  1.00 37.37 ? 26  GLU A OE1 1 
ATOM   196  O OE2 . GLU A 1 23  ? -5.463  -9.438  12.954  1.00 61.20 ? 26  GLU A OE2 1 
ATOM   197  N N   . GLY A 1 24  ? -1.540  -8.742  8.061   1.00 26.85 ? 27  GLY A N   1 
ATOM   198  C CA  . GLY A 1 24  ? -0.840  -8.217  6.899   1.00 23.55 ? 27  GLY A CA  1 
ATOM   199  C C   . GLY A 1 24  ? 0.229   -9.175  6.404   1.00 23.18 ? 27  GLY A C   1 
ATOM   200  O O   . GLY A 1 24  ? 0.419   -9.348  5.199   1.00 24.24 ? 27  GLY A O   1 
ATOM   201  N N   . GLN A 1 25  ? 0.944   -9.803  7.331   1.00 23.42 ? 28  GLN A N   1 
ATOM   202  C CA  . GLN A 1 25  ? 1.916   -10.821 6.955   1.00 28.56 ? 28  GLN A CA  1 
ATOM   203  C C   . GLN A 1 25  ? 1.257   -11.973 6.199   1.00 25.74 ? 28  GLN A C   1 
ATOM   204  O O   . GLN A 1 25  ? 1.802   -12.464 5.201   1.00 26.17 ? 28  GLN A O   1 
ATOM   205  C CB  . GLN A 1 25  ? 2.630   -11.314 8.209   1.00 26.16 ? 28  GLN A CB  1 
ATOM   206  C CG  . GLN A 1 25  ? 3.326   -10.184 8.946   1.00 31.02 ? 28  GLN A CG  1 
ATOM   207  C CD  . GLN A 1 25  ? 3.800   -10.584 10.315  1.00 36.10 ? 28  GLN A CD  1 
ATOM   208  O OE1 . GLN A 1 25  ? 4.232   -11.714 10.525  1.00 40.15 ? 28  GLN A OE1 1 
ATOM   209  N NE2 . GLN A 1 25  ? 3.709   -9.663  11.265  1.00 34.87 ? 28  GLN A NE2 1 
ATOM   210  N N   . GLN A 1 26  ? 0.081   -12.418 6.650   1.00 27.33 ? 29  GLN A N   1 
ATOM   211  C CA  . GLN A 1 26  ? -0.585  -13.521 5.959   1.00 31.25 ? 29  GLN A CA  1 
ATOM   212  C C   . GLN A 1 26  ? -1.032  -13.121 4.556   1.00 30.20 ? 29  GLN A C   1 
ATOM   213  O O   . GLN A 1 26  ? -0.927  -13.918 3.621   1.00 28.84 ? 29  GLN A O   1 
ATOM   214  C CB  . GLN A 1 26  ? -1.768  -14.020 6.781   1.00 36.70 ? 29  GLN A CB  1 
ATOM   215  C CG  . GLN A 1 26  ? -1.332  -14.754 8.026   1.00 44.12 ? 29  GLN A CG  1 
ATOM   216  C CD  . GLN A 1 26  ? -2.429  -14.841 9.058   1.00 57.45 ? 29  GLN A CD  1 
ATOM   217  O OE1 . GLN A 1 26  ? -3.588  -14.538 8.770   1.00 54.24 ? 29  GLN A OE1 1 
ATOM   218  N NE2 . GLN A 1 26  ? -2.068  -15.258 10.269  1.00 57.14 ? 29  GLN A NE2 1 
ATOM   219  N N   . ALA A 1 27  ? -1.518  -11.890 4.382   1.00 26.31 ? 30  ALA A N   1 
ATOM   220  C CA  . ALA A 1 27  ? -1.891  -11.441 3.042   1.00 31.31 ? 30  ALA A CA  1 
ATOM   221  C C   . ALA A 1 27  ? -0.672  -11.357 2.133   1.00 31.12 ? 30  ALA A C   1 
ATOM   222  O O   . ALA A 1 27  ? -0.741  -11.718 0.951   1.00 32.69 ? 30  ALA A O   1 
ATOM   223  C CB  . ALA A 1 27  ? -2.607  -10.089 3.114   1.00 27.22 ? 30  ALA A CB  1 
ATOM   224  N N   . LEU A 1 28  ? 0.460   -10.891 2.659   1.00 24.25 ? 31  LEU A N   1 
ATOM   225  C CA  . LEU A 1 28  ? 1.670   -10.904 1.843   1.00 24.66 ? 31  LEU A CA  1 
ATOM   226  C C   . LEU A 1 28  ? 2.164   -12.331 1.614   1.00 30.91 ? 31  LEU A C   1 
ATOM   227  O O   . LEU A 1 28  ? 2.756   -12.619 0.567   1.00 34.58 ? 31  LEU A O   1 
ATOM   228  C CB  . LEU A 1 28  ? 2.753   -10.047 2.494   1.00 22.41 ? 31  LEU A CB  1 
ATOM   229  C CG  . LEU A 1 28  ? 2.399   -8.558  2.579   1.00 23.73 ? 31  LEU A CG  1 
ATOM   230  C CD1 . LEU A 1 28  ? 3.493   -7.787  3.281   1.00 24.55 ? 31  LEU A CD1 1 
ATOM   231  C CD2 . LEU A 1 28  ? 2.132   -7.982  1.185   1.00 22.43 ? 31  LEU A CD2 1 
ATOM   232  N N   . ASP A 1 29  ? 1.939   -13.234 2.574   1.00 28.27 ? 32  ASP A N   1 
ATOM   233  C CA  . ASP A 1 29  ? 2.270   -14.640 2.338   1.00 30.02 ? 32  ASP A CA  1 
ATOM   234  C C   . ASP A 1 29  ? 1.470   -15.194 1.165   1.00 33.21 ? 32  ASP A C   1 
ATOM   235  O O   . ASP A 1 29  ? 2.027   -15.837 0.268   1.00 36.08 ? 32  ASP A O   1 
ATOM   236  C CB  . ASP A 1 29  ? 1.997   -15.484 3.583   1.00 34.10 ? 32  ASP A CB  1 
ATOM   237  C CG  . ASP A 1 29  ? 3.017   -15.276 4.688   1.00 32.61 ? 32  ASP A CG  1 
ATOM   238  O OD1 . ASP A 1 29  ? 4.130   -14.760 4.430   1.00 35.71 ? 32  ASP A OD1 1 
ATOM   239  O OD2 . ASP A 1 29  ? 2.683   -15.638 5.837   1.00 34.93 ? 32  ASP A OD2 1 
ATOM   240  N N   . GLN A 1 30  ? 0.155   -14.964 1.164   1.00 37.12 ? 33  GLN A N   1 
ATOM   241  C CA  . GLN A 1 30  ? -0.712  -15.522 0.133   1.00 41.45 ? 33  GLN A CA  1 
ATOM   242  C C   . GLN A 1 30  ? -0.436  -14.933 -1.234  1.00 48.76 ? 33  GLN A C   1 
ATOM   243  O O   . GLN A 1 30  ? -0.934  -15.455 -2.236  1.00 56.47 ? 33  GLN A O   1 
ATOM   244  C CB  . GLN A 1 30  ? -2.180  -15.292 0.482   1.00 40.87 ? 33  GLN A CB  1 
ATOM   245  C CG  . GLN A 1 30  ? -2.682  -16.043 1.702   1.00 46.45 ? 33  GLN A CG  1 
ATOM   246  C CD  . GLN A 1 30  ? -4.067  -15.575 2.121   1.00 65.00 ? 33  GLN A CD  1 
ATOM   247  O OE1 . GLN A 1 30  ? -4.660  -14.706 1.474   1.00 68.04 ? 33  GLN A OE1 1 
ATOM   248  N NE2 . GLN A 1 30  ? -4.583  -16.135 3.214   1.00 65.32 ? 33  GLN A NE2 1 
ATOM   249  N N   . LEU A 1 31  ? 0.334   -13.855 -1.292  1.00 43.43 ? 34  LEU A N   1 
ATOM   250  C CA  . LEU A 1 31  ? 0.634   -13.187 -2.539  1.00 43.64 ? 34  LEU A CA  1 
ATOM   251  C C   . LEU A 1 31  ? 2.072   -13.405 -2.989  1.00 45.08 ? 34  LEU A C   1 
ATOM   252  O O   . LEU A 1 31  ? 2.375   -13.193 -4.167  1.00 43.81 ? 34  LEU A O   1 
ATOM   253  C CB  . LEU A 1 31  ? 0.304   -11.697 -2.369  1.00 50.56 ? 34  LEU A CB  1 
ATOM   254  C CG  . LEU A 1 31  ? 0.130   -10.693 -3.488  1.00 51.60 ? 34  LEU A CG  1 
ATOM   255  C CD1 . LEU A 1 31  ? -1.185  -9.910  -3.243  1.00 51.91 ? 34  LEU A CD1 1 
ATOM   256  C CD2 . LEU A 1 31  ? 1.304   -9.782  -3.410  1.00 55.54 ? 34  LEU A CD2 1 
ATOM   257  N N   . TYR A 1 32  ? 2.936   -13.909 -2.103  1.00 41.24 ? 35  TYR A N   1 
ATOM   258  C CA  . TYR A 1 32  ? 4.357   -14.019 -2.407  1.00 42.88 ? 35  TYR A CA  1 
ATOM   259  C C   . TYR A 1 32  ? 4.625   -14.901 -3.623  1.00 47.36 ? 35  TYR A C   1 
ATOM   260  O O   . TYR A 1 32  ? 5.577   -14.646 -4.364  1.00 50.32 ? 35  TYR A O   1 
ATOM   261  C CB  . TYR A 1 32  ? 5.114   -14.546 -1.189  1.00 38.02 ? 35  TYR A CB  1 
ATOM   262  C CG  . TYR A 1 32  ? 6.543   -14.942 -1.481  1.00 45.38 ? 35  TYR A CG  1 
ATOM   263  C CD1 . TYR A 1 32  ? 7.535   -13.984 -1.660  1.00 40.04 ? 35  TYR A CD1 1 
ATOM   264  C CD2 . TYR A 1 32  ? 6.897   -16.276 -1.587  1.00 38.79 ? 35  TYR A CD2 1 
ATOM   265  C CE1 . TYR A 1 32  ? 8.844   -14.355 -1.930  1.00 40.09 ? 35  TYR A CE1 1 
ATOM   266  C CE2 . TYR A 1 32  ? 8.192   -16.653 -1.859  1.00 42.01 ? 35  TYR A CE2 1 
ATOM   267  C CZ  . TYR A 1 32  ? 9.163   -15.695 -2.031  1.00 45.46 ? 35  TYR A CZ  1 
ATOM   268  O OH  . TYR A 1 32  ? 10.455  -16.094 -2.301  1.00 48.47 ? 35  TYR A OH  1 
ATOM   269  N N   . THR A 1 33  ? 3.806   -15.928 -3.863  1.00 48.48 ? 36  THR A N   1 
ATOM   270  C CA  . THR A 1 33  ? 4.079   -16.778 -5.017  1.00 58.47 ? 36  THR A CA  1 
ATOM   271  C C   . THR A 1 33  ? 3.665   -16.096 -6.322  1.00 60.30 ? 36  THR A C   1 
ATOM   272  O O   . THR A 1 33  ? 4.413   -16.124 -7.306  1.00 58.85 ? 36  THR A O   1 
ATOM   273  C CB  . THR A 1 33  ? 3.398   -18.139 -4.865  1.00 55.35 ? 36  THR A CB  1 
ATOM   274  O OG1 . THR A 1 33  ? 3.758   -18.970 -5.975  1.00 68.78 ? 36  THR A OG1 1 
ATOM   275  C CG2 . THR A 1 33  ? 1.877   -18.002 -4.789  1.00 59.27 ? 36  THR A CG2 1 
ATOM   276  N N   . GLN A 1 34  ? 2.497   -15.446 -6.342  1.00 48.93 ? 37  GLN A N   1 
ATOM   277  C CA  . GLN A 1 34  ? 2.078   -14.730 -7.530  1.00 57.60 ? 37  GLN A CA  1 
ATOM   278  C C   . GLN A 1 34  ? 3.081   -13.645 -7.914  1.00 64.12 ? 37  GLN A C   1 
ATOM   279  O O   . GLN A 1 34  ? 3.134   -13.246 -9.083  1.00 71.43 ? 37  GLN A O   1 
ATOM   280  C CB  . GLN A 1 34  ? 0.687   -14.128 -7.317  1.00 52.52 ? 37  GLN A CB  1 
ATOM   281  C CG  . GLN A 1 34  ? -0.358  -15.142 -6.837  1.00 50.06 ? 37  GLN A CG  1 
ATOM   282  C CD  . GLN A 1 34  ? -1.668  -14.490 -6.410  1.00 47.09 ? 37  GLN A CD  1 
ATOM   283  O OE1 . GLN A 1 34  ? -2.058  -14.562 -5.241  1.00 51.14 ? 37  GLN A OE1 1 
ATOM   284  N NE2 . GLN A 1 34  ? -2.362  -13.863 -7.364  1.00 42.51 ? 37  GLN A NE2 1 
ATOM   285  N N   . LEU A 1 35  ? 3.891   -13.169 -6.971  1.00 61.43 ? 38  LEU A N   1 
ATOM   286  C CA  . LEU A 1 35  ? 5.003   -12.290 -7.292  1.00 57.65 ? 38  LEU A CA  1 
ATOM   287  C C   . LEU A 1 35  ? 6.327   -13.022 -7.352  1.00 64.55 ? 38  LEU A C   1 
ATOM   288  O O   . LEU A 1 35  ? 7.329   -12.431 -7.774  1.00 70.47 ? 38  LEU A O   1 
ATOM   289  C CB  . LEU A 1 35  ? 5.160   -11.202 -6.248  1.00 53.26 ? 38  LEU A CB  1 
ATOM   290  C CG  . LEU A 1 35  ? 4.009   -10.555 -5.538  1.00 58.16 ? 38  LEU A CG  1 
ATOM   291  C CD1 . LEU A 1 35  ? 4.700   -9.952  -4.344  1.00 52.48 ? 38  LEU A CD1 1 
ATOM   292  C CD2 . LEU A 1 35  ? 3.361   -9.481  -6.394  1.00 61.73 ? 38  LEU A CD2 1 
ATOM   293  N N   . SER A 1 36  ? 6.376   -14.263 -6.866  1.00 68.15 ? 39  SER A N   1 
ATOM   294  C CA  . SER A 1 36  ? 7.608   -15.036 -6.954  1.00 65.01 ? 39  SER A CA  1 
ATOM   295  C C   . SER A 1 36  ? 7.913   -15.397 -8.397  1.00 68.58 ? 39  SER A C   1 
ATOM   296  O O   . SER A 1 36  ? 9.080   -15.572 -8.766  1.00 65.66 ? 39  SER A O   1 
ATOM   297  C CB  . SER A 1 36  ? 7.488   -16.292 -6.092  1.00 57.68 ? 39  SER A CB  1 
ATOM   298  O OG  . SER A 1 36  ? 8.748   -16.904 -5.893  1.00 57.64 ? 39  SER A OG  1 
ATOM   299  N N   . ASN A 1 37  ? 6.872   -15.498 -9.230  1.00 72.47 ? 40  ASN A N   1 
ATOM   300  C CA  . ASN A 1 37  ? 6.994   -15.878 -10.633 1.00 70.13 ? 40  ASN A CA  1 
ATOM   301  C C   . ASN A 1 37  ? 7.339   -14.698 -11.533 1.00 71.51 ? 40  ASN A C   1 
ATOM   302  O O   . ASN A 1 37  ? 7.015   -14.717 -12.728 1.00 71.34 ? 40  ASN A O   1 
ATOM   303  C CB  . ASN A 1 37  ? 5.704   -16.553 -11.096 1.00 69.45 ? 40  ASN A CB  1 
ATOM   304  C CG  . ASN A 1 37  ? 5.427   -17.846 -10.344 1.00 74.70 ? 40  ASN A CG  1 
ATOM   305  O OD1 . ASN A 1 37  ? 6.150   -18.205 -9.411  1.00 73.32 ? 40  ASN A OD1 1 
ATOM   306  N ND2 . ASN A 1 37  ? 4.377   -18.552 -10.748 1.00 79.17 ? 40  ASN A ND2 1 
ATOM   307  N N   . MET A 1 38  ? 7.980   -13.668 -10.985 1.00 67.94 ? 41  MET A N   1 
ATOM   308  C CA  . MET A 1 38  ? 8.529   -12.595 -11.795 1.00 66.69 ? 41  MET A CA  1 
ATOM   309  C C   . MET A 1 38  ? 9.512   -13.147 -12.822 1.00 70.63 ? 41  MET A C   1 
ATOM   310  O O   . MET A 1 38  ? 10.075  -14.235 -12.664 1.00 69.20 ? 41  MET A O   1 
ATOM   311  C CB  . MET A 1 38  ? 9.255   -11.574 -10.918 1.00 57.44 ? 41  MET A CB  1 
ATOM   312  C CG  . MET A 1 38  ? 8.428   -10.379 -10.515 1.00 63.43 ? 41  MET A CG  1 
ATOM   313  S SD  . MET A 1 38  ? 9.412   -9.183  -9.592  1.00 56.48 ? 41  MET A SD  1 
ATOM   314  C CE  . MET A 1 38  ? 9.641   -10.055 -8.047  1.00 57.01 ? 41  MET A CE  1 
ATOM   315  N N   . ASP A 1 39  ? 9.721   -12.374 -13.877 1.00 71.53 ? 42  ASP A N   1 
ATOM   316  C CA  . ASP A 1 39  ? 10.783  -12.681 -14.822 1.00 74.29 ? 42  ASP A CA  1 
ATOM   317  C C   . ASP A 1 39  ? 12.136  -12.434 -14.162 1.00 74.88 ? 42  ASP A C   1 
ATOM   318  O O   . ASP A 1 39  ? 12.370  -11.341 -13.629 1.00 72.51 ? 42  ASP A O   1 
ATOM   319  C CB  . ASP A 1 39  ? 10.638  -11.829 -16.081 1.00 77.56 ? 42  ASP A CB  1 
ATOM   320  C CG  . ASP A 1 39  ? 11.598  -12.244 -17.179 1.00 83.57 ? 42  ASP A CG  1 
ATOM   321  O OD1 . ASP A 1 39  ? 11.140  -12.874 -18.157 1.00 88.27 ? 42  ASP A OD1 1 
ATOM   322  O OD2 . ASP A 1 39  ? 12.807  -11.946 -17.064 1.00 81.89 ? 42  ASP A OD2 1 
ATOM   323  N N   . PRO A 1 40  ? 13.047  -13.413 -14.166 1.00 74.76 ? 43  PRO A N   1 
ATOM   324  C CA  . PRO A 1 40  ? 14.332  -13.222 -13.469 1.00 75.73 ? 43  PRO A CA  1 
ATOM   325  C C   . PRO A 1 40  ? 15.213  -12.139 -14.070 1.00 75.99 ? 43  PRO A C   1 
ATOM   326  O O   . PRO A 1 40  ? 16.123  -11.658 -13.382 1.00 73.81 ? 43  PRO A O   1 
ATOM   327  C CB  . PRO A 1 40  ? 14.999  -14.601 -13.577 1.00 74.17 ? 43  PRO A CB  1 
ATOM   328  C CG  . PRO A 1 40  ? 13.868  -15.552 -13.798 1.00 71.16 ? 43  PRO A CG  1 
ATOM   329  C CD  . PRO A 1 40  ? 12.874  -14.797 -14.632 1.00 74.65 ? 43  PRO A CD  1 
ATOM   330  N N   . LYS A 1 41  ? 14.983  -11.740 -15.321 1.00 78.44 ? 44  LYS A N   1 
ATOM   331  C CA  . LYS A 1 41  ? 15.748  -10.667 -15.945 1.00 82.37 ? 44  LYS A CA  1 
ATOM   332  C C   . LYS A 1 41  ? 14.933  -9.397  -16.142 1.00 76.56 ? 44  LYS A C   1 
ATOM   333  O O   . LYS A 1 41  ? 15.392  -8.316  -15.767 1.00 79.37 ? 44  LYS A O   1 
ATOM   334  C CB  . LYS A 1 41  ? 16.329  -11.143 -17.293 1.00 83.25 ? 44  LYS A CB  1 
ATOM   335  C CG  . LYS A 1 41  ? 16.682  -10.050 -18.320 1.00 88.84 ? 44  LYS A CG  1 
ATOM   336  C CD  . LYS A 1 41  ? 17.662  -8.988  -17.808 1.00 92.95 ? 44  LYS A CD  1 
ATOM   337  C CE  . LYS A 1 41  ? 17.617  -7.761  -18.710 1.00 88.63 ? 44  LYS A CE  1 
ATOM   338  N NZ  . LYS A 1 41  ? 16.771  -6.697  -18.076 1.00 78.95 ? 44  LYS A NZ  1 
ATOM   339  N N   . ASP A 1 42  ? 13.724  -9.486  -16.694 1.00 76.97 ? 45  ASP A N   1 
ATOM   340  C CA  . ASP A 1 42  ? 12.917  -8.297  -16.941 1.00 78.60 ? 45  ASP A CA  1 
ATOM   341  C C   . ASP A 1 42  ? 12.007  -7.931  -15.777 1.00 69.42 ? 45  ASP A C   1 
ATOM   342  O O   . ASP A 1 42  ? 11.492  -6.807  -15.742 1.00 64.21 ? 45  ASP A O   1 
ATOM   343  C CB  . ASP A 1 42  ? 12.066  -8.487  -18.203 1.00 81.74 ? 45  ASP A CB  1 
ATOM   344  C CG  . ASP A 1 42  ? 12.905  -8.587  -19.460 1.00 86.62 ? 45  ASP A CG  1 
ATOM   345  O OD1 . ASP A 1 42  ? 13.987  -7.962  -19.511 1.00 89.23 ? 45  ASP A OD1 1 
ATOM   346  O OD2 . ASP A 1 42  ? 12.482  -9.295  -20.398 1.00 84.78 ? 45  ASP A OD2 1 
ATOM   347  N N   . GLY A 1 43  ? 11.810  -8.836  -14.821 1.00 67.12 ? 46  GLY A N   1 
ATOM   348  C CA  . GLY A 1 43  ? 10.812  -8.620  -13.792 1.00 60.23 ? 46  GLY A CA  1 
ATOM   349  C C   . GLY A 1 43  ? 11.249  -7.587  -12.766 1.00 49.81 ? 46  GLY A C   1 
ATOM   350  O O   . GLY A 1 43  ? 12.408  -7.524  -12.360 1.00 43.47 ? 46  GLY A O   1 
ATOM   351  N N   . SER A 1 44  ? 10.292  -6.765  -12.348 1.00 41.40 ? 47  SER A N   1 
ATOM   352  C CA  . SER A 1 44  ? 10.515  -5.868  -11.228 1.00 41.12 ? 47  SER A CA  1 
ATOM   353  C C   . SER A 1 44  ? 9.172   -5.579  -10.581 1.00 40.21 ? 47  SER A C   1 
ATOM   354  O O   . SER A 1 44  ? 8.118   -5.713  -11.208 1.00 36.44 ? 47  SER A O   1 
ATOM   355  C CB  . SER A 1 44  ? 11.203  -4.571  -11.665 1.00 40.16 ? 47  SER A CB  1 
ATOM   356  O OG  . SER A 1 44  ? 10.438  -3.897  -12.646 1.00 42.60 ? 47  SER A OG  1 
ATOM   357  N N   . ALA A 1 45  ? 9.220   -5.186  -9.314  1.00 34.73 ? 48  ALA A N   1 
ATOM   358  C CA  . ALA A 1 45  ? 8.015   -4.859  -8.570  1.00 31.73 ? 48  ALA A CA  1 
ATOM   359  C C   . ALA A 1 45  ? 8.179   -3.493  -7.927  1.00 29.17 ? 48  ALA A C   1 
ATOM   360  O O   . ALA A 1 45  ? 9.257   -3.156  -7.435  1.00 30.02 ? 48  ALA A O   1 
ATOM   361  C CB  . ALA A 1 45  ? 7.712   -5.923  -7.503  1.00 29.42 ? 48  ALA A CB  1 
ATOM   362  N N   . VAL A 1 46  ? 7.115   -2.695  -7.954  1.00 30.00 ? 49  VAL A N   1 
ATOM   363  C CA  . VAL A 1 46  ? 7.076   -1.422  -7.251  1.00 27.36 ? 49  VAL A CA  1 
ATOM   364  C C   . VAL A 1 46  ? 5.936   -1.490  -6.247  1.00 27.94 ? 49  VAL A C   1 
ATOM   365  O O   . VAL A 1 46  ? 4.838   -1.944  -6.583  1.00 26.62 ? 49  VAL A O   1 
ATOM   366  C CB  . VAL A 1 46  ? 6.891   -0.233  -8.213  1.00 32.82 ? 49  VAL A CB  1 
ATOM   367  C CG1 . VAL A 1 46  ? 6.666   1.038   -7.435  1.00 31.75 ? 49  VAL A CG1 1 
ATOM   368  C CG2 . VAL A 1 46  ? 8.104   -0.083  -9.117  1.00 36.00 ? 49  VAL A CG2 1 
ATOM   369  N N   . VAL A 1 47  ? 6.203   -1.061  -5.019  1.00 25.76 ? 50  VAL A N   1 
ATOM   370  C CA  . VAL A 1 47  ? 5.208   -1.043  -3.953  1.00 23.65 ? 50  VAL A CA  1 
ATOM   371  C C   . VAL A 1 47  ? 4.861   0.419   -3.681  1.00 22.61 ? 50  VAL A C   1 
ATOM   372  O O   . VAL A 1 47  ? 5.699   1.188   -3.199  1.00 21.82 ? 50  VAL A O   1 
ATOM   373  C CB  . VAL A 1 47  ? 5.715   -1.753  -2.693  1.00 21.52 ? 50  VAL A CB  1 
ATOM   374  C CG1 . VAL A 1 47  ? 4.650   -1.744  -1.596  1.00 21.64 ? 50  VAL A CG1 1 
ATOM   375  C CG2 . VAL A 1 47  ? 6.056   -3.195  -3.021  1.00 23.74 ? 50  VAL A CG2 1 
ATOM   376  N N   . LEU A 1 48  ? 3.624   0.803   -3.974  1.00 21.08 ? 51  LEU A N   1 
ATOM   377  C CA  . LEU A 1 48  ? 3.186   2.183   -3.814  1.00 22.89 ? 51  LEU A CA  1 
ATOM   378  C C   . LEU A 1 48  ? 2.271   2.286   -2.603  1.00 25.46 ? 51  LEU A C   1 
ATOM   379  O O   . LEU A 1 48  ? 1.309   1.524   -2.484  1.00 27.65 ? 51  LEU A O   1 
ATOM   380  C CB  . LEU A 1 48  ? 2.471   2.674   -5.071  1.00 27.17 ? 51  LEU A CB  1 
ATOM   381  C CG  . LEU A 1 48  ? 3.304   2.507   -6.343  1.00 29.50 ? 51  LEU A CG  1 
ATOM   382  C CD1 . LEU A 1 48  ? 2.747   1.383   -7.179  1.00 31.25 ? 51  LEU A CD1 1 
ATOM   383  C CD2 . LEU A 1 48  ? 3.348   3.812   -7.156  1.00 34.45 ? 51  LEU A CD2 1 
ATOM   384  N N   . GLY A 1 49  ? 2.587   3.204   -1.697  1.00 21.03 ? 52  GLY A N   1 
ATOM   385  C CA  . GLY A 1 49  ? 1.784   3.419   -0.501  1.00 21.52 ? 52  GLY A CA  1 
ATOM   386  C C   . GLY A 1 49  ? 0.927   4.661   -0.675  1.00 21.57 ? 52  GLY A C   1 
ATOM   387  O O   . GLY A 1 49  ? 1.394   5.681   -1.182  1.00 21.53 ? 52  GLY A O   1 
ATOM   388  N N   . TYR A 1 50  ? -0.334  4.556   -0.259  1.00 21.08 ? 53  TYR A N   1 
ATOM   389  C CA  . TYR A 1 50  ? -1.285  5.655   -0.354  1.00 24.00 ? 53  TYR A CA  1 
ATOM   390  C C   . TYR A 1 50  ? -2.035  5.817   0.959   1.00 19.73 ? 53  TYR A C   1 
ATOM   391  O O   . TYR A 1 50  ? -2.271  4.843   1.679   1.00 21.07 ? 53  TYR A O   1 
ATOM   392  C CB  . TYR A 1 50  ? -2.324  5.414   -1.446  1.00 24.24 ? 53  TYR A CB  1 
ATOM   393  C CG  . TYR A 1 50  ? -1.803  5.335   -2.851  1.00 23.71 ? 53  TYR A CG  1 
ATOM   394  C CD1 . TYR A 1 50  ? -1.722  6.471   -3.637  1.00 28.73 ? 53  TYR A CD1 1 
ATOM   395  C CD2 . TYR A 1 50  ? -1.419  4.119   -3.406  1.00 26.36 ? 53  TYR A CD2 1 
ATOM   396  C CE1 . TYR A 1 50  ? -1.264  6.406   -4.935  1.00 27.02 ? 53  TYR A CE1 1 
ATOM   397  C CE2 . TYR A 1 50  ? -0.953  4.047   -4.696  1.00 28.00 ? 53  TYR A CE2 1 
ATOM   398  C CZ  . TYR A 1 50  ? -0.886  5.201   -5.460  1.00 29.49 ? 53  TYR A CZ  1 
ATOM   399  O OH  . TYR A 1 50  ? -0.442  5.163   -6.759  1.00 32.12 ? 53  TYR A OH  1 
ATOM   400  N N   . THR A 1 51  ? -2.453  7.051   1.247   1.00 21.74 ? 54  THR A N   1 
ATOM   401  C CA  . THR A 1 51  ? -3.316  7.334   2.386   1.00 18.61 ? 54  THR A CA  1 
ATOM   402  C C   . THR A 1 51  ? -4.568  8.061   1.904   1.00 19.96 ? 54  THR A C   1 
ATOM   403  O O   . THR A 1 51  ? -4.663  8.470   0.747   1.00 22.34 ? 54  THR A O   1 
ATOM   404  C CB  . THR A 1 51  ? -2.620  8.230   3.424   1.00 22.11 ? 54  THR A CB  1 
ATOM   405  O OG1 . THR A 1 51  ? -2.414  9.531   2.848   1.00 25.86 ? 54  THR A OG1 1 
ATOM   406  C CG2 . THR A 1 51  ? -1.285  7.644   3.878   1.00 20.71 ? 54  THR A CG2 1 
ATOM   407  N N   . ASP A 1 52  ? -5.510  8.269   2.825   1.00 21.78 ? 55  ASP A N   1 
ATOM   408  C CA  . ASP A 1 52  ? -6.633  9.155   2.537   1.00 21.49 ? 55  ASP A CA  1 
ATOM   409  C C   . ASP A 1 52  ? -6.225  10.615  2.768   1.00 23.89 ? 55  ASP A C   1 
ATOM   410  O O   . ASP A 1 52  ? -5.077  10.924  3.101   1.00 21.53 ? 55  ASP A O   1 
ATOM   411  C CB  . ASP A 1 52  ? -7.864  8.741   3.348   1.00 21.34 ? 55  ASP A CB  1 
ATOM   412  C CG  . ASP A 1 52  ? -7.726  8.969   4.863   1.00 24.87 ? 55  ASP A CG  1 
ATOM   413  O OD1 . ASP A 1 52  ? -7.018  9.893   5.335   1.00 25.21 ? 55  ASP A OD1 1 
ATOM   414  O OD2 . ASP A 1 52  ? -8.395  8.223   5.603   1.00 27.44 ? 55  ASP A OD2 1 
ATOM   415  N N   . ARG A 1 53  ? -7.166  11.537  2.557   1.00 20.54 ? 56  ARG A N   1 
ATOM   416  C CA  . ARG A 1 53  ? -6.862  12.964  2.549   1.00 22.05 ? 56  ARG A CA  1 
ATOM   417  C C   . ARG A 1 53  ? -7.022  13.637  3.914   1.00 22.62 ? 56  ARG A C   1 
ATOM   418  O O   . ARG A 1 53  ? -6.914  14.865  4.002   1.00 22.95 ? 56  ARG A O   1 
ATOM   419  C CB  . ARG A 1 53  ? -7.738  13.683  1.511   1.00 23.26 ? 56  ARG A CB  1 
ATOM   420  C CG  . ARG A 1 53  ? -9.216  13.686  1.849   1.00 21.53 ? 56  ARG A CG  1 
ATOM   421  C CD  . ARG A 1 53  ? -10.059 13.984  0.614   1.00 28.27 ? 56  ARG A CD  1 
ATOM   422  N NE  . ARG A 1 53  ? -10.135 12.825  -0.273  1.00 25.68 ? 56  ARG A NE  1 
ATOM   423  C CZ  . ARG A 1 53  ? -10.625 12.858  -1.508  1.00 29.93 ? 56  ARG A CZ  1 
ATOM   424  N NH1 . ARG A 1 53  ? -11.097 13.994  -2.010  1.00 29.77 ? 56  ARG A NH1 1 
ATOM   425  N NH2 . ARG A 1 53  ? -10.651 11.749  -2.242  1.00 26.74 ? 56  ARG A NH2 1 
ATOM   426  N N   . ILE A 1 54  ? -7.270  12.881  4.976   1.00 21.91 ? 57  ILE A N   1 
ATOM   427  C CA  . ILE A 1 54  ? -7.412  13.465  6.308   1.00 21.23 ? 57  ILE A CA  1 
ATOM   428  C C   . ILE A 1 54  ? -6.032  13.692  6.912   1.00 22.93 ? 57  ILE A C   1 
ATOM   429  O O   . ILE A 1 54  ? -5.176  12.804  6.872   1.00 21.48 ? 57  ILE A O   1 
ATOM   430  C CB  . ILE A 1 54  ? -8.267  12.554  7.205   1.00 25.47 ? 57  ILE A CB  1 
ATOM   431  C CG1 . ILE A 1 54  ? -9.685  12.453  6.636   1.00 26.77 ? 57  ILE A CG1 1 
ATOM   432  C CG2 . ILE A 1 54  ? -8.300  13.068  8.646   1.00 26.01 ? 57  ILE A CG2 1 
ATOM   433  C CD1 . ILE A 1 54  ? -10.487 11.333  7.221   1.00 29.77 ? 57  ILE A CD1 1 
ATOM   434  N N   . GLY A 1 55  ? -5.813  14.876  7.471   1.00 25.78 ? 58  GLY A N   1 
ATOM   435  C CA  . GLY A 1 55  ? -4.593  15.169  8.205   1.00 23.55 ? 58  GLY A CA  1 
ATOM   436  C C   . GLY A 1 55  ? -3.563  15.922  7.384   1.00 23.78 ? 58  GLY A C   1 
ATOM   437  O O   . GLY A 1 55  ? -3.857  16.548  6.362   1.00 22.37 ? 58  GLY A O   1 
ATOM   438  N N   . SER A 1 56  ? -2.318  15.837  7.847   1.00 21.97 ? 59  SER A N   1 
ATOM   439  C CA  . SER A 1 56  ? -1.212  16.575  7.247   1.00 21.21 ? 59  SER A CA  1 
ATOM   440  C C   . SER A 1 56  ? -0.720  15.901  5.972   1.00 23.48 ? 59  SER A C   1 
ATOM   441  O O   . SER A 1 56  ? -0.394  14.709  5.970   1.00 18.44 ? 59  SER A O   1 
ATOM   442  C CB  . SER A 1 56  ? -0.055  16.687  8.236   1.00 20.66 ? 59  SER A CB  1 
ATOM   443  O OG  . SER A 1 56  ? 1.149   16.901  7.529   1.00 22.44 ? 59  SER A OG  1 
ATOM   444  N N   . GLU A 1 57  ? -0.615  16.679  4.895   1.00 21.52 ? 60  GLU A N   1 
ATOM   445  C CA  . GLU A 1 57  ? -0.169  16.102  3.629   1.00 26.19 ? 60  GLU A CA  1 
ATOM   446  C C   . GLU A 1 57  ? 1.264   15.574  3.722   1.00 23.73 ? 60  GLU A C   1 
ATOM   447  O O   . GLU A 1 57  ? 1.573   14.499  3.190   1.00 23.59 ? 60  GLU A O   1 
ATOM   448  C CB  . GLU A 1 57  ? -0.296  17.140  2.518   1.00 27.96 ? 60  GLU A CB  1 
ATOM   449  C CG  . GLU A 1 57  ? -0.001  16.585  1.147   1.00 38.26 ? 60  GLU A CG  1 
ATOM   450  C CD  . GLU A 1 57  ? -0.422  17.530  0.046   1.00 51.59 ? 60  GLU A CD  1 
ATOM   451  O OE1 . GLU A 1 57  ? -0.936  18.630  0.368   1.00 45.12 ? 60  GLU A OE1 1 
ATOM   452  O OE2 . GLU A 1 57  ? -0.244  17.160  -1.137  1.00 51.22 ? 60  GLU A OE2 1 
ATOM   453  N N   . ALA A 1 58  ? 2.149   16.303  4.405   1.00 18.95 ? 61  ALA A N   1 
ATOM   454  C CA  . ALA A 1 58  ? 3.526   15.827  4.569   1.00 24.39 ? 61  ALA A CA  1 
ATOM   455  C C   . ALA A 1 58  ? 3.580   14.565  5.418   1.00 21.69 ? 61  ALA A C   1 
ATOM   456  O O   . ALA A 1 58  ? 4.299   13.608  5.083   1.00 19.46 ? 61  ALA A O   1 
ATOM   457  C CB  . ALA A 1 58  ? 4.396   16.924  5.194   1.00 24.79 ? 61  ALA A CB  1 
ATOM   458  N N   . TYR A 1 59  ? 2.843   14.550  6.533   1.00 18.73 ? 62  TYR A N   1 
ATOM   459  C CA  . TYR A 1 59  ? 2.861   13.376  7.402   1.00 20.65 ? 62  TYR A CA  1 
ATOM   460  C C   . TYR A 1 59  ? 2.309   12.156  6.681   1.00 21.06 ? 62  TYR A C   1 
ATOM   461  O O   . TYR A 1 59  ? 2.841   11.047  6.821   1.00 18.77 ? 62  TYR A O   1 
ATOM   462  C CB  . TYR A 1 59  ? 2.063   13.649  8.679   1.00 18.10 ? 62  TYR A CB  1 
ATOM   463  C CG  . TYR A 1 59  ? 1.989   12.458  9.611   1.00 20.77 ? 62  TYR A CG  1 
ATOM   464  C CD1 . TYR A 1 59  ? 3.002   12.207  10.517  1.00 23.14 ? 62  TYR A CD1 1 
ATOM   465  C CD2 . TYR A 1 59  ? 0.898   11.588  9.580   1.00 22.65 ? 62  TYR A CD2 1 
ATOM   466  C CE1 . TYR A 1 59  ? 2.947   11.116  11.367  1.00 29.58 ? 62  TYR A CE1 1 
ATOM   467  C CE2 . TYR A 1 59  ? 0.834   10.492  10.422  1.00 23.58 ? 62  TYR A CE2 1 
ATOM   468  C CZ  . TYR A 1 59  ? 1.866   10.263  11.311  1.00 27.32 ? 62  TYR A CZ  1 
ATOM   469  O OH  . TYR A 1 59  ? 1.816   9.192   12.160  1.00 30.07 ? 62  TYR A OH  1 
ATOM   470  N N   . ASN A 1 60  ? 1.255   12.345  5.885   1.00 19.48 ? 63  ASN A N   1 
ATOM   471  C CA  . ASN A 1 60  ? 0.673   11.228  5.145   1.00 17.85 ? 63  ASN A CA  1 
ATOM   472  C C   . ASN A 1 60  ? 1.627   10.693  4.081   1.00 18.52 ? 63  ASN A C   1 
ATOM   473  O O   . ASN A 1 60  ? 1.697   9.480   3.856   1.00 20.32 ? 63  ASN A O   1 
ATOM   474  C CB  . ASN A 1 60  ? -0.651  11.669  4.522   1.00 21.02 ? 63  ASN A CB  1 
ATOM   475  C CG  . ASN A 1 60  ? -1.769  11.737  5.547   1.00 22.47 ? 63  ASN A CG  1 
ATOM   476  O OD1 . ASN A 1 60  ? -1.721  11.047  6.564   1.00 25.58 ? 63  ASN A OD1 1 
ATOM   477  N ND2 . ASN A 1 60  ? -2.767  12.575  5.296   1.00 23.72 ? 63  ASN A ND2 1 
ATOM   478  N N   . GLN A 1 61  ? 2.352   11.578  3.397   1.00 17.21 ? 64  GLN A N   1 
ATOM   479  C CA  . GLN A 1 61  ? 3.364   11.117  2.446   1.00 20.58 ? 64  GLN A CA  1 
ATOM   480  C C   . GLN A 1 61  ? 4.433   10.288  3.149   1.00 20.62 ? 64  GLN A C   1 
ATOM   481  O O   . GLN A 1 61  ? 4.815   9.203   2.678   1.00 21.42 ? 64  GLN A O   1 
ATOM   482  C CB  . GLN A 1 61  ? 3.988   12.320  1.727   1.00 22.97 ? 64  GLN A CB  1 
ATOM   483  C CG  . GLN A 1 61  ? 4.937   11.965  0.569   1.00 22.23 ? 64  GLN A CG  1 
ATOM   484  C CD  . GLN A 1 61  ? 6.312   11.533  1.056   1.00 25.37 ? 64  GLN A CD  1 
ATOM   485  O OE1 . GLN A 1 61  ? 6.861   12.115  1.988   1.00 24.73 ? 64  GLN A OE1 1 
ATOM   486  N NE2 . GLN A 1 61  ? 6.864   10.492  0.434   1.00 29.05 ? 64  GLN A NE2 1 
ATOM   487  N N   . GLN A 1 62  ? 4.936   10.791  4.279   1.00 18.89 ? 65  GLN A N   1 
ATOM   488  C CA  . GLN A 1 62  ? 5.973   10.082  5.029   1.00 17.88 ? 65  GLN A CA  1 
ATOM   489  C C   . GLN A 1 62  ? 5.467   8.737   5.539   1.00 21.52 ? 65  GLN A C   1 
ATOM   490  O O   . GLN A 1 62  ? 6.171   7.719   5.458   1.00 21.01 ? 65  GLN A O   1 
ATOM   491  C CB  . GLN A 1 62  ? 6.455   10.945  6.202   1.00 24.45 ? 65  GLN A CB  1 
ATOM   492  C CG  . GLN A 1 62  ? 7.559   10.248  7.018   1.00 33.91 ? 65  GLN A CG  1 
ATOM   493  C CD  . GLN A 1 62  ? 7.876   10.933  8.341   1.00 46.31 ? 65  GLN A CD  1 
ATOM   494  O OE1 . GLN A 1 62  ? 7.097   10.864  9.303   1.00 45.08 ? 65  GLN A OE1 1 
ATOM   495  N NE2 . GLN A 1 62  ? 9.028   11.597  8.397   1.00 38.61 ? 65  GLN A NE2 1 
ATOM   496  N N   . LEU A 1 63  ? 4.261   8.720   6.109   1.00 20.92 ? 66  LEU A N   1 
ATOM   497  C CA  . LEU A 1 63  ? 3.688   7.465   6.591   1.00 19.87 ? 66  LEU A CA  1 
ATOM   498  C C   . LEU A 1 63  ? 3.478   6.470   5.454   1.00 17.31 ? 66  LEU A C   1 
ATOM   499  O O   . LEU A 1 63  ? 3.712   5.266   5.625   1.00 18.83 ? 66  LEU A O   1 
ATOM   500  C CB  . LEU A 1 63  ? 2.366   7.744   7.317   1.00 22.49 ? 66  LEU A CB  1 
ATOM   501  C CG  . LEU A 1 63  ? 1.616   6.514   7.836   1.00 23.93 ? 66  LEU A CG  1 
ATOM   502  C CD1 . LEU A 1 63  ? 2.415   5.813   8.942   1.00 27.09 ? 66  LEU A CD1 1 
ATOM   503  C CD2 . LEU A 1 63  ? 0.226   6.922   8.337   1.00 23.60 ? 66  LEU A CD2 1 
ATOM   504  N N   . SER A 1 64  ? 3.022   6.940   4.287   1.00 18.65 ? 67  SER A N   1 
ATOM   505  C CA  . SER A 1 64  ? 2.814   6.015   3.174   1.00 18.82 ? 67  SER A CA  1 
ATOM   506  C C   . SER A 1 64  ? 4.125   5.409   2.702   1.00 21.50 ? 67  SER A C   1 
ATOM   507  O O   . SER A 1 64  ? 4.144   4.249   2.264   1.00 18.67 ? 67  SER A O   1 
ATOM   508  C CB  . SER A 1 64  ? 2.102   6.704   2.004   1.00 18.47 ? 67  SER A CB  1 
ATOM   509  O OG  . SER A 1 64  ? 2.911   7.647   1.321   1.00 22.32 ? 67  SER A OG  1 
ATOM   510  N N   . GLU A 1 65  ? 5.211   6.186   2.759   1.00 20.37 ? 68  GLU A N   1 
ATOM   511  C CA  A GLU A 1 65  ? 6.538   5.680   2.411   0.44 21.51 ? 68  GLU A CA  1 
ATOM   512  C CA  B GLU A 1 65  ? 6.515   5.654   2.383   0.56 21.47 ? 68  GLU A CA  1 
ATOM   513  C C   . GLU A 1 65  ? 6.963   4.576   3.362   1.00 19.13 ? 68  GLU A C   1 
ATOM   514  O O   . GLU A 1 65  ? 7.428   3.512   2.942   1.00 18.86 ? 68  GLU A O   1 
ATOM   515  C CB  A GLU A 1 65  ? 7.558   6.825   2.440   0.44 23.74 ? 68  GLU A CB  1 
ATOM   516  C CB  B GLU A 1 65  ? 7.546   6.790   2.287   0.56 23.80 ? 68  GLU A CB  1 
ATOM   517  C CG  A GLU A 1 65  ? 9.031   6.392   2.277   0.44 23.94 ? 68  GLU A CG  1 
ATOM   518  C CG  B GLU A 1 65  ? 8.888   6.391   1.622   0.56 24.82 ? 68  GLU A CG  1 
ATOM   519  C CD  A GLU A 1 65  ? 9.606   5.719   3.516   0.44 24.94 ? 68  GLU A CD  1 
ATOM   520  C CD  B GLU A 1 65  ? 8.931   6.624   0.105   0.56 29.60 ? 68  GLU A CD  1 
ATOM   521  O OE1 A GLU A 1 65  ? 9.788   6.374   4.558   0.44 26.92 ? 68  GLU A OE1 1 
ATOM   522  O OE1 B GLU A 1 65  ? 8.609   7.739   -0.386  0.56 22.94 ? 68  GLU A OE1 1 
ATOM   523  O OE2 A GLU A 1 65  ? 9.863   4.500   3.452   0.44 30.21 ? 68  GLU A OE2 1 
ATOM   524  O OE2 B GLU A 1 65  ? 9.311   5.672   -0.607  0.56 35.46 ? 68  GLU A OE2 1 
ATOM   525  N N   . LYS A 1 66  ? 6.832   4.832   4.668   1.00 19.40 ? 69  LYS A N   1 
ATOM   526  C CA  . LYS A 1 66  ? 7.224   3.834   5.660   1.00 21.16 ? 69  LYS A CA  1 
ATOM   527  C C   . LYS A 1 66  ? 6.417   2.552   5.499   1.00 24.25 ? 69  LYS A C   1 
ATOM   528  O O   . LYS A 1 66  ? 6.966   1.449   5.593   1.00 20.49 ? 69  LYS A O   1 
ATOM   529  C CB  . LYS A 1 66  ? 7.048   4.389   7.073   1.00 22.71 ? 69  LYS A CB  1 
ATOM   530  C CG  . LYS A 1 66  ? 8.052   5.471   7.469   1.00 27.98 ? 69  LYS A CG  1 
ATOM   531  C CD  . LYS A 1 66  ? 7.646   6.089   8.795   1.00 35.45 ? 69  LYS A CD  1 
ATOM   532  C CE  . LYS A 1 66  ? 8.724   7.038   9.309   1.00 46.26 ? 69  LYS A CE  1 
ATOM   533  N NZ  . LYS A 1 66  ? 8.208   7.955   10.349  1.00 50.93 ? 69  LYS A NZ  1 
ATOM   534  N N   . ARG A 1 67  ? 5.111   2.680   5.245   1.00 18.17 ? 70  ARG A N   1 
ATOM   535  C CA  . ARG A 1 67  ? 4.275   1.499   5.036   1.00 22.04 ? 70  ARG A CA  1 
ATOM   536  C C   . ARG A 1 67  ? 4.679   0.739   3.774   1.00 17.46 ? 70  ARG A C   1 
ATOM   537  O O   . ARG A 1 67  ? 4.775   -0.495  3.788   1.00 18.51 ? 70  ARG A O   1 
ATOM   538  C CB  . ARG A 1 67  ? 2.801   1.909   4.980   1.00 15.41 ? 70  ARG A CB  1 
ATOM   539  C CG  . ARG A 1 67  ? 2.218   2.168   6.353   1.00 16.89 ? 70  ARG A CG  1 
ATOM   540  C CD  . ARG A 1 67  ? 0.865   2.924   6.282   1.00 16.79 ? 70  ARG A CD  1 
ATOM   541  N NE  . ARG A 1 67  ? 0.271   2.953   7.611   1.00 20.81 ? 70  ARG A NE  1 
ATOM   542  C CZ  . ARG A 1 67  ? -0.908  3.487   7.908   1.00 24.82 ? 70  ARG A CZ  1 
ATOM   543  N NH1 . ARG A 1 67  ? -1.639  4.046   6.961   1.00 20.42 ? 70  ARG A NH1 1 
ATOM   544  N NH2 . ARG A 1 67  ? -1.345  3.452   9.158   1.00 22.09 ? 70  ARG A NH2 1 
ATOM   545  N N   . ALA A 1 68  ? 4.931   1.453   2.672   1.00 18.50 ? 71  ALA A N   1 
ATOM   546  C CA  . ALA A 1 68  ? 5.370   0.771   1.454   1.00 18.28 ? 71  ALA A CA  1 
ATOM   547  C C   . ALA A 1 68  ? 6.718   0.080   1.662   1.00 18.35 ? 71  ALA A C   1 
ATOM   548  O O   . ALA A 1 68  ? 6.932   -1.041  1.177   1.00 21.93 ? 71  ALA A O   1 
ATOM   549  C CB  . ALA A 1 68  ? 5.446   1.770   0.295   1.00 20.92 ? 71  ALA A CB  1 
ATOM   550  N N   . GLN A 1 69  ? 7.639   0.723   2.390   1.00 18.06 ? 72  GLN A N   1 
ATOM   551  C CA  . GLN A 1 69  ? 8.936   0.076   2.640   1.00 19.88 ? 72  GLN A CA  1 
ATOM   552  C C   . GLN A 1 69  ? 8.809   -1.124  3.578   1.00 21.78 ? 72  GLN A C   1 
ATOM   553  O O   . GLN A 1 69  ? 9.563   -2.109  3.450   1.00 20.95 ? 72  GLN A O   1 
ATOM   554  C CB  . GLN A 1 69  ? 9.934   1.093   3.208   1.00 19.41 ? 72  GLN A CB  1 
ATOM   555  C CG  . GLN A 1 69  ? 11.340  0.528   3.454   1.00 22.23 ? 72  GLN A CG  1 
ATOM   556  C CD  . GLN A 1 69  ? 12.029  0.043   2.182   1.00 18.82 ? 72  GLN A CD  1 
ATOM   557  O OE1 . GLN A 1 69  ? 11.947  0.683   1.137   1.00 24.33 ? 72  GLN A OE1 1 
ATOM   558  N NE2 . GLN A 1 69  ? 12.733  -1.088  2.277   1.00 19.55 ? 72  GLN A NE2 1 
ATOM   559  N N   . SER A 1 70  ? 7.889   -1.060  4.539   1.00 17.01 ? 73  SER A N   1 
ATOM   560  C CA  . SER A 1 70  ? 7.643   -2.212  5.405   1.00 21.37 ? 73  SER A CA  1 
ATOM   561  C C   . SER A 1 70  ? 7.184   -3.428  4.600   1.00 22.85 ? 73  SER A C   1 
ATOM   562  O O   . SER A 1 70  ? 7.595   -4.569  4.884   1.00 21.25 ? 73  SER A O   1 
ATOM   563  C CB  . SER A 1 70  ? 6.610   -1.836  6.470   1.00 23.01 ? 73  SER A CB  1 
ATOM   564  O OG  . SER A 1 70  ? 6.425   -2.859  7.418   1.00 33.14 ? 73  SER A OG  1 
ATOM   565  N N   . VAL A 1 71  ? 6.338   -3.204  3.590   1.00 19.43 ? 74  VAL A N   1 
ATOM   566  C CA  . VAL A 1 71  ? 5.911   -4.288  2.703   1.00 19.13 ? 74  VAL A CA  1 
ATOM   567  C C   . VAL A 1 71  ? 7.100   -4.826  1.919   1.00 23.88 ? 74  VAL A C   1 
ATOM   568  O O   . VAL A 1 71  ? 7.265   -6.047  1.774   1.00 21.42 ? 74  VAL A O   1 
ATOM   569  C CB  . VAL A 1 71  ? 4.783   -3.806  1.760   1.00 20.70 ? 74  VAL A CB  1 
ATOM   570  C CG1 . VAL A 1 71  ? 4.558   -4.805  0.614   1.00 21.22 ? 74  VAL A CG1 1 
ATOM   571  C CG2 . VAL A 1 71  ? 3.467   -3.576  2.536   1.00 19.37 ? 74  VAL A CG2 1 
ATOM   572  N N   . VAL A 1 72  ? 7.951   -3.932  1.406   1.00 23.64 ? 75  VAL A N   1 
ATOM   573  C CA  . VAL A 1 72  ? 9.155   -4.378  0.697   1.00 21.64 ? 75  VAL A CA  1 
ATOM   574  C C   . VAL A 1 72  ? 10.021  -5.232  1.608   1.00 21.20 ? 75  VAL A C   1 
ATOM   575  O O   . VAL A 1 72  ? 10.497  -6.304  1.210   1.00 23.67 ? 75  VAL A O   1 
ATOM   576  C CB  . VAL A 1 72  ? 9.953   -3.175  0.155   1.00 22.49 ? 75  VAL A CB  1 
ATOM   577  C CG1 . VAL A 1 72  ? 11.343  -3.645  -0.341  1.00 21.44 ? 75  VAL A CG1 1 
ATOM   578  C CG2 . VAL A 1 72  ? 9.197   -2.498  -0.961  1.00 22.43 ? 75  VAL A CG2 1 
ATOM   579  N N   . ASP A 1 73  ? 10.245  -4.764  2.847   1.00 19.48 ? 76  ASP A N   1 
ATOM   580  C CA  . ASP A 1 73  ? 11.102  -5.490  3.787   1.00 24.58 ? 76  ASP A CA  1 
ATOM   581  C C   . ASP A 1 73  ? 10.621  -6.921  3.974   1.00 27.38 ? 76  ASP A C   1 
ATOM   582  O O   . ASP A 1 73  ? 11.419  -7.876  3.971   1.00 21.55 ? 76  ASP A O   1 
ATOM   583  C CB  . ASP A 1 73  ? 11.136  -4.780  5.144   1.00 20.74 ? 76  ASP A CB  1 
ATOM   584  C CG  . ASP A 1 73  ? 11.882  -3.458  5.105   1.00 27.00 ? 76  ASP A CG  1 
ATOM   585  O OD1 . ASP A 1 73  ? 12.627  -3.210  4.131   1.00 27.52 ? 76  ASP A OD1 1 
ATOM   586  O OD2 . ASP A 1 73  ? 11.710  -2.676  6.057   1.00 29.20 ? 76  ASP A OD2 1 
ATOM   587  N N   . TYR A 1 74  ? 9.313   -7.087  4.149   1.00 21.66 ? 77  TYR A N   1 
ATOM   588  C CA  . TYR A 1 74  ? 8.755   -8.418  4.360   1.00 23.06 ? 77  TYR A CA  1 
ATOM   589  C C   . TYR A 1 74  ? 8.955   -9.307  3.136   1.00 23.44 ? 77  TYR A C   1 
ATOM   590  O O   . TYR A 1 74  ? 9.369   -10.468 3.257   1.00 23.55 ? 77  TYR A O   1 
ATOM   591  C CB  . TYR A 1 74  ? 7.271   -8.299  4.714   1.00 24.28 ? 77  TYR A CB  1 
ATOM   592  C CG  . TYR A 1 74  ? 6.662   -9.620  5.131   1.00 22.81 ? 77  TYR A CG  1 
ATOM   593  C CD1 . TYR A 1 74  ? 6.839   -10.104 6.417   1.00 25.44 ? 77  TYR A CD1 1 
ATOM   594  C CD2 . TYR A 1 74  ? 5.933   -10.385 4.233   1.00 24.81 ? 77  TYR A CD2 1 
ATOM   595  C CE1 . TYR A 1 74  ? 6.297   -11.307 6.812   1.00 33.04 ? 77  TYR A CE1 1 
ATOM   596  C CE2 . TYR A 1 74  ? 5.383   -11.600 4.620   1.00 28.07 ? 77  TYR A CE2 1 
ATOM   597  C CZ  . TYR A 1 74  ? 5.572   -12.052 5.908   1.00 25.90 ? 77  TYR A CZ  1 
ATOM   598  O OH  . TYR A 1 74  ? 5.031   -13.249 6.300   1.00 36.19 ? 77  TYR A OH  1 
ATOM   599  N N   . LEU A 1 75  ? 8.637   -8.791  1.943   1.00 21.75 ? 78  LEU A N   1 
ATOM   600  C CA  . LEU A 1 75  ? 8.747   -9.604  0.732   1.00 20.03 ? 78  LEU A CA  1 
ATOM   601  C C   . LEU A 1 75  ? 10.194  -9.947  0.406   1.00 30.09 ? 78  LEU A C   1 
ATOM   602  O O   . LEU A 1 75  ? 10.475  -11.029 -0.139  1.00 27.37 ? 78  LEU A O   1 
ATOM   603  C CB  . LEU A 1 75  ? 8.108   -8.874  -0.443  1.00 26.30 ? 78  LEU A CB  1 
ATOM   604  C CG  . LEU A 1 75  ? 6.584   -8.749  -0.393  1.00 30.82 ? 78  LEU A CG  1 
ATOM   605  C CD1 . LEU A 1 75  ? 6.134   -7.766  -1.462  1.00 25.36 ? 78  LEU A CD1 1 
ATOM   606  C CD2 . LEU A 1 75  ? 5.937   -10.109 -0.603  1.00 26.64 ? 78  LEU A CD2 1 
ATOM   607  N N   . VAL A 1 76  ? 11.129  -9.050  0.727   1.00 23.62 ? 79  VAL A N   1 
ATOM   608  C CA  . VAL A 1 76  ? 12.543  -9.365  0.518   1.00 22.70 ? 79  VAL A CA  1 
ATOM   609  C C   . VAL A 1 76  ? 12.999  -10.450 1.488   1.00 26.67 ? 79  VAL A C   1 
ATOM   610  O O   . VAL A 1 76  ? 13.689  -11.402 1.097   1.00 25.30 ? 79  VAL A O   1 
ATOM   611  C CB  . VAL A 1 76  ? 13.394  -8.086  0.646   1.00 23.94 ? 79  VAL A CB  1 
ATOM   612  C CG1 . VAL A 1 76  ? 14.883  -8.446  0.759   1.00 27.01 ? 79  VAL A CG1 1 
ATOM   613  C CG2 . VAL A 1 76  ? 13.140  -7.172  -0.548  1.00 21.98 ? 79  VAL A CG2 1 
ATOM   614  N N   . ALA A 1 77  ? 12.616  -10.341 2.766   1.00 26.03 ? 80  ALA A N   1 
ATOM   615  C CA  . ALA A 1 77  ? 12.939  -11.406 3.717   1.00 30.51 ? 80  ALA A CA  1 
ATOM   616  C C   . ALA A 1 77  ? 12.339  -12.745 3.291   1.00 32.79 ? 80  ALA A C   1 
ATOM   617  O O   . ALA A 1 77  ? 12.910  -13.805 3.585   1.00 30.88 ? 80  ALA A O   1 
ATOM   618  C CB  . ALA A 1 77  ? 12.465  -11.024 5.120   1.00 25.96 ? 80  ALA A CB  1 
ATOM   619  N N   . LYS A 1 78  ? 11.210  -12.715 2.573   1.00 32.71 ? 81  LYS A N   1 
ATOM   620  C CA  . LYS A 1 78  ? 10.586  -13.938 2.072   1.00 32.27 ? 81  LYS A CA  1 
ATOM   621  C C   . LYS A 1 78  ? 11.336  -14.529 0.885   1.00 37.00 ? 81  LYS A C   1 
ATOM   622  O O   . LYS A 1 78  ? 11.220  -15.733 0.622   1.00 35.39 ? 81  LYS A O   1 
ATOM   623  C CB  . LYS A 1 78  ? 9.134   -13.671 1.662   1.00 33.53 ? 81  LYS A CB  1 
ATOM   624  C CG  . LYS A 1 78  ? 8.168   -13.533 2.816   1.00 37.09 ? 81  LYS A CG  1 
ATOM   625  C CD  . LYS A 1 78  ? 7.894   -14.874 3.475   1.00 41.24 ? 81  LYS A CD  1 
ATOM   626  C CE  . LYS A 1 78  ? 6.832   -15.665 2.726   1.00 43.47 ? 81  LYS A CE  1 
ATOM   627  N NZ  . LYS A 1 78  ? 6.637   -16.999 3.369   1.00 47.94 ? 81  LYS A NZ  1 
ATOM   628  N N   . GLY A 1 79  ? 12.069  -13.710 0.132   1.00 32.34 ? 82  GLY A N   1 
ATOM   629  C CA  . GLY A 1 79  ? 12.829  -14.248 -0.981  1.00 37.08 ? 82  GLY A CA  1 
ATOM   630  C C   . GLY A 1 79  ? 12.787  -13.451 -2.269  1.00 35.67 ? 82  GLY A C   1 
ATOM   631  O O   . GLY A 1 79  ? 13.423  -13.835 -3.249  1.00 31.39 ? 82  GLY A O   1 
ATOM   632  N N   . ILE A 1 80  ? 12.053  -12.349 -2.312  1.00 31.09 ? 83  ILE A N   1 
ATOM   633  C CA  . ILE A 1 80  ? 12.186  -11.485 -3.489  1.00 30.05 ? 83  ILE A CA  1 
ATOM   634  C C   . ILE A 1 80  ? 13.558  -10.817 -3.445  1.00 33.23 ? 83  ILE A C   1 
ATOM   635  O O   . ILE A 1 80  ? 13.951  -10.295 -2.385  1.00 29.68 ? 83  ILE A O   1 
ATOM   636  C CB  . ILE A 1 80  ? 11.064  -10.440 -3.520  1.00 31.21 ? 83  ILE A CB  1 
ATOM   637  C CG1 . ILE A 1 80  ? 9.694   -11.124 -3.469  1.00 36.29 ? 83  ILE A CG1 1 
ATOM   638  C CG2 . ILE A 1 80  ? 11.174  -9.595  -4.773  1.00 31.59 ? 83  ILE A CG2 1 
ATOM   639  C CD1 . ILE A 1 80  ? 9.515   -12.190 -4.523  1.00 46.26 ? 83  ILE A CD1 1 
ATOM   640  N N   . PRO A 1 81  ? 14.329  -10.823 -4.534  1.00 37.11 ? 84  PRO A N   1 
ATOM   641  C CA  . PRO A 1 81  ? 15.661  -10.192 -4.495  1.00 31.66 ? 84  PRO A CA  1 
ATOM   642  C C   . PRO A 1 81  ? 15.554  -8.687  -4.282  1.00 30.34 ? 84  PRO A C   1 
ATOM   643  O O   . PRO A 1 81  ? 14.741  -8.013  -4.920  1.00 28.33 ? 84  PRO A O   1 
ATOM   644  C CB  . PRO A 1 81  ? 16.262  -10.531 -5.868  1.00 36.53 ? 84  PRO A CB  1 
ATOM   645  C CG  . PRO A 1 81  ? 15.434  -11.665 -6.391  1.00 36.50 ? 84  PRO A CG  1 
ATOM   646  C CD  . PRO A 1 81  ? 14.063  -11.487 -5.824  1.00 34.26 ? 84  PRO A CD  1 
ATOM   647  N N   . ALA A 1 82  ? 16.390  -8.165  -3.373  1.00 27.74 ? 85  ALA A N   1 
ATOM   648  C CA  . ALA A 1 82  ? 16.326  -6.753  -3.005  1.00 33.31 ? 85  ALA A CA  1 
ATOM   649  C C   . ALA A 1 82  ? 16.504  -5.831  -4.202  1.00 35.89 ? 85  ALA A C   1 
ATOM   650  O O   . ALA A 1 82  ? 15.993  -4.706  -4.197  1.00 32.84 ? 85  ALA A O   1 
ATOM   651  C CB  . ALA A 1 82  ? 17.383  -6.432  -1.948  1.00 33.70 ? 85  ALA A CB  1 
ATOM   652  N N   . GLY A 1 83  ? 17.229  -6.276  -5.229  1.00 33.04 ? 86  GLY A N   1 
ATOM   653  C CA  . GLY A 1 83  ? 17.407  -5.441  -6.402  1.00 30.64 ? 86  GLY A CA  1 
ATOM   654  C C   . GLY A 1 83  ? 16.239  -5.413  -7.364  1.00 31.11 ? 86  GLY A C   1 
ATOM   655  O O   . GLY A 1 83  ? 16.251  -4.615  -8.302  1.00 39.27 ? 86  GLY A O   1 
ATOM   656  N N   . LYS A 1 84  ? 15.226  -6.254  -7.165  1.00 27.90 ? 87  LYS A N   1 
ATOM   657  C CA  . LYS A 1 84  ? 14.089  -6.293  -8.075  1.00 31.87 ? 87  LYS A CA  1 
ATOM   658  C C   . LYS A 1 84  ? 12.813  -5.685  -7.482  1.00 29.85 ? 87  LYS A C   1 
ATOM   659  O O   . LYS A 1 84  ? 11.733  -5.865  -8.056  1.00 30.90 ? 87  LYS A O   1 
ATOM   660  C CB  . LYS A 1 84  ? 13.828  -7.732  -8.524  1.00 37.02 ? 87  LYS A CB  1 
ATOM   661  C CG  . LYS A 1 84  ? 15.033  -8.387  -9.223  1.00 38.42 ? 87  LYS A CG  1 
ATOM   662  C CD  . LYS A 1 84  ? 15.653  -7.440  -10.253 1.00 38.72 ? 87  LYS A CD  1 
ATOM   663  C CE  . LYS A 1 84  ? 15.746  -8.078  -11.640 1.00 55.26 ? 87  LYS A CE  1 
ATOM   664  N NZ  . LYS A 1 84  ? 16.781  -9.151  -11.706 1.00 54.75 ? 87  LYS A NZ  1 
ATOM   665  N N   . ILE A 1 85  ? 12.907  -4.949  -6.374  1.00 32.51 ? 88  ILE A N   1 
ATOM   666  C CA  . ILE A 1 85  ? 11.714  -4.390  -5.732  1.00 28.54 ? 88  ILE A CA  1 
ATOM   667  C C   . ILE A 1 85  ? 12.091  -3.103  -5.009  1.00 29.49 ? 88  ILE A C   1 
ATOM   668  O O   . ILE A 1 85  ? 13.210  -2.953  -4.516  1.00 28.96 ? 88  ILE A O   1 
ATOM   669  C CB  . ILE A 1 85  ? 11.067  -5.429  -4.776  1.00 26.05 ? 88  ILE A CB  1 
ATOM   670  C CG1 . ILE A 1 85  ? 9.708   -4.926  -4.253  1.00 29.01 ? 88  ILE A CG1 1 
ATOM   671  C CG2 . ILE A 1 85  ? 12.014  -5.772  -3.626  1.00 27.07 ? 88  ILE A CG2 1 
ATOM   672  C CD1 . ILE A 1 85  ? 8.894   -6.001  -3.592  1.00 29.21 ? 88  ILE A CD1 1 
ATOM   673  N N   . SER A 1 86  ? 11.154  -2.148  -4.974  1.00 25.69 ? 89  SER A N   1 
ATOM   674  C CA  . SER A 1 86  ? 11.382  -0.879  -4.290  1.00 24.83 ? 89  SER A CA  1 
ATOM   675  C C   . SER A 1 86  ? 10.033  -0.269  -3.922  1.00 26.57 ? 89  SER A C   1 
ATOM   676  O O   . SER A 1 86  ? 8.985   -0.699  -4.404  1.00 26.15 ? 89  SER A O   1 
ATOM   677  C CB  . SER A 1 86  ? 12.195  0.098   -5.149  1.00 34.31 ? 89  SER A CB  1 
ATOM   678  O OG  . SER A 1 86  ? 11.469  0.475   -6.312  1.00 36.23 ? 89  SER A OG  1 
ATOM   679  N N   . ALA A 1 87  ? 10.086  0.756   -3.068  1.00 21.24 ? 90  ALA A N   1 
ATOM   680  C CA  . ALA A 1 87  ? 8.908   1.386   -2.478  1.00 24.96 ? 90  ALA A CA  1 
ATOM   681  C C   . ALA A 1 87  ? 8.813   2.853   -2.872  1.00 29.64 ? 90  ALA A C   1 
ATOM   682  O O   . ALA A 1 87  ? 9.828   3.525   -3.082  1.00 32.89 ? 90  ALA A O   1 
ATOM   683  C CB  . ALA A 1 87  ? 8.946   1.302   -0.952  1.00 20.64 ? 90  ALA A CB  1 
ATOM   684  N N   . ARG A 1 88  ? 7.575   3.352   -2.937  1.00 27.64 ? 91  ARG A N   1 
ATOM   685  C CA  . ARG A 1 88  ? 7.291   4.761   -3.190  1.00 26.25 ? 91  ARG A CA  1 
ATOM   686  C C   . ARG A 1 88  ? 6.108   5.180   -2.331  1.00 25.57 ? 91  ARG A C   1 
ATOM   687  O O   . ARG A 1 88  ? 5.066   4.525   -2.362  1.00 28.04 ? 91  ARG A O   1 
ATOM   688  C CB  . ARG A 1 88  ? 6.955   5.013   -4.662  1.00 27.71 ? 91  ARG A CB  1 
ATOM   689  C CG  . ARG A 1 88  ? 7.878   4.327   -5.632  1.00 42.67 ? 91  ARG A CG  1 
ATOM   690  C CD  . ARG A 1 88  ? 7.692   4.811   -7.042  1.00 41.25 ? 91  ARG A CD  1 
ATOM   691  N NE  . ARG A 1 88  ? 8.609   4.113   -7.937  1.00 39.29 ? 91  ARG A NE  1 
ATOM   692  C CZ  . ARG A 1 88  ? 8.556   4.187   -9.260  1.00 47.82 ? 91  ARG A CZ  1 
ATOM   693  N NH1 . ARG A 1 88  ? 7.622   4.930   -9.848  1.00 49.12 ? 91  ARG A NH1 1 
ATOM   694  N NH2 . ARG A 1 88  ? 9.432   3.513   -9.997  1.00 49.36 ? 91  ARG A NH2 1 
ATOM   695  N N   . GLY A 1 89  ? 6.268   6.261   -1.575  1.00 27.98 ? 92  GLY A N   1 
ATOM   696  C CA  . GLY A 1 89  ? 5.177   6.812   -0.791  1.00 24.75 ? 92  GLY A CA  1 
ATOM   697  C C   . GLY A 1 89  ? 4.482   7.944   -1.515  1.00 26.08 ? 92  GLY A C   1 
ATOM   698  O O   . GLY A 1 89  ? 5.080   9.004   -1.727  1.00 27.24 ? 92  GLY A O   1 
ATOM   699  N N   . MET A 1 90  ? 3.219   7.727   -1.894  1.00 25.92 ? 93  MET A N   1 
ATOM   700  C CA  . MET A 1 90  ? 2.434   8.690   -2.659  1.00 25.31 ? 93  MET A CA  1 
ATOM   701  C C   . MET A 1 90  ? 1.524   9.563   -1.802  1.00 26.49 ? 93  MET A C   1 
ATOM   702  O O   . MET A 1 90  ? 0.922   10.502  -2.332  1.00 25.83 ? 93  MET A O   1 
ATOM   703  C CB  . MET A 1 90  ? 1.576   7.955   -3.694  1.00 27.21 ? 93  MET A CB  1 
ATOM   704  C CG  . MET A 1 90  ? 2.339   6.941   -4.535  1.00 31.83 ? 93  MET A CG  1 
ATOM   705  S SD  . MET A 1 90  ? 3.274   7.738   -5.842  1.00 56.81 ? 93  MET A SD  1 
ATOM   706  C CE  . MET A 1 90  ? 4.875   7.888   -5.063  1.00 38.98 ? 93  MET A CE  1 
ATOM   707  N N   . GLY A 1 91  ? 1.386   9.263   -0.517  1.00 23.17 ? 94  GLY A N   1 
ATOM   708  C CA  . GLY A 1 91  ? 0.504   10.029  0.352   1.00 22.78 ? 94  GLY A CA  1 
ATOM   709  C C   . GLY A 1 91  ? -0.915  10.109  -0.175  1.00 26.30 ? 94  GLY A C   1 
ATOM   710  O O   . GLY A 1 91  ? -1.464  9.138   -0.723  1.00 22.33 ? 94  GLY A O   1 
ATOM   711  N N   . GLU A 1 92  ? -1.519  11.297  -0.024  1.00 23.38 ? 95  GLU A N   1 
ATOM   712  C CA  . GLU A 1 92  ? -2.892  11.541  -0.445  1.00 23.94 ? 95  GLU A CA  1 
ATOM   713  C C   . GLU A 1 92  ? -3.068  11.606  -1.953  1.00 26.74 ? 95  GLU A C   1 
ATOM   714  O O   . GLU A 1 92  ? -4.211  11.695  -2.410  1.00 25.67 ? 95  GLU A O   1 
ATOM   715  C CB  . GLU A 1 92  ? -3.415  12.871  0.126   1.00 25.94 ? 95  GLU A CB  1 
ATOM   716  C CG  . GLU A 1 92  ? -2.828  13.245  1.453   1.00 33.17 ? 95  GLU A CG  1 
ATOM   717  C CD  . GLU A 1 92  ? -3.388  14.552  1.981   1.00 35.67 ? 95  GLU A CD  1 
ATOM   718  O OE1 . GLU A 1 92  ? -3.953  15.333  1.176   1.00 27.43 ? 95  GLU A OE1 1 
ATOM   719  O OE2 . GLU A 1 92  ? -3.284  14.766  3.208   1.00 34.64 ? 95  GLU A OE2 1 
ATOM   720  N N   . SER A 1 93  ? -1.994  11.603  -2.734  1.00 27.99 ? 96  SER A N   1 
ATOM   721  C CA  . SER A 1 93  ? -2.173  11.830  -4.157  1.00 29.83 ? 96  SER A CA  1 
ATOM   722  C C   . SER A 1 93  ? -2.867  10.635  -4.810  1.00 32.80 ? 96  SER A C   1 
ATOM   723  O O   . SER A 1 93  ? -2.942  9.539   -4.248  1.00 28.99 ? 96  SER A O   1 
ATOM   724  C CB  . SER A 1 93  ? -0.834  12.110  -4.838  1.00 28.94 ? 96  SER A CB  1 
ATOM   725  O OG  . SER A 1 93  ? -0.013  10.955  -4.840  1.00 44.80 ? 96  SER A OG  1 
ATOM   726  N N   . ASN A 1 94  ? -3.421  10.883  -5.995  1.00 33.85 ? 97  ASN A N   1 
ATOM   727  C CA  A ASN A 1 94  ? -4.057  9.854   -6.808  0.54 32.44 ? 97  ASN A CA  1 
ATOM   728  C CA  B ASN A 1 94  ? -4.065  9.862   -6.813  0.46 32.44 ? 97  ASN A CA  1 
ATOM   729  C C   . ASN A 1 94  ? -5.131  9.074   -6.046  1.00 32.26 ? 97  ASN A C   1 
ATOM   730  O O   . ASN A 1 94  ? -5.113  7.843   -6.024  1.00 29.73 ? 97  ASN A O   1 
ATOM   731  C CB  A ASN A 1 94  ? -3.003  8.901   -7.359  0.54 32.33 ? 97  ASN A CB  1 
ATOM   732  C CB  B ASN A 1 94  ? -3.025  8.921   -7.403  0.46 32.35 ? 97  ASN A CB  1 
ATOM   733  C CG  A ASN A 1 94  ? -3.518  8.042   -8.501  0.54 35.71 ? 97  ASN A CG  1 
ATOM   734  C CG  B ASN A 1 94  ? -1.989  9.659   -8.234  0.46 34.96 ? 97  ASN A CG  1 
ATOM   735  O OD1 A ASN A 1 94  ? -4.579  8.307   -9.065  0.54 35.40 ? 97  ASN A OD1 1 
ATOM   736  O OD1 B ASN A 1 94  ? -2.325  10.570  -8.997  0.46 37.99 ? 97  ASN A OD1 1 
ATOM   737  N ND2 A ASN A 1 94  ? -2.761  7.005   -8.851  0.54 34.28 ? 97  ASN A ND2 1 
ATOM   738  N ND2 B ASN A 1 94  ? -0.726  9.280   -8.083  0.46 36.25 ? 97  ASN A ND2 1 
ATOM   739  N N   . PRO A 1 95  ? -6.096  9.762   -5.428  1.00 28.85 ? 98  PRO A N   1 
ATOM   740  C CA  . PRO A 1 95  ? -7.098  9.049   -4.633  1.00 29.67 ? 98  PRO A CA  1 
ATOM   741  C C   . PRO A 1 95  ? -8.003  8.197   -5.513  1.00 27.70 ? 98  PRO A C   1 
ATOM   742  O O   . PRO A 1 95  ? -8.199  8.469   -6.699  1.00 32.62 ? 98  PRO A O   1 
ATOM   743  C CB  . PRO A 1 95  ? -7.881  10.180  -3.949  1.00 25.90 ? 98  PRO A CB  1 
ATOM   744  C CG  . PRO A 1 95  ? -7.748  11.323  -4.877  1.00 34.71 ? 98  PRO A CG  1 
ATOM   745  C CD  . PRO A 1 95  ? -6.399  11.202  -5.533  1.00 32.15 ? 98  PRO A CD  1 
ATOM   746  N N   . VAL A 1 96  ? -8.532  7.131   -4.919  1.00 29.38 ? 99  VAL A N   1 
ATOM   747  C CA  . VAL A 1 96  ? -9.469  6.266   -5.628  1.00 24.90 ? 99  VAL A CA  1 
ATOM   748  C C   . VAL A 1 96  ? -10.878 6.862   -5.612  1.00 30.30 ? 99  VAL A C   1 
ATOM   749  O O   . VAL A 1 96  ? -11.626 6.741   -6.590  1.00 29.07 ? 99  VAL A O   1 
ATOM   750  C CB  . VAL A 1 96  ? -9.445  4.855   -5.015  1.00 25.72 ? 99  VAL A CB  1 
ATOM   751  C CG1 . VAL A 1 96  ? -10.576 3.997   -5.566  1.00 28.63 ? 99  VAL A CG1 1 
ATOM   752  C CG2 . VAL A 1 96  ? -8.091  4.174   -5.280  1.00 22.23 ? 99  VAL A CG2 1 
ATOM   753  N N   . THR A 1 97  ? -11.262 7.525   -4.517  1.00 25.17 ? 100 THR A N   1 
ATOM   754  C CA  . THR A 1 97  ? -12.667 7.878   -4.334  1.00 29.55 ? 100 THR A CA  1 
ATOM   755  C C   . THR A 1 97  ? -13.078 9.175   -5.022  1.00 29.81 ? 100 THR A C   1 
ATOM   756  O O   . THR A 1 97  ? -14.271 9.493   -5.018  1.00 26.68 ? 100 THR A O   1 
ATOM   757  C CB  . THR A 1 97  ? -13.012 7.977   -2.845  1.00 26.73 ? 100 THR A CB  1 
ATOM   758  O OG1 . THR A 1 97  ? -12.213 8.995   -2.231  1.00 24.86 ? 100 THR A OG1 1 
ATOM   759  C CG2 . THR A 1 97  ? -12.761 6.633   -2.146  1.00 25.45 ? 100 THR A CG2 1 
ATOM   760  N N   . GLY A 1 98  ? -12.148 9.927   -5.600  1.00 26.86 ? 101 GLY A N   1 
ATOM   761  C CA  . GLY A 1 98  ? -12.536 11.160  -6.274  1.00 29.21 ? 101 GLY A CA  1 
ATOM   762  C C   . GLY A 1 98  ? -13.250 12.129  -5.341  1.00 29.38 ? 101 GLY A C   1 
ATOM   763  O O   . GLY A 1 98  ? -12.812 12.389  -4.215  1.00 27.08 ? 101 GLY A O   1 
ATOM   764  N N   . ASN A 1 99  ? -14.376 12.666  -5.806  1.00 25.79 ? 102 ASN A N   1 
ATOM   765  C CA  . ASN A 1 99  ? -15.190 13.584  -5.021  1.00 28.84 ? 102 ASN A CA  1 
ATOM   766  C C   . ASN A 1 99  ? -16.342 12.882  -4.316  1.00 29.46 ? 102 ASN A C   1 
ATOM   767  O O   . ASN A 1 99  ? -17.224 13.557  -3.779  1.00 27.36 ? 102 ASN A O   1 
ATOM   768  C CB  . ASN A 1 99  ? -15.738 14.698  -5.915  1.00 28.05 ? 102 ASN A CB  1 
ATOM   769  C CG  . ASN A 1 99  ? -14.641 15.475  -6.624  1.00 32.29 ? 102 ASN A CG  1 
ATOM   770  O OD1 . ASN A 1 99  ? -14.161 15.076  -7.687  1.00 31.87 ? 102 ASN A OD1 1 
ATOM   771  N ND2 . ASN A 1 99  ? -14.251 16.601  -6.044  1.00 38.19 ? 102 ASN A ND2 1 
ATOM   772  N N   . THR A 1 100 ? -16.348 11.544  -4.308  1.00 26.67 ? 103 THR A N   1 
ATOM   773  C CA  . THR A 1 100 ? -17.484 10.777  -3.791  1.00 27.55 ? 103 THR A CA  1 
ATOM   774  C C   . THR A 1 100 ? -17.851 11.176  -2.367  1.00 27.18 ? 103 THR A C   1 
ATOM   775  O O   . THR A 1 100 ? -19.036 11.269  -2.024  1.00 27.37 ? 103 THR A O   1 
ATOM   776  C CB  . THR A 1 100 ? -17.159 9.277   -3.837  1.00 22.96 ? 103 THR A CB  1 
ATOM   777  O OG1 . THR A 1 100 ? -16.885 8.897   -5.188  1.00 23.87 ? 103 THR A OG1 1 
ATOM   778  C CG2 . THR A 1 100 ? -18.327 8.445   -3.302  1.00 31.22 ? 103 THR A CG2 1 
ATOM   779  N N   . CYS A 1 101 ? -16.853 11.384  -1.515  1.00 23.46 ? 104 CYS A N   1 
ATOM   780  C CA  . CYS A 1 101 ? -17.079 11.611  -0.095  1.00 28.09 ? 104 CYS A CA  1 
ATOM   781  C C   . CYS A 1 101 ? -17.131 13.088  0.275   1.00 28.22 ? 104 CYS A C   1 
ATOM   782  O O   . CYS A 1 101 ? -17.136 13.405  1.469   1.00 23.87 ? 104 CYS A O   1 
ATOM   783  C CB  . CYS A 1 101 ? -15.988 10.914  0.719   1.00 27.99 ? 104 CYS A CB  1 
ATOM   784  S SG  . CYS A 1 101 ? -15.718 9.174   0.200   1.00 36.69 ? 104 CYS A SG  1 
ATOM   785  N N   . ASP A 1 102 ? -17.148 13.988  -0.714  1.00 28.42 ? 105 ASP A N   1 
ATOM   786  C CA  . ASP A 1 102 ? -17.101 15.422  -0.429  1.00 32.71 ? 105 ASP A CA  1 
ATOM   787  C C   . ASP A 1 102 ? -18.166 15.839  0.582   1.00 31.60 ? 105 ASP A C   1 
ATOM   788  O O   . ASP A 1 102 ? -17.889 16.619  1.498   1.00 32.52 ? 105 ASP A O   1 
ATOM   789  C CB  . ASP A 1 102 ? -17.272 16.232  -1.720  1.00 30.20 ? 105 ASP A CB  1 
ATOM   790  C CG  . ASP A 1 102 ? -16.006 16.285  -2.570  1.00 32.88 ? 105 ASP A CG  1 
ATOM   791  O OD1 . ASP A 1 102 ? -15.005 15.609  -2.238  1.00 33.97 ? 105 ASP A OD1 1 
ATOM   792  O OD2 . ASP A 1 102 ? -16.019 17.002  -3.593  1.00 34.17 ? 105 ASP A OD2 1 
ATOM   793  N N   . ASN A 1 103 ? -19.384 15.325  0.444   1.00 31.13 ? 106 ASN A N   1 
ATOM   794  C CA  A ASN A 1 103 ? -20.532 15.719  1.252   0.52 33.87 ? 106 ASN A CA  1 
ATOM   795  C CA  B ASN A 1 103 ? -20.463 15.799  1.304   0.48 33.82 ? 106 ASN A CA  1 
ATOM   796  C C   . ASN A 1 103 ? -20.637 14.964  2.570   1.00 32.71 ? 106 ASN A C   1 
ATOM   797  O O   . ASN A 1 103 ? -21.609 15.171  3.303   1.00 30.51 ? 106 ASN A O   1 
ATOM   798  C CB  A ASN A 1 103 ? -21.827 15.504  0.456   0.52 35.32 ? 106 ASN A CB  1 
ATOM   799  C CB  B ASN A 1 103 ? -21.778 15.862  0.524   0.48 35.18 ? 106 ASN A CB  1 
ATOM   800  C CG  A ASN A 1 103 ? -22.040 14.042  0.072   0.52 36.14 ? 106 ASN A CG  1 
ATOM   801  C CG  B ASN A 1 103 ? -21.982 17.204  -0.150  0.48 39.77 ? 106 ASN A CG  1 
ATOM   802  O OD1 A ASN A 1 103 ? -21.085 13.318  -0.223  0.52 35.33 ? 106 ASN A OD1 1 
ATOM   803  O OD1 B ASN A 1 103 ? -21.031 17.965  -0.342  0.48 39.86 ? 106 ASN A OD1 1 
ATOM   804  N ND2 A ASN A 1 103 ? -23.292 13.604  0.076   0.52 40.70 ? 106 ASN A ND2 1 
ATOM   805  N ND2 B ASN A 1 103 ? -23.224 17.505  -0.509  0.48 43.74 ? 106 ASN A ND2 1 
ATOM   806  N N   . VAL A 1 104 ? -19.702 14.066  2.870   1.00 25.35 ? 107 VAL A N   1 
ATOM   807  C CA  . VAL A 1 104 ? -19.756 13.257  4.089   1.00 23.21 ? 107 VAL A CA  1 
ATOM   808  C C   . VAL A 1 104 ? -18.969 13.991  5.172   1.00 29.53 ? 107 VAL A C   1 
ATOM   809  O O   . VAL A 1 104 ? -17.748 14.128  5.068   1.00 27.37 ? 107 VAL A O   1 
ATOM   810  C CB  . VAL A 1 104 ? -19.189 11.851  3.848   1.00 25.51 ? 107 VAL A CB  1 
ATOM   811  C CG1 . VAL A 1 104 ? -19.384 10.968  5.080   1.00 25.36 ? 107 VAL A CG1 1 
ATOM   812  C CG2 . VAL A 1 104 ? -19.834 11.224  2.626   1.00 23.79 ? 107 VAL A CG2 1 
ATOM   813  N N   . LYS A 1 105 ? -19.653 14.448  6.224   1.00 24.00 ? 108 LYS A N   1 
ATOM   814  C CA  . LYS A 1 105 ? -19.016 15.303  7.223   1.00 27.97 ? 108 LYS A CA  1 
ATOM   815  C C   . LYS A 1 105 ? -18.663 14.580  8.514   1.00 23.92 ? 108 LYS A C   1 
ATOM   816  O O   . LYS A 1 105 ? -17.606 14.850  9.096   1.00 25.26 ? 108 LYS A O   1 
ATOM   817  C CB  . LYS A 1 105 ? -19.915 16.504  7.560   1.00 28.51 ? 108 LYS A CB  1 
ATOM   818  C CG  . LYS A 1 105 ? -20.307 17.355  6.368   1.00 34.32 ? 108 LYS A CG  1 
ATOM   819  C CD  . LYS A 1 105 ? -19.091 17.745  5.549   1.00 31.98 ? 108 LYS A CD  1 
ATOM   820  C CE  . LYS A 1 105 ? -19.485 18.653  4.399   1.00 39.70 ? 108 LYS A CE  1 
ATOM   821  N NZ  . LYS A 1 105 ? -18.388 18.739  3.403   1.00 37.97 ? 108 LYS A NZ  1 
ATOM   822  N N   . ALA A 1 106 ? -19.526 13.684  8.992   1.00 22.90 ? 109 ALA A N   1 
ATOM   823  C CA  . ALA A 1 106 ? -19.252 12.977  10.234  1.00 24.35 ? 109 ALA A CA  1 
ATOM   824  C C   . ALA A 1 106 ? -18.017 12.093  10.077  1.00 22.31 ? 109 ALA A C   1 
ATOM   825  O O   . ALA A 1 106 ? -17.825 11.449  9.042   1.00 24.51 ? 109 ALA A O   1 
ATOM   826  C CB  . ALA A 1 106 ? -20.458 12.130  10.635  1.00 29.92 ? 109 ALA A CB  1 
ATOM   827  N N   . ARG A 1 107 ? -17.200 12.036  11.130  1.00 20.50 ? 110 ARG A N   1 
ATOM   828  C CA  . ARG A 1 107 ? -15.866 11.447  10.996  1.00 21.01 ? 110 ARG A CA  1 
ATOM   829  C C   . ARG A 1 107 ? -15.928 9.937   10.782  1.00 22.80 ? 110 ARG A C   1 
ATOM   830  O O   . ARG A 1 107 ? -15.183 9.401   9.956   1.00 23.85 ? 110 ARG A O   1 
ATOM   831  C CB  . ARG A 1 107 ? -15.007 11.785  12.214  1.00 20.56 ? 110 ARG A CB  1 
ATOM   832  C CG  . ARG A 1 107 ? -14.761 13.296  12.431  1.00 20.69 ? 110 ARG A CG  1 
ATOM   833  C CD  . ARG A 1 107 ? -14.380 14.075  11.150  1.00 20.52 ? 110 ARG A CD  1 
ATOM   834  N NE  . ARG A 1 107 ? -14.012 15.446  11.519  1.00 21.58 ? 110 ARG A NE  1 
ATOM   835  C CZ  . ARG A 1 107 ? -14.881 16.443  11.685  1.00 23.99 ? 110 ARG A CZ  1 
ATOM   836  N NH1 . ARG A 1 107 ? -16.177 16.254  11.462  1.00 25.76 ? 110 ARG A NH1 1 
ATOM   837  N NH2 . ARG A 1 107 ? -14.454 17.642  12.065  1.00 24.12 ? 110 ARG A NH2 1 
ATOM   838  N N   . ALA A 1 108 ? -16.782 9.223   11.519  1.00 24.33 ? 111 ALA A N   1 
ATOM   839  C CA  . ALA A 1 108 ? -16.811 7.771   11.344  1.00 25.36 ? 111 ALA A CA  1 
ATOM   840  C C   . ALA A 1 108 ? -17.310 7.395   9.951   1.00 26.44 ? 111 ALA A C   1 
ATOM   841  O O   . ALA A 1 108 ? -16.726 6.532   9.283   1.00 26.07 ? 111 ALA A O   1 
ATOM   842  C CB  . ALA A 1 108 ? -17.670 7.115   12.424  1.00 28.15 ? 111 ALA A CB  1 
ATOM   843  N N   . ALA A 1 109 ? -18.384 8.040   9.488   1.00 23.22 ? 112 ALA A N   1 
ATOM   844  C CA  . ALA A 1 109 ? -18.853 7.791   8.130   1.00 28.85 ? 112 ALA A CA  1 
ATOM   845  C C   . ALA A 1 109 ? -17.818 8.214   7.098   1.00 23.77 ? 112 ALA A C   1 
ATOM   846  O O   . ALA A 1 109 ? -17.682 7.577   6.048   1.00 24.04 ? 112 ALA A O   1 
ATOM   847  C CB  . ALA A 1 109 ? -20.167 8.523   7.875   1.00 28.79 ? 112 ALA A CB  1 
ATOM   848  N N   . LEU A 1 110 ? -17.098 9.302   7.361   1.00 20.23 ? 113 LEU A N   1 
ATOM   849  C CA  . LEU A 1 110 ? -16.110 9.759   6.385   1.00 22.30 ? 113 LEU A CA  1 
ATOM   850  C C   . LEU A 1 110 ? -14.946 8.782   6.299   1.00 19.17 ? 113 LEU A C   1 
ATOM   851  O O   . LEU A 1 110 ? -14.467 8.472   5.199   1.00 22.58 ? 113 LEU A O   1 
ATOM   852  C CB  . LEU A 1 110 ? -15.605 11.155  6.754   1.00 19.41 ? 113 LEU A CB  1 
ATOM   853  C CG  . LEU A 1 110 ? -14.523 11.724  5.840   1.00 20.43 ? 113 LEU A CG  1 
ATOM   854  C CD1 . LEU A 1 110 ? -15.009 11.880  4.398   1.00 24.02 ? 113 LEU A CD1 1 
ATOM   855  C CD2 . LEU A 1 110 ? -14.046 13.042  6.406   1.00 25.50 ? 113 LEU A CD2 1 
ATOM   856  N N   . ILE A 1 111 ? -14.492 8.283   7.451   1.00 23.25 ? 114 ILE A N   1 
ATOM   857  C CA  . ILE A 1 111 ? -13.420 7.285   7.501   1.00 21.74 ? 114 ILE A CA  1 
ATOM   858  C C   . ILE A 1 111 ? -13.782 6.060   6.664   1.00 26.55 ? 114 ILE A C   1 
ATOM   859  O O   . ILE A 1 111 ? -12.949 5.527   5.917   1.00 25.30 ? 114 ILE A O   1 
ATOM   860  C CB  . ILE A 1 111 ? -13.151 6.910   8.970   1.00 26.83 ? 114 ILE A CB  1 
ATOM   861  C CG1 . ILE A 1 111 ? -12.223 7.933   9.628   1.00 35.15 ? 114 ILE A CG1 1 
ATOM   862  C CG2 . ILE A 1 111 ? -12.610 5.503   9.084   1.00 34.24 ? 114 ILE A CG2 1 
ATOM   863  C CD1 . ILE A 1 111 ? -10.781 7.734   9.279   1.00 35.13 ? 114 ILE A CD1 1 
ATOM   864  N N   . ASP A 1 112 ? -15.030 5.592   6.778   1.00 25.14 ? 115 ASP A N   1 
ATOM   865  C CA  . ASP A 1 112 ? -15.491 4.447   5.989   1.00 28.20 ? 115 ASP A CA  1 
ATOM   866  C C   . ASP A 1 112 ? -15.533 4.768   4.500   1.00 26.94 ? 115 ASP A C   1 
ATOM   867  O O   . ASP A 1 112 ? -15.127 3.946   3.667   1.00 24.13 ? 115 ASP A O   1 
ATOM   868  C CB  . ASP A 1 112 ? -16.883 4.013   6.452   1.00 31.68 ? 115 ASP A CB  1 
ATOM   869  C CG  . ASP A 1 112 ? -16.854 3.193   7.712   1.00 36.13 ? 115 ASP A CG  1 
ATOM   870  O OD1 . ASP A 1 112 ? -15.795 2.629   8.032   1.00 39.08 ? 115 ASP A OD1 1 
ATOM   871  O OD2 . ASP A 1 112 ? -17.907 3.112   8.388   1.00 47.16 ? 115 ASP A OD2 1 
ATOM   872  N N   . CYS A 1 113 ? -16.051 5.947   4.143   1.00 20.57 ? 116 CYS A N   1 
ATOM   873  C CA  . CYS A 1 113 ? -16.165 6.336   2.739   1.00 21.84 ? 116 CYS A CA  1 
ATOM   874  C C   . CYS A 1 113 ? -14.799 6.443   2.064   1.00 26.20 ? 116 CYS A C   1 
ATOM   875  O O   . CYS A 1 113 ? -14.676 6.166   0.865   1.00 22.00 ? 116 CYS A O   1 
ATOM   876  C CB  . CYS A 1 113 ? -16.909 7.681   2.621   1.00 25.52 ? 116 CYS A CB  1 
ATOM   877  S SG  . CYS A 1 113 ? -17.356 8.187   0.909   1.00 43.22 ? 116 CYS A SG  1 
ATOM   878  N N   . LEU A 1 114 ? -13.771 6.862   2.804   1.00 21.56 ? 117 LEU A N   1 
ATOM   879  C CA  . LEU A 1 114 ? -12.445 7.059   2.231   1.00 19.91 ? 117 LEU A CA  1 
ATOM   880  C C   . LEU A 1 114 ? -11.596 5.798   2.268   1.00 18.61 ? 117 LEU A C   1 
ATOM   881  O O   . LEU A 1 114 ? -10.461 5.828   1.783   1.00 21.25 ? 117 LEU A O   1 
ATOM   882  C CB  . LEU A 1 114 ? -11.695 8.176   2.968   1.00 18.71 ? 117 LEU A CB  1 
ATOM   883  C CG  . LEU A 1 114 ? -12.306 9.582   2.838   1.00 19.93 ? 117 LEU A CG  1 
ATOM   884  C CD1 . LEU A 1 114 ? -11.563 10.553  3.743   1.00 24.02 ? 117 LEU A CD1 1 
ATOM   885  C CD2 . LEU A 1 114 ? -12.273 10.052  1.380   1.00 25.76 ? 117 LEU A CD2 1 
ATOM   886  N N   . ALA A 1 115 ? -12.101 4.722   2.862   1.00 21.02 ? 118 ALA A N   1 
ATOM   887  C CA  . ALA A 1 115 ? -11.313 3.499   3.009   1.00 24.54 ? 118 ALA A CA  1 
ATOM   888  C C   . ALA A 1 115 ? -10.682 3.002   1.710   1.00 24.19 ? 118 ALA A C   1 
ATOM   889  O O   . ALA A 1 115 ? -9.550  2.488   1.771   1.00 27.07 ? 118 ALA A O   1 
ATOM   890  C CB  . ALA A 1 115 ? -12.188 2.407   3.646   1.00 25.11 ? 118 ALA A CB  1 
ATOM   891  N N   . PRO A 1 116 ? -11.328 3.086   0.538   1.00 22.74 ? 119 PRO A N   1 
ATOM   892  C CA  . PRO A 1 116 ? -10.636 2.673   -0.697  1.00 26.64 ? 119 PRO A CA  1 
ATOM   893  C C   . PRO A 1 116 ? -9.359  3.439   -0.971  1.00 26.25 ? 119 PRO A C   1 
ATOM   894  O O   . PRO A 1 116 ? -8.517  2.934   -1.715  1.00 23.02 ? 119 PRO A O   1 
ATOM   895  C CB  . PRO A 1 116 ? -11.682 2.923   -1.791  1.00 22.99 ? 119 PRO A CB  1 
ATOM   896  C CG  . PRO A 1 116 ? -12.985 2.743   -1.092  1.00 24.84 ? 119 PRO A CG  1 
ATOM   897  C CD  . PRO A 1 116 ? -12.780 3.268   0.304   1.00 22.25 ? 119 PRO A CD  1 
ATOM   898  N N   . ASP A 1 117 ? -9.187  4.643   -0.416  1.00 23.05 ? 120 ASP A N   1 
ATOM   899  C CA  . ASP A 1 117 ? -7.964  5.402   -0.652  1.00 23.80 ? 120 ASP A CA  1 
ATOM   900  C C   . ASP A 1 117 ? -6.792  4.909   0.190   1.00 20.64 ? 120 ASP A C   1 
ATOM   901  O O   . ASP A 1 117 ? -5.642  5.243   -0.126  1.00 21.04 ? 120 ASP A O   1 
ATOM   902  C CB  . ASP A 1 117 ? -8.190  6.899   -0.375  1.00 20.18 ? 120 ASP A CB  1 
ATOM   903  C CG  . ASP A 1 117 ? -9.300  7.500   -1.238  1.00 25.03 ? 120 ASP A CG  1 
ATOM   904  O OD1 . ASP A 1 117 ? -9.452  7.045   -2.391  1.00 24.15 ? 120 ASP A OD1 1 
ATOM   905  O OD2 . ASP A 1 117 ? -10.027 8.420   -0.765  1.00 24.28 ? 120 ASP A OD2 1 
ATOM   906  N N   . ARG A 1 118 ? -7.059  4.162   1.262   1.00 18.95 ? 121 ARG A N   1 
ATOM   907  C CA  . ARG A 1 118 ? -6.032  3.696   2.194   1.00 23.50 ? 121 ARG A CA  1 
ATOM   908  C C   . ARG A 1 118 ? -5.586  2.317   1.732   1.00 19.79 ? 121 ARG A C   1 
ATOM   909  O O   . ARG A 1 118 ? -6.158  1.291   2.108   1.00 18.52 ? 121 ARG A O   1 
ATOM   910  C CB  . ARG A 1 118 ? -6.559  3.666   3.629   1.00 22.67 ? 121 ARG A CB  1 
ATOM   911  C CG  . ARG A 1 118 ? -7.074  5.042   4.115   1.00 22.87 ? 121 ARG A CG  1 
ATOM   912  C CD  . ARG A 1 118 ? -7.269  5.108   5.625   1.00 20.64 ? 121 ARG A CD  1 
ATOM   913  N NE  . ARG A 1 118 ? -8.309  4.201   6.097   1.00 20.43 ? 121 ARG A NE  1 
ATOM   914  C CZ  . ARG A 1 118 ? -9.607  4.487   6.114   1.00 25.47 ? 121 ARG A CZ  1 
ATOM   915  N NH1 . ARG A 1 118 ? -10.045 5.659   5.670   1.00 22.68 ? 121 ARG A NH1 1 
ATOM   916  N NH2 . ARG A 1 118 ? -10.470 3.590   6.559   1.00 20.03 ? 121 ARG A NH2 1 
ATOM   917  N N   . ARG A 1 119 ? -4.530  2.289   0.929   1.00 21.70 ? 122 ARG A N   1 
ATOM   918  C CA  . ARG A 1 119 ? -4.160  1.016   0.337   1.00 19.16 ? 122 ARG A CA  1 
ATOM   919  C C   . ARG A 1 119 ? -2.692  1.030   -0.054  1.00 20.65 ? 122 ARG A C   1 
ATOM   920  O O   . ARG A 1 119 ? -2.065  2.085   -0.209  1.00 19.59 ? 122 ARG A O   1 
ATOM   921  C CB  . ARG A 1 119 ? -5.042  0.693   -0.882  1.00 21.96 ? 122 ARG A CB  1 
ATOM   922  C CG  . ARG A 1 119 ? -4.617  1.367   -2.189  1.00 21.66 ? 122 ARG A CG  1 
ATOM   923  C CD  . ARG A 1 119 ? -5.108  2.825   -2.297  1.00 28.13 ? 122 ARG A CD  1 
ATOM   924  N NE  . ARG A 1 119 ? -4.838  3.350   -3.632  1.00 27.16 ? 122 ARG A NE  1 
ATOM   925  C CZ  . ARG A 1 119 ? -4.876  4.633   -3.979  1.00 25.43 ? 122 ARG A CZ  1 
ATOM   926  N NH1 . ARG A 1 119 ? -5.191  5.578   -3.092  1.00 23.82 ? 122 ARG A NH1 1 
ATOM   927  N NH2 . ARG A 1 119 ? -4.599  4.966   -5.233  1.00 27.83 ? 122 ARG A NH2 1 
ATOM   928  N N   . VAL A 1 120 ? -2.158  -0.175  -0.203  1.00 20.67 ? 123 VAL A N   1 
ATOM   929  C CA  . VAL A 1 120 ? -0.835  -0.404  -0.756  1.00 22.39 ? 123 VAL A CA  1 
ATOM   930  C C   . VAL A 1 120 ? -1.030  -1.098  -2.093  1.00 27.55 ? 123 VAL A C   1 
ATOM   931  O O   . VAL A 1 120 ? -1.740  -2.108  -2.175  1.00 26.47 ? 123 VAL A O   1 
ATOM   932  C CB  . VAL A 1 120 ? 0.026   -1.266  0.182   1.00 23.64 ? 123 VAL A CB  1 
ATOM   933  C CG1 . VAL A 1 120 ? 1.298   -1.717  -0.543  1.00 25.44 ? 123 VAL A CG1 1 
ATOM   934  C CG2 . VAL A 1 120 ? 0.348   -0.517  1.477   1.00 22.18 ? 123 VAL A CG2 1 
ATOM   935  N N   . GLU A 1 121 ? -0.407  -0.560  -3.134  1.00 22.27 ? 124 GLU A N   1 
ATOM   936  C CA  . GLU A 1 121 ? -0.502  -1.096  -4.481  1.00 22.67 ? 124 GLU A CA  1 
ATOM   937  C C   . GLU A 1 121 ? 0.838   -1.732  -4.826  1.00 28.95 ? 124 GLU A C   1 
ATOM   938  O O   . GLU A 1 121 ? 1.890   -1.145  -4.558  1.00 30.64 ? 124 GLU A O   1 
ATOM   939  C CB  . GLU A 1 121 ? -0.839  0.014   -5.477  1.00 31.74 ? 124 GLU A CB  1 
ATOM   940  C CG  . GLU A 1 121 ? -1.293  -0.457  -6.836  1.00 38.47 ? 124 GLU A CG  1 
ATOM   941  C CD  . GLU A 1 121 ? -2.706  -0.997  -6.810  1.00 45.89 ? 124 GLU A CD  1 
ATOM   942  O OE1 . GLU A 1 121 ? -3.481  -0.610  -5.899  1.00 43.39 ? 124 GLU A OE1 1 
ATOM   943  O OE2 . GLU A 1 121 ? -3.036  -1.815  -7.698  1.00 48.31 ? 124 GLU A OE2 1 
ATOM   944  N N   . ILE A 1 122 ? 0.800   -2.938  -5.379  1.00 29.84 ? 125 ILE A N   1 
ATOM   945  C CA  . ILE A 1 122 ? 1.999   -3.627  -5.844  1.00 26.72 ? 125 ILE A CA  1 
ATOM   946  C C   . ILE A 1 122 ? 1.851   -3.824  -7.341  1.00 31.13 ? 125 ILE A C   1 
ATOM   947  O O   . ILE A 1 122 ? 0.936   -4.531  -7.787  1.00 29.07 ? 125 ILE A O   1 
ATOM   948  C CB  . ILE A 1 122 ? 2.204   -4.968  -5.126  1.00 25.77 ? 125 ILE A CB  1 
ATOM   949  C CG1 . ILE A 1 122 ? 2.249   -4.757  -3.610  1.00 24.95 ? 125 ILE A CG1 1 
ATOM   950  C CG2 . ILE A 1 122 ? 3.477   -5.681  -5.636  1.00 25.29 ? 125 ILE A CG2 1 
ATOM   951  C CD1 . ILE A 1 122 ? 2.405   -6.045  -2.833  1.00 32.03 ? 125 ILE A CD1 1 
ATOM   952  N N   . GLU A 1 123 ? 2.727   -3.180  -8.113  1.00 28.72 ? 126 GLU A N   1 
ATOM   953  C CA  . GLU A 1 123 ? 2.792   -3.346  -9.560  1.00 31.64 ? 126 GLU A CA  1 
ATOM   954  C C   . GLU A 1 123 ? 3.964   -4.257  -9.893  1.00 36.84 ? 126 GLU A C   1 
ATOM   955  O O   . GLU A 1 123 ? 5.082   -4.026  -9.417  1.00 35.53 ? 126 GLU A O   1 
ATOM   956  C CB  . GLU A 1 123 ? 2.984   -2.007  -10.275 1.00 33.03 ? 126 GLU A CB  1 
ATOM   957  C CG  . GLU A 1 123 ? 1.936   -0.954  -9.992  1.00 45.83 ? 126 GLU A CG  1 
ATOM   958  C CD  . GLU A 1 123 ? 2.201   0.325   -10.771 1.00 60.65 ? 126 GLU A CD  1 
ATOM   959  O OE1 . GLU A 1 123 ? 2.875   0.246   -11.825 1.00 62.02 ? 126 GLU A OE1 1 
ATOM   960  O OE2 . GLU A 1 123 ? 1.739   1.401   -10.333 1.00 59.71 ? 126 GLU A OE2 1 
ATOM   961  N N   . VAL A 1 124 ? 3.708   -5.278  -10.711 1.00 31.68 ? 127 VAL A N   1 
ATOM   962  C CA  . VAL A 1 124 ? 4.716   -6.254  -11.126 1.00 36.99 ? 127 VAL A CA  1 
ATOM   963  C C   . VAL A 1 124 ? 4.806   -6.193  -12.647 1.00 43.21 ? 127 VAL A C   1 
ATOM   964  O O   . VAL A 1 124 ? 3.852   -6.563  -13.345 1.00 40.08 ? 127 VAL A O   1 
ATOM   965  C CB  . VAL A 1 124 ? 4.372   -7.671  -10.652 1.00 39.33 ? 127 VAL A CB  1 
ATOM   966  C CG1 . VAL A 1 124 ? 5.440   -8.668  -11.086 1.00 36.62 ? 127 VAL A CG1 1 
ATOM   967  C CG2 . VAL A 1 124 ? 4.226   -7.696  -9.155  1.00 35.81 ? 127 VAL A CG2 1 
ATOM   968  N N   . LYS A 1 125 ? 5.938   -5.719  -13.161 1.00 41.96 ? 128 LYS A N   1 
ATOM   969  C CA  . LYS A 1 125 ? 6.195   -5.702  -14.598 1.00 44.50 ? 128 LYS A CA  1 
ATOM   970  C C   . LYS A 1 125 ? 7.043   -6.904  -14.979 1.00 49.27 ? 128 LYS A C   1 
ATOM   971  O O   . LYS A 1 125 ? 8.002   -7.244  -14.280 1.00 51.98 ? 128 LYS A O   1 
ATOM   972  C CB  . LYS A 1 125 ? 6.897   -4.413  -15.030 1.00 44.81 ? 128 LYS A CB  1 
ATOM   973  C CG  . LYS A 1 125 ? 6.135   -3.139  -14.696 1.00 54.90 ? 128 LYS A CG  1 
ATOM   974  C CD  . LYS A 1 125 ? 7.073   -2.013  -14.293 1.00 58.75 ? 128 LYS A CD  1 
ATOM   975  C CE  . LYS A 1 125 ? 7.557   -2.181  -12.860 1.00 55.53 ? 128 LYS A CE  1 
ATOM   976  N NZ  . LYS A 1 125 ? 6.436   -2.257  -11.873 1.00 49.40 ? 128 LYS A NZ  1 
ATOM   977  N N   . GLY A 1 126 ? 6.679   -7.545  -16.090 1.00 61.11 ? 129 GLY A N   1 
ATOM   978  C CA  . GLY A 1 126 ? 7.373   -8.733  -16.562 1.00 62.89 ? 129 GLY A CA  1 
ATOM   979  C C   . GLY A 1 126 ? 7.457   -9.868  -15.554 1.00 65.78 ? 129 GLY A C   1 
ATOM   980  O O   . GLY A 1 126 ? 6.493   -10.607 -15.336 1.00 68.55 ? 129 GLY A O   1 
HETATM 981  C C1  . CIT B 2 .   ? -3.124  7.540   10.299  0.46 29.92 ? 201 CIT A C1  1 
HETATM 982  O O1  . CIT B 2 .   ? -2.468  8.489   10.798  1.00 29.62 ? 201 CIT A O1  1 
HETATM 983  O O2  . CIT B 2 .   ? -2.694  6.364   10.430  1.00 24.89 ? 201 CIT A O2  1 
HETATM 984  C C2  . CIT B 2 .   ? -4.424  7.835   9.548   1.00 37.14 ? 201 CIT A C2  1 
HETATM 985  C C3  . CIT B 2 .   ? -5.294  6.585   9.354   1.00 36.20 ? 201 CIT A C3  1 
HETATM 986  O O7  . CIT B 2 .   ? -5.783  6.149   10.602  1.00 32.32 ? 201 CIT A O7  1 
HETATM 987  C C4  . CIT B 2 .   ? -6.480  6.934   8.459   1.00 34.30 ? 201 CIT A C4  1 
HETATM 988  C C5  . CIT B 2 .   ? -7.312  8.054   9.079   0.56 38.66 ? 201 CIT A C5  1 
HETATM 989  O O3  . CIT B 2 .   ? -7.947  8.834   8.324   1.00 39.77 ? 201 CIT A O3  1 
HETATM 990  O O4  . CIT B 2 .   ? -7.374  8.195   10.329  0.92 45.22 ? 201 CIT A O4  1 
HETATM 991  C C6  . CIT B 2 .   ? -4.471  5.513   8.637   1.00 33.73 ? 201 CIT A C6  1 
HETATM 992  O O5  . CIT B 2 .   ? -4.108  5.716   7.440   1.00 36.77 ? 201 CIT A O5  1 
HETATM 993  O O6  . CIT B 2 .   ? -4.103  4.459   9.247   1.00 30.14 ? 201 CIT A O6  1 
HETATM 994  O O   . HOH C 3 .   ? 11.433  6.253   6.065   1.00 41.53 ? 301 HOH A O   1 
HETATM 995  O O   . HOH C 3 .   ? -13.559 2.342   7.340   1.00 43.14 ? 302 HOH A O   1 
HETATM 996  O O   . HOH C 3 .   ? -9.886  9.868   -7.620  1.00 36.21 ? 303 HOH A O   1 
HETATM 997  O O   . HOH C 3 .   ? -4.696  1.452   -5.802  1.00 30.87 ? 304 HOH A O   1 
HETATM 998  O O   . HOH C 3 .   ? 4.945   9.690   9.181   1.00 39.39 ? 305 HOH A O   1 
HETATM 999  O O   . HOH C 3 .   ? -4.860  7.397   5.790   1.00 27.02 ? 306 HOH A O   1 
HETATM 1000 O O   . HOH C 3 .   ? 10.318  2.832   -6.663  1.00 40.33 ? 307 HOH A O   1 
HETATM 1001 O O   . HOH C 3 .   ? 1.147   -1.251  12.466  1.00 25.61 ? 308 HOH A O   1 
HETATM 1002 O O   . HOH C 3 .   ? -7.977  10.542  10.962  0.50 44.90 ? 309 HOH A O   1 
HETATM 1003 O O   . HOH C 3 .   ? -1.277  3.346   -8.317  1.00 43.35 ? 310 HOH A O   1 
HETATM 1004 O O   . HOH C 3 .   ? 14.647  -4.780  3.877   1.00 31.73 ? 311 HOH A O   1 
HETATM 1005 O O   . HOH C 3 .   ? -19.992 14.191  -2.397  1.00 38.15 ? 312 HOH A O   1 
HETATM 1006 O O   . HOH C 3 .   ? -7.610  -1.691  -6.584  1.00 32.49 ? 313 HOH A O   1 
HETATM 1007 O O   . HOH C 3 .   ? -4.942  -3.402  -8.436  1.00 34.29 ? 314 HOH A O   1 
HETATM 1008 O O   . HOH C 3 .   ? -21.128 10.971  -3.542  1.00 44.70 ? 315 HOH A O   1 
HETATM 1009 O O   . HOH C 3 .   ? -1.767  3.788   4.111   1.00 28.35 ? 316 HOH A O   1 
HETATM 1010 O O   . HOH C 3 .   ? 5.297   -13.855 9.415   1.00 42.96 ? 317 HOH A O   1 
HETATM 1011 O O   . HOH C 3 .   ? -23.059 17.356  3.687   1.00 46.04 ? 318 HOH A O   1 
HETATM 1012 O O   . HOH C 3 .   ? 9.214   -11.997 5.424   1.00 39.08 ? 319 HOH A O   1 
HETATM 1013 O O   . HOH C 3 .   ? -10.470 0.088   9.480   1.00 23.45 ? 320 HOH A O   1 
HETATM 1014 O O   . HOH C 3 .   ? -8.748  10.463  0.372   1.00 20.14 ? 321 HOH A O   1 
HETATM 1015 O O   . HOH C 3 .   ? -18.987 3.976   10.669  1.00 43.29 ? 322 HOH A O   1 
HETATM 1016 O O   . HOH C 3 .   ? -7.139  -6.563  -0.983  1.00 41.37 ? 323 HOH A O   1 
HETATM 1017 O O   . HOH C 3 .   ? -16.008 15.467  3.533   1.00 29.45 ? 324 HOH A O   1 
HETATM 1018 O O   . HOH C 3 .   ? -6.360  -6.099  14.913  1.00 52.43 ? 325 HOH A O   1 
HETATM 1019 O O   . HOH C 3 .   ? -4.626  2.651   6.986   1.00 27.69 ? 326 HOH A O   1 
HETATM 1020 O O   . HOH C 3 .   ? -8.797  0.765   -3.320  1.00 28.14 ? 327 HOH A O   1 
HETATM 1021 O O   . HOH C 3 .   ? -13.903 11.202  -2.027  1.00 24.95 ? 328 HOH A O   1 
HETATM 1022 O O   . HOH C 3 .   ? -5.634  -2.114  11.896  1.00 30.14 ? 329 HOH A O   1 
HETATM 1023 O O   . HOH C 3 .   ? -7.260  16.938  2.244   1.00 35.90 ? 330 HOH A O   1 
HETATM 1024 O O   . HOH C 3 .   ? -8.567  -0.013  1.221   1.00 27.80 ? 331 HOH A O   1 
HETATM 1025 O O   . HOH C 3 .   ? -16.392 4.684   -0.680  1.00 33.26 ? 332 HOH A O   1 
HETATM 1026 O O   . HOH C 3 .   ? 9.299   1.281   7.058   1.00 29.19 ? 333 HOH A O   1 
HETATM 1027 O O   . HOH C 3 .   ? -15.407 1.199   3.803   1.00 36.83 ? 334 HOH A O   1 
HETATM 1028 O O   . HOH C 3 .   ? 0.384   13.448  0.915   1.00 29.25 ? 335 HOH A O   1 
HETATM 1029 O O   . HOH C 3 .   ? 5.704   -7.132  11.530  1.00 36.13 ? 336 HOH A O   1 
HETATM 1030 O O   . HOH C 3 .   ? -19.714 6.062   4.903   1.00 33.97 ? 337 HOH A O   1 
HETATM 1031 O O   . HOH C 3 .   ? 15.750  -11.665 -0.753  1.00 37.16 ? 338 HOH A O   1 
HETATM 1032 O O   . HOH C 3 .   ? 11.450  -1.459  -8.316  1.00 38.18 ? 339 HOH A O   1 
HETATM 1033 O O   . HOH C 3 .   ? 4.051   -9.379  -14.745 1.00 50.70 ? 340 HOH A O   1 
HETATM 1034 O O   . HOH C 3 .   ? 14.122  -7.305  4.494   1.00 22.44 ? 341 HOH A O   1 
HETATM 1035 O O   . HOH C 3 .   ? 5.096   5.543   11.803  1.00 42.43 ? 342 HOH A O   1 
HETATM 1036 O O   . HOH C 3 .   ? -5.062  -11.541 5.942   1.00 41.74 ? 343 HOH A O   1 
HETATM 1037 O O   . HOH C 3 .   ? -2.565  11.919  9.114   1.00 34.94 ? 344 HOH A O   1 
HETATM 1038 O O   . HOH C 3 .   ? -18.385 18.104  -4.689  1.00 40.91 ? 345 HOH A O   1 
HETATM 1039 O O   . HOH C 3 .   ? 10.291  -3.435  8.387   1.00 35.03 ? 346 HOH A O   1 
HETATM 1040 O O   . HOH C 3 .   ? 1.246   19.298  -2.254  1.00 37.83 ? 347 HOH A O   1 
HETATM 1041 O O   . HOH C 3 .   ? 5.855   1.954   12.729  1.00 36.27 ? 348 HOH A O   1 
HETATM 1042 O O   . HOH C 3 .   ? -18.317 10.244  13.676  1.00 25.69 ? 349 HOH A O   1 
HETATM 1043 O O   . HOH C 3 .   ? -4.707  8.275   -2.345  1.00 25.03 ? 350 HOH A O   1 
HETATM 1044 O O   . HOH C 3 .   ? -6.247  -6.344  1.728   1.00 31.35 ? 351 HOH A O   1 
HETATM 1045 O O   . HOH C 3 .   ? -3.321  -11.562 -0.245  1.00 47.53 ? 352 HOH A O   1 
HETATM 1046 O O   . HOH C 3 .   ? 6.615   14.563  3.423   1.00 28.77 ? 353 HOH A O   1 
HETATM 1047 O O   . HOH C 3 .   ? -10.942 6.459   -9.341  1.00 34.59 ? 354 HOH A O   1 
HETATM 1048 O O   . HOH C 3 .   ? -1.435  2.306   16.504  1.00 31.22 ? 355 HOH A O   1 
HETATM 1049 O O   . HOH C 3 .   ? -6.210  10.525  -0.746  1.00 30.08 ? 356 HOH A O   1 
HETATM 1050 O O   . HOH C 3 .   ? -15.921 16.876  7.973   1.00 24.10 ? 357 HOH A O   1 
HETATM 1051 O O   . HOH C 3 .   ? 8.229   -5.324  7.577   1.00 25.70 ? 358 HOH A O   1 
HETATM 1052 O O   . HOH C 3 .   ? 0.547   -17.548 5.982   1.00 40.92 ? 359 HOH A O   1 
HETATM 1053 O O   . HOH C 3 .   ? -12.580 16.808  -3.200  1.00 42.98 ? 360 HOH A O   1 
HETATM 1054 O O   . HOH C 3 .   ? 6.749   -4.700  9.777   1.00 28.43 ? 361 HOH A O   1 
HETATM 1055 O O   . HOH C 3 .   ? -3.159  13.397  -7.399  1.00 39.11 ? 362 HOH A O   1 
HETATM 1056 O O   . HOH C 3 .   ? -10.504 -0.665  5.456   1.00 33.63 ? 363 HOH A O   1 
HETATM 1057 O O   . HOH C 3 .   ? -7.707  0.080   4.321   1.00 24.32 ? 364 HOH A O   1 
HETATM 1058 O O   . HOH C 3 .   ? 11.881  0.075   6.975   1.00 45.39 ? 365 HOH A O   1 
HETATM 1059 O O   . HOH C 3 .   ? -17.218 0.504   9.489   1.00 44.76 ? 366 HOH A O   1 
HETATM 1060 O O   . HOH C 3 .   ? -14.095 13.567  -0.364  1.00 31.86 ? 367 HOH A O   1 
HETATM 1061 O O   . HOH C 3 .   ? -3.952  3.334   -7.565  1.00 38.02 ? 368 HOH A O   1 
HETATM 1062 O O   . HOH C 3 .   ? -1.991  14.306  10.321  0.50 30.54 ? 369 HOH A O   1 
HETATM 1063 O O   . HOH C 3 .   ? 3.887   -17.996 0.976   1.00 48.71 ? 370 HOH A O   1 
HETATM 1064 O O   . HOH C 3 .   ? -12.820 -4.068  -1.344  1.00 41.38 ? 371 HOH A O   1 
HETATM 1065 O O   . HOH C 3 .   ? 2.950   17.412  9.792   0.50 28.55 ? 372 HOH A O   1 
HETATM 1066 O O   . HOH C 3 .   ? -12.078 18.204  -7.205  1.00 43.06 ? 373 HOH A O   1 
HETATM 1067 O O   . HOH C 3 .   ? -22.054 13.254  7.430   1.00 35.09 ? 374 HOH A O   1 
HETATM 1068 O O   . HOH C 3 .   ? -2.456  -4.977  16.469  1.00 42.43 ? 375 HOH A O   1 
HETATM 1069 O O   . HOH C 3 .   ? -1.575  15.857  -3.430  1.00 52.13 ? 376 HOH A O   1 
HETATM 1070 O O   . HOH C 3 .   ? -20.753 8.654   11.149  1.00 32.95 ? 377 HOH A O   1 
HETATM 1071 O O   . HOH C 3 .   ? 2.065   19.260  4.592   1.00 35.07 ? 378 HOH A O   1 
HETATM 1072 O O   . HOH C 3 .   ? -1.368  19.554  4.953   1.00 33.32 ? 379 HOH A O   1 
HETATM 1073 O O   . HOH C 3 .   ? -4.566  9.687   7.039   1.00 41.30 ? 380 HOH A O   1 
HETATM 1074 O O   . HOH C 3 .   ? 18.188  -9.698  -1.532  1.00 44.92 ? 381 HOH A O   1 
HETATM 1075 O O   . HOH C 3 .   ? 1.447   3.175   20.397  1.00 53.78 ? 382 HOH A O   1 
HETATM 1076 O O   . HOH C 3 .   ? 2.392   13.041  -1.594  1.00 39.51 ? 383 HOH A O   1 
HETATM 1077 O O   . HOH C 3 .   ? 13.489  -17.744 0.297   1.00 47.27 ? 384 HOH A O   1 
HETATM 1078 O O   . HOH C 3 .   ? -10.621 14.880  -4.896  1.00 49.19 ? 385 HOH A O   1 
HETATM 1079 O O   . HOH C 3 .   ? 3.479   9.530   14.705  1.00 43.99 ? 386 HOH A O   1 
HETATM 1080 O O   . HOH C 3 .   ? 4.604   11.728  -3.060  1.00 41.61 ? 387 HOH A O   1 
HETATM 1081 O O   . HOH C 3 .   ? -11.154 16.890  -0.958  1.00 40.73 ? 388 HOH A O   1 
HETATM 1082 O O   . HOH C 3 .   ? 9.312   -18.028 1.443   1.00 51.45 ? 389 HOH A O   1 
HETATM 1083 O O   . HOH C 3 .   ? -8.493  -4.073  -1.534  1.00 35.51 ? 390 HOH A O   1 
HETATM 1084 O O   . HOH C 3 .   ? 13.774  -2.693  -8.894  1.00 39.38 ? 391 HOH A O   1 
HETATM 1085 O O   . HOH C 3 .   ? 0.989   -14.182 10.467  1.00 46.22 ? 392 HOH A O   1 
HETATM 1086 O O   . HOH C 3 .   ? -5.253  11.345  9.743   1.00 30.33 ? 393 HOH A O   1 
HETATM 1087 O O   . HOH C 3 .   ? -20.630 4.375   7.069   1.00 44.09 ? 394 HOH A O   1 
HETATM 1088 O O   . HOH C 3 .   ? 5.453   7.084   -8.643  1.00 49.22 ? 395 HOH A O   1 
HETATM 1089 O O   . HOH C 3 .   ? -15.362 18.647  0.921   1.00 47.34 ? 396 HOH A O   1 
HETATM 1090 O O   . HOH C 3 .   ? 15.353  -13.510 5.774   1.00 36.13 ? 397 HOH A O   1 
HETATM 1091 O O   . HOH C 3 .   ? -8.169  -3.081  11.626  1.00 40.26 ? 398 HOH A O   1 
HETATM 1092 O O   . HOH C 3 .   ? -11.913 -0.180  0.952   1.00 38.75 ? 399 HOH A O   1 
HETATM 1093 O O   . HOH C 3 .   ? 11.272  9.337   10.114  1.00 51.55 ? 400 HOH A O   1 
HETATM 1094 O O   . HOH C 3 .   ? 1.542   -1.419  15.478  1.00 30.14 ? 401 HOH A O   1 
HETATM 1095 O O   . HOH C 3 .   ? 0.570   6.772   17.968  1.00 40.96 ? 402 HOH A O   1 
HETATM 1096 O O   . HOH C 3 .   ? -15.658 17.629  5.229   1.00 27.13 ? 403 HOH A O   1 
HETATM 1097 O O   . HOH C 3 .   ? -10.332 -7.855  -1.118  1.00 45.41 ? 404 HOH A O   1 
HETATM 1098 O O   . HOH C 3 .   ? 6.360   14.213  7.909   1.00 37.42 ? 405 HOH A O   1 
HETATM 1099 O O   . HOH C 3 .   ? -13.811 14.564  1.992   1.00 31.20 ? 406 HOH A O   1 
HETATM 1100 O O   . HOH C 3 .   ? -12.171 8.851   -9.407  1.00 40.84 ? 407 HOH A O   1 
HETATM 1101 O O   . HOH C 3 .   ? 0.050   0.328   17.279  1.00 38.01 ? 408 HOH A O   1 
HETATM 1102 O O   . HOH C 3 .   ? -0.743  4.140   18.812  1.00 37.59 ? 409 HOH A O   1 
HETATM 1103 O O   . HOH C 3 .   ? -19.027 4.144   2.987   1.00 42.63 ? 410 HOH A O   1 
HETATM 1104 O O   . HOH C 3 .   ? 18.535  -8.402  -8.461  1.00 45.54 ? 411 HOH A O   1 
HETATM 1105 O O   . HOH C 3 .   ? -8.984  -7.760  2.287   1.00 47.40 ? 412 HOH A O   1 
HETATM 1106 O O   . HOH C 3 .   ? -8.915  -4.958  13.122  1.00 50.17 ? 413 HOH A O   1 
HETATM 1107 O O   . HOH C 3 .   ? 13.335  -7.146  7.289   1.00 37.56 ? 414 HOH A O   1 
HETATM 1108 O O   . HOH C 3 .   ? -21.382 5.871   10.765  1.00 45.03 ? 415 HOH A O   1 
HETATM 1109 O O   . HOH C 3 .   ? 10.679  -0.316  -11.000 1.00 46.41 ? 416 HOH A O   1 
HETATM 1110 O O   . HOH C 3 .   ? -13.923 0.038   5.708   1.00 43.62 ? 417 HOH A O   1 
HETATM 1111 O O   . HOH C 3 .   ? 7.016   1.762   15.398  1.00 59.40 ? 418 HOH A O   1 
HETATM 1112 O O   . HOH C 3 .   ? 9.321   -7.679  8.196   1.00 34.41 ? 419 HOH A O   1 
HETATM 1113 O O   . HOH C 3 .   ? 5.400   16.768  8.879   1.00 35.49 ? 420 HOH A O   1 
HETATM 1114 O O   . HOH C 3 .   ? 15.995  -9.113  4.844   1.00 28.88 ? 421 HOH A O   1 
HETATM 1115 O O   . HOH C 3 .   ? -11.723 -1.525  -1.761  1.00 31.67 ? 422 HOH A O   1 
HETATM 1116 O O   . HOH C 3 .   ? -13.116 17.220  1.128   1.00 34.59 ? 423 HOH A O   1 
HETATM 1117 O O   . HOH C 3 .   ? -8.514  -1.236  -1.186  1.00 30.51 ? 424 HOH A O   1 
HETATM 1118 O O   . HOH C 3 .   ? -6.388  4.365   -8.997  1.00 44.69 ? 425 HOH A O   1 
HETATM 1119 O O   . HOH C 3 .   ? -14.102 4.171   -4.301  1.00 30.46 ? 426 HOH A O   1 
HETATM 1120 O O   . HOH C 3 .   ? 17.461  -10.577 2.884   1.00 39.05 ? 427 HOH A O   1 
HETATM 1121 O O   . HOH C 3 .   ? -10.720 3.665   -9.401  1.00 37.24 ? 428 HOH A O   1 
HETATM 1122 O O   . HOH C 3 .   ? -14.925 -0.807  10.501  1.00 41.35 ? 429 HOH A O   1 
HETATM 1123 O O   . HOH C 3 .   ? -7.561  0.917   -5.950  1.00 31.06 ? 430 HOH A O   1 
HETATM 1124 O O   . HOH C 3 .   ? -16.295 5.091   -3.206  1.00 34.37 ? 431 HOH A O   1 
HETATM 1125 O O   . HOH C 3 .   ? -10.272 -3.102  6.702   1.00 36.05 ? 432 HOH A O   1 
HETATM 1126 O O   . HOH C 3 .   ? -10.388 -2.736  9.511   1.00 34.92 ? 433 HOH A O   1 
HETATM 1127 O O   . HOH C 3 .   ? -14.777 0.086   1.388   1.00 39.13 ? 434 HOH A O   1 
HETATM 1128 O O   . HOH C 3 .   ? 3.084   5.763   -10.221 1.00 58.37 ? 435 HOH A O   1 
HETATM 1129 O O   . HOH C 3 .   ? -9.741  12.725  -8.465  1.00 50.26 ? 436 HOH A O   1 
HETATM 1130 O O   . HOH C 3 .   ? -11.244 -0.240  -3.934  1.00 24.09 ? 437 HOH A O   1 
HETATM 1131 O O   . HOH C 3 .   ? 11.803  4.804   8.687   0.50 44.52 ? 438 HOH A O   1 
HETATM 1132 O O   . HOH C 3 .   ? 9.211   2.675   9.738   1.00 47.09 ? 439 HOH A O   1 
HETATM 1133 O O   . HOH C 3 .   ? -23.034 9.900   9.553   1.00 41.97 ? 440 HOH A O   1 
HETATM 1134 O O   . HOH C 3 .   ? -6.199  -8.932  3.316   1.00 50.82 ? 441 HOH A O   1 
HETATM 1135 O O   . HOH C 3 .   ? -24.271 14.178  10.659  1.00 54.73 ? 442 HOH A O   1 
HETATM 1136 O O   . HOH C 3 .   ? 15.457  -10.932 6.980   0.50 27.61 ? 443 HOH A O   1 
HETATM 1137 O O   . HOH C 3 .   ? -23.256 10.429  7.648   1.00 49.18 ? 444 HOH A O   1 
HETATM 1138 O O   . HOH C 3 .   ? -11.449 -5.239  5.744   1.00 45.12 ? 445 HOH A O   1 
HETATM 1139 O O   . HOH C 3 .   ? -22.848 8.836   5.004   1.00 51.92 ? 446 HOH A O   1 
HETATM 1140 O O   . HOH C 3 .   ? -24.158 11.988  11.672  1.00 49.24 ? 447 HOH A O   1 
HETATM 1141 O O   . HOH C 3 .   ? -22.527 12.344  13.982  1.00 48.74 ? 448 HOH A O   1 
# 
